data_4UNW
#
_entry.id   4UNW
#
_cell.length_a   100.679
_cell.length_b   102.506
_cell.length_c   229.489
_cell.angle_alpha   90.00
_cell.angle_beta   90.00
_cell.angle_gamma   90.00
#
_symmetry.space_group_name_H-M   'P 21 21 21'
#
loop_
_entity.id
_entity.type
_entity.pdbx_description
1 polymer 'H3 HAEMAGGLUTININ HA1 CHAIN'
2 polymer 'H3 HAEMAGGLUTININ HA2 CHAIN'
3 branched 2-acetamido-2-deoxy-beta-D-glucopyranose-(1-4)-2-acetamido-2-deoxy-beta-D-glucopyranose
4 branched alpha-D-mannopyranose-(1-6)-beta-D-mannopyranose-(1-4)-2-acetamido-2-deoxy-beta-D-glucopyranose-(1-4)-2-acetamido-2-deoxy-beta-D-glucopyranose
5 branched alpha-D-mannopyranose-(1-3)-[alpha-D-mannopyranose-(1-6)]beta-D-mannopyranose-(1-4)-2-acetamido-2-deoxy-beta-D-glucopyranose-(1-4)-2-acetamido-2-deoxy-beta-D-glucopyranose
6 branched beta-L-fucopyranose-(1-6)-2-acetamido-2-deoxy-beta-D-glucopyranose
7 branched 2-acetamido-2-deoxy-beta-D-glucopyranose-(1-3)-alpha-D-mannopyranose-(1-6)-[alpha-D-mannopyranose-(1-3)]beta-D-mannopyranose-(1-4)-2-acetamido-2-deoxy-beta-D-glucopyranose-(1-4)-2-acetamido-2-deoxy-beta-D-glucopyranose
8 non-polymer 2-acetamido-2-deoxy-beta-D-glucopyranose
9 water water
#
loop_
_entity_poly.entity_id
_entity_poly.type
_entity_poly.pdbx_seq_one_letter_code
_entity_poly.pdbx_strand_id
1 'polypeptide(L)'
;GNNTATLCLGHHAVANGTLVKTITDDQIEVTNATELVQSISIGKICNNSYRVLDGRNCTLIDAMLGDPHCDDFQYENWDL
FIERSSAFSNCYPYDIPDYASLRSIVASSGTLEFTAEGFTWTGVTQNGGSGACKRGSADSFFSRLNWLTKSGNSYPILNV
TMPNNKNFDKLYIWGIHHPSSNKEQTKLYIQESGRVTVSTERSQQTVIPNIGSRPWVRGQSGRISIYWTIVKPGDILMIN
SNGNLVAPRGYFKLRTGKSSVMRSDALIDTCVSECITPNGSIPNDKPFQNVNKITYGKCPKYIRQNTLKLATGMRNVPEK
QIR
;
A,C,E
2 'polypeptide(L)'
;GIFGAIAGFIENGWEGMVDGWYGFRYQNSEGTGQAADLKSTQAAIDQINGKLNRVIERTNEKFHQIEKEFSEVEGRIQDL
EKYVEDTKIDLWSYNAELLVALENQHTIDLTDAEMNKLFEKTRRQLRENAEDMGGGCFKIYHKCDNACIGSIRNGTYDHY
IYRDEALNNRFQI
;
B,D,F
#
loop_
_chem_comp.id
_chem_comp.type
_chem_comp.name
_chem_comp.formula
BMA D-saccharide, beta linking beta-D-mannopyranose 'C6 H12 O6'
FUL L-saccharide, beta linking beta-L-fucopyranose 'C6 H12 O5'
MAN D-saccharide, alpha linking alpha-D-mannopyranose 'C6 H12 O6'
NAG D-saccharide, beta linking 2-acetamido-2-deoxy-beta-D-glucopyranose 'C8 H15 N O6'
#
# COMPACT_ATOMS: atom_id res chain seq x y z
N ASN A 2 36.06 57.23 21.88
CA ASN A 2 35.47 56.98 20.53
C ASN A 2 34.09 57.64 20.36
N ASN A 3 33.51 57.46 19.18
CA ASN A 3 32.13 57.85 18.92
C ASN A 3 31.44 56.87 17.97
N THR A 4 31.89 55.61 18.00
CA THR A 4 31.28 54.54 17.20
C THR A 4 31.33 53.19 17.91
N ALA A 5 30.52 52.25 17.43
CA ALA A 5 30.50 50.89 17.94
C ALA A 5 30.28 49.93 16.78
N THR A 6 30.65 48.66 16.95
CA THR A 6 30.37 47.64 15.95
C THR A 6 29.47 46.58 16.55
N LEU A 7 28.41 46.21 15.80
CA LEU A 7 27.46 45.21 16.25
C LEU A 7 27.31 44.13 15.21
N CYS A 8 27.78 42.92 15.53
CA CYS A 8 27.79 41.80 14.59
C CYS A 8 26.78 40.73 14.98
N LEU A 9 26.06 40.21 13.99
CA LEU A 9 25.06 39.19 14.22
C LEU A 9 25.61 37.85 13.82
N GLY A 10 25.31 36.81 14.61
CA GLY A 10 25.86 35.50 14.34
C GLY A 10 25.03 34.39 14.92
N HIS A 11 25.50 33.16 14.69
CA HIS A 11 24.84 31.94 15.10
C HIS A 11 25.89 30.96 15.59
N HIS A 12 25.46 29.94 16.32
CA HIS A 12 26.39 29.03 16.96
C HIS A 12 26.90 27.96 15.99
N ALA A 13 27.93 27.23 16.44
CA ALA A 13 28.44 26.08 15.72
C ALA A 13 29.05 25.14 16.74
N VAL A 14 29.29 23.90 16.32
CA VAL A 14 29.91 22.88 17.20
C VAL A 14 31.17 22.29 16.56
N ALA A 15 32.07 21.79 17.40
CA ALA A 15 33.36 21.24 16.96
C ALA A 15 33.16 20.15 15.90
N ASN A 16 32.37 19.13 16.23
CA ASN A 16 32.00 18.14 15.24
C ASN A 16 30.48 17.90 15.14
N GLY A 17 29.94 18.23 13.97
CA GLY A 17 28.53 18.04 13.68
C GLY A 17 28.20 16.63 13.24
N THR A 18 27.02 16.48 12.66
CA THR A 18 26.59 15.19 12.17
C THR A 18 25.94 15.35 10.78
N LEU A 19 26.17 14.37 9.90
CA LEU A 19 25.72 14.42 8.50
C LEU A 19 24.28 13.95 8.37
N VAL A 20 23.48 14.67 7.59
CA VAL A 20 22.08 14.29 7.28
C VAL A 20 21.83 14.36 5.76
N LYS A 21 20.72 13.73 5.31
CA LYS A 21 20.28 13.84 3.91
C LYS A 21 19.21 14.92 3.81
N THR A 22 19.18 15.64 2.69
CA THR A 22 18.12 16.61 2.41
C THR A 22 17.56 16.32 1.04
N ILE A 23 16.73 17.21 0.53
CA ILE A 23 16.22 17.06 -0.83
C ILE A 23 17.33 17.26 -1.85
N THR A 24 18.25 18.16 -1.56
CA THR A 24 19.28 18.48 -2.53
C THR A 24 20.66 17.87 -2.19
N ASP A 25 20.84 17.44 -0.95
CA ASP A 25 22.15 16.92 -0.51
C ASP A 25 22.07 15.52 0.04
N ASP A 26 23.00 14.68 -0.40
CA ASP A 26 23.16 13.33 0.12
C ASP A 26 23.70 13.33 1.56
N GLN A 27 24.74 14.12 1.79
CA GLN A 27 25.33 14.33 3.11
C GLN A 27 25.61 15.84 3.30
N ILE A 28 24.97 16.45 4.28
CA ILE A 28 25.30 17.80 4.68
C ILE A 28 25.37 17.86 6.23
N GLU A 29 26.22 18.74 6.75
CA GLU A 29 26.52 18.74 8.17
C GLU A 29 25.63 19.69 8.97
N VAL A 30 24.97 19.16 9.98
CA VAL A 30 24.16 19.97 10.90
C VAL A 30 24.68 19.86 12.33
N THR A 31 24.25 20.77 13.21
CA THR A 31 24.77 20.78 14.59
C THR A 31 24.36 19.55 15.38
N ASN A 32 23.15 19.05 15.13
CA ASN A 32 22.62 17.93 15.87
C ASN A 32 21.61 17.14 15.06
N ALA A 33 21.40 15.89 15.44
CA ALA A 33 20.40 15.03 14.79
C ALA A 33 20.01 13.92 15.73
N THR A 34 18.94 13.22 15.38
CA THR A 34 18.43 12.12 16.17
C THR A 34 18.03 10.99 15.23
N GLU A 35 18.22 9.76 15.70
CA GLU A 35 17.98 8.55 14.92
C GLU A 35 16.48 8.21 14.84
N LEU A 36 16.01 7.92 13.63
CA LEU A 36 14.59 7.59 13.47
C LEU A 36 14.29 6.10 13.27
N VAL A 37 15.33 5.29 13.14
CA VAL A 37 15.17 3.87 12.92
C VAL A 37 15.69 3.08 14.11
N GLN A 38 14.82 2.31 14.77
CA GLN A 38 15.23 1.39 15.84
C GLN A 38 15.93 0.20 15.20
N SER A 39 17.20 0.00 15.48
CA SER A 39 17.95 -1.07 14.81
C SER A 39 18.58 -2.07 15.76
N ILE A 40 18.43 -1.87 17.06
CA ILE A 40 18.89 -2.86 18.02
C ILE A 40 17.70 -3.24 18.88
N SER A 41 17.71 -4.49 19.36
CA SER A 41 16.67 -4.97 20.25
C SER A 41 17.21 -5.27 21.64
N ILE A 42 16.29 -5.42 22.58
CA ILE A 42 16.61 -5.65 23.99
C ILE A 42 17.24 -7.03 24.19
N GLY A 43 17.00 -7.93 23.23
CA GLY A 43 17.63 -9.25 23.21
C GLY A 43 16.75 -10.35 23.77
N LYS A 44 15.63 -9.96 24.35
CA LYS A 44 14.71 -10.90 24.99
C LYS A 44 13.29 -10.35 24.92
N ILE A 45 12.30 -11.21 25.09
CA ILE A 45 10.91 -10.78 25.05
C ILE A 45 10.45 -10.36 26.45
N CYS A 46 10.04 -9.10 26.58
CA CYS A 46 9.57 -8.56 27.85
C CYS A 46 8.14 -9.03 28.13
N ASN A 47 7.88 -9.47 29.36
CA ASN A 47 6.60 -10.06 29.72
C ASN A 47 5.73 -9.26 30.71
N ASN A 48 6.00 -7.97 30.83
CA ASN A 48 5.25 -7.11 31.74
C ASN A 48 4.11 -6.29 31.12
N SER A 49 4.19 -5.99 29.84
CA SER A 49 3.16 -5.19 29.19
C SER A 49 2.06 -6.05 28.58
N TYR A 50 2.45 -7.20 28.04
CA TYR A 50 1.48 -8.13 27.47
C TYR A 50 1.63 -9.48 28.16
N ARG A 51 0.58 -10.29 28.15
CA ARG A 51 0.73 -11.64 28.68
C ARG A 51 1.35 -12.53 27.62
N VAL A 52 2.60 -12.93 27.88
CA VAL A 52 3.39 -13.73 26.95
C VAL A 52 3.52 -15.13 27.52
N LEU A 53 3.08 -16.11 26.74
CA LEU A 53 3.10 -17.50 27.16
C LEU A 53 4.10 -18.34 26.36
N ASP A 54 5.05 -18.93 27.08
CA ASP A 54 6.07 -19.78 26.48
C ASP A 54 5.46 -21.13 26.16
N GLY A 55 5.47 -21.51 24.89
CA GLY A 55 4.92 -22.81 24.47
C GLY A 55 5.80 -23.99 24.86
N ARG A 56 7.08 -23.68 25.11
CA ARG A 56 8.08 -24.67 25.52
C ARG A 56 8.21 -25.75 24.44
N ASN A 57 7.84 -26.99 24.77
CA ASN A 57 7.89 -28.10 23.82
C ASN A 57 6.61 -28.29 23.01
N CYS A 58 5.68 -27.37 23.16
CA CYS A 58 4.35 -27.54 22.60
C CYS A 58 4.01 -26.46 21.54
N THR A 59 3.63 -26.92 20.35
CA THR A 59 3.00 -26.01 19.39
C THR A 59 1.63 -25.65 19.92
N LEU A 60 1.11 -24.51 19.49
CA LEU A 60 -0.24 -24.12 19.90
C LEU A 60 -1.28 -25.19 19.57
N ILE A 61 -1.17 -25.80 18.40
CA ILE A 61 -2.12 -26.82 17.97
C ILE A 61 -2.09 -28.03 18.91
N ASP A 62 -0.88 -28.48 19.24
CA ASP A 62 -0.70 -29.64 20.08
C ASP A 62 -1.22 -29.37 21.47
N ALA A 63 -1.11 -28.11 21.92
CA ALA A 63 -1.66 -27.69 23.20
C ALA A 63 -3.17 -27.71 23.15
N MET A 64 -3.72 -27.24 22.04
CA MET A 64 -5.16 -27.25 21.83
C MET A 64 -5.73 -28.67 21.80
N LEU A 65 -5.10 -29.54 21.02
CA LEU A 65 -5.57 -30.92 20.87
C LEU A 65 -5.49 -31.69 22.18
N GLY A 66 -4.43 -31.45 22.96
CA GLY A 66 -4.22 -32.16 24.23
C GLY A 66 -3.22 -33.31 24.18
N ASP A 67 -2.12 -33.10 23.46
CA ASP A 67 -0.93 -33.95 23.51
C ASP A 67 -0.52 -34.06 24.99
N PRO A 68 -0.31 -35.29 25.50
CA PRO A 68 -0.05 -35.44 26.93
C PRO A 68 1.06 -34.54 27.49
N HIS A 69 2.19 -34.41 26.80
CA HIS A 69 3.25 -33.51 27.31
C HIS A 69 2.86 -32.02 27.29
N CYS A 70 1.64 -31.71 26.87
CA CYS A 70 1.12 -30.35 26.79
C CYS A 70 -0.01 -30.12 27.77
N ASP A 71 -0.29 -31.13 28.60
CA ASP A 71 -1.37 -31.05 29.57
C ASP A 71 -1.39 -29.76 30.40
N ASP A 72 -0.21 -29.25 30.76
CA ASP A 72 -0.07 -28.01 31.52
C ASP A 72 -0.79 -26.78 30.93
N PHE A 73 -1.15 -26.85 29.65
CA PHE A 73 -1.68 -25.69 28.90
C PHE A 73 -3.21 -25.59 28.87
N GLN A 74 -3.88 -26.50 29.57
CA GLN A 74 -5.34 -26.63 29.50
C GLN A 74 -6.13 -25.41 29.97
N TYR A 75 -5.73 -24.85 31.12
CA TYR A 75 -6.40 -23.68 31.68
C TYR A 75 -5.69 -22.37 31.26
N GLU A 76 -5.24 -22.27 30.01
CA GLU A 76 -4.39 -21.14 29.71
C GLU A 76 -4.85 -20.16 28.66
N ASN A 77 -4.46 -18.92 28.87
CA ASN A 77 -4.75 -17.83 27.99
C ASN A 77 -3.50 -16.97 27.79
N TRP A 78 -3.50 -16.14 26.75
CA TRP A 78 -2.33 -15.32 26.40
C TRP A 78 -2.74 -14.08 25.65
N ASP A 79 -1.82 -13.13 25.56
CA ASP A 79 -1.85 -12.11 24.52
C ASP A 79 -1.03 -12.61 23.33
N LEU A 80 0.13 -13.18 23.63
CA LEU A 80 1.03 -13.68 22.60
C LEU A 80 1.63 -15.03 22.96
N PHE A 81 1.32 -16.04 22.16
CA PHE A 81 1.80 -17.41 22.35
C PHE A 81 3.13 -17.57 21.62
N ILE A 82 4.18 -17.99 22.33
CA ILE A 82 5.48 -18.16 21.67
C ILE A 82 5.75 -19.63 21.35
N GLU A 83 5.96 -19.92 20.05
CA GLU A 83 6.27 -21.27 19.60
C GLU A 83 7.77 -21.43 19.39
N ARG A 84 8.35 -22.43 20.06
CA ARG A 84 9.78 -22.67 20.00
C ARG A 84 10.07 -23.68 18.90
N SER A 85 11.25 -23.57 18.32
CA SER A 85 11.66 -24.47 17.25
C SER A 85 11.96 -25.89 17.76
N SER A 86 12.09 -26.07 19.07
CA SER A 86 12.29 -27.39 19.63
C SER A 86 10.98 -28.07 20.10
N ALA A 87 9.83 -27.56 19.67
CA ALA A 87 8.56 -28.18 20.02
C ALA A 87 8.43 -29.48 19.24
N PHE A 88 7.74 -30.47 19.80
CA PHE A 88 7.53 -31.74 19.11
C PHE A 88 6.18 -32.33 19.44
N SER A 89 5.66 -33.16 18.53
CA SER A 89 4.45 -33.94 18.79
C SER A 89 4.81 -35.28 19.45
N ASN A 90 3.95 -35.75 20.35
CA ASN A 90 4.13 -37.03 21.03
C ASN A 90 2.79 -37.71 21.31
N CYS A 91 1.97 -37.84 20.27
CA CYS A 91 0.69 -38.53 20.37
C CYS A 91 0.50 -39.32 19.07
N TYR A 92 -0.74 -39.65 18.71
CA TYR A 92 -0.99 -40.32 17.44
C TYR A 92 -0.64 -39.38 16.27
N PRO A 93 0.12 -39.88 15.27
CA PRO A 93 0.50 -39.10 14.08
C PRO A 93 -0.73 -38.56 13.35
N TYR A 94 -0.73 -37.26 13.07
CA TYR A 94 -1.93 -36.62 12.51
C TYR A 94 -1.60 -35.63 11.40
N ASP A 95 -2.65 -35.14 10.75
CA ASP A 95 -2.56 -34.01 9.84
C ASP A 95 -3.84 -33.19 9.93
N ILE A 96 -3.75 -31.92 9.57
CA ILE A 96 -4.89 -31.01 9.58
C ILE A 96 -4.91 -30.29 8.24
N PRO A 97 -5.83 -30.64 7.34
CA PRO A 97 -5.94 -29.81 6.14
C PRO A 97 -6.24 -28.35 6.54
N ASP A 98 -5.57 -27.41 5.90
CA ASP A 98 -5.64 -26.01 6.33
C ASP A 98 -5.32 -25.84 7.83
N TYR A 99 -4.32 -26.61 8.28
CA TYR A 99 -3.62 -26.39 9.54
C TYR A 99 -3.46 -24.88 9.87
N ALA A 100 -2.95 -24.11 8.89
CA ALA A 100 -2.61 -22.71 9.13
C ALA A 100 -3.81 -21.89 9.61
N SER A 101 -4.98 -22.12 9.00
CA SER A 101 -6.20 -21.42 9.41
C SER A 101 -6.61 -21.78 10.85
N LEU A 102 -6.55 -23.06 11.19
CA LEU A 102 -6.88 -23.45 12.53
C LEU A 102 -5.91 -22.82 13.54
N ARG A 103 -4.62 -22.85 13.20
CA ARG A 103 -3.62 -22.20 14.04
C ARG A 103 -3.96 -20.70 14.18
N SER A 104 -4.35 -20.07 13.08
CA SER A 104 -4.68 -18.65 13.13
C SER A 104 -5.86 -18.35 14.04
N ILE A 105 -6.92 -19.12 13.89
CA ILE A 105 -8.16 -18.92 14.63
C ILE A 105 -7.97 -19.05 16.15
N VAL A 106 -7.32 -20.13 16.58
CA VAL A 106 -7.05 -20.35 18.00
C VAL A 106 -6.12 -19.28 18.58
N ALA A 107 -5.05 -18.97 17.83
CA ALA A 107 -4.09 -17.94 18.23
C ALA A 107 -4.79 -16.63 18.53
N SER A 108 -5.66 -16.23 17.62
CA SER A 108 -6.38 -14.99 17.68
C SER A 108 -7.34 -14.95 18.87
N SER A 109 -7.83 -16.11 19.25
CA SER A 109 -8.84 -16.22 20.29
C SER A 109 -8.28 -15.99 21.69
N GLY A 110 -7.03 -16.39 21.89
CA GLY A 110 -6.29 -16.08 23.11
C GLY A 110 -6.47 -17.03 24.27
N THR A 111 -7.26 -18.09 24.08
CA THR A 111 -7.60 -19.01 25.16
C THR A 111 -7.77 -20.49 24.78
N LEU A 112 -7.37 -21.36 25.68
CA LEU A 112 -7.61 -22.79 25.55
C LEU A 112 -8.65 -23.30 26.54
N GLU A 113 -9.43 -22.39 27.12
CA GLU A 113 -10.54 -22.79 27.96
C GLU A 113 -11.52 -23.61 27.13
N PHE A 114 -11.79 -24.80 27.64
CA PHE A 114 -12.56 -25.82 26.93
C PHE A 114 -13.79 -26.08 27.75
N THR A 115 -14.97 -26.06 27.13
CA THR A 115 -16.16 -26.49 27.86
C THR A 115 -16.56 -27.87 27.34
N ALA A 116 -16.49 -28.85 28.24
CA ALA A 116 -16.86 -30.21 27.89
C ALA A 116 -18.38 -30.30 27.85
N GLU A 117 -18.91 -31.08 26.91
CA GLU A 117 -20.36 -31.31 26.83
C GLU A 117 -20.70 -32.79 26.99
N GLY A 118 -21.89 -33.05 27.51
CA GLY A 118 -22.33 -34.42 27.68
C GLY A 118 -23.03 -34.97 26.45
N PHE A 119 -22.27 -35.30 25.42
CA PHE A 119 -22.79 -36.05 24.27
C PHE A 119 -23.21 -37.45 24.73
N THR A 120 -24.22 -38.02 24.09
CA THR A 120 -24.62 -39.40 24.35
C THR A 120 -24.21 -40.29 23.17
N TRP A 121 -23.38 -41.28 23.45
CA TRP A 121 -22.85 -42.19 22.42
C TRP A 121 -23.33 -43.63 22.65
N THR A 122 -24.54 -43.93 22.21
CA THR A 122 -25.12 -45.26 22.37
C THR A 122 -24.52 -46.28 21.40
N GLY A 123 -24.20 -47.48 21.90
CA GLY A 123 -23.75 -48.60 21.07
C GLY A 123 -22.29 -48.63 20.67
N VAL A 124 -21.48 -47.80 21.31
CA VAL A 124 -20.06 -47.72 21.00
C VAL A 124 -19.24 -47.65 22.27
N THR A 125 -17.98 -48.02 22.18
CA THR A 125 -17.10 -47.82 23.31
C THR A 125 -16.25 -46.53 23.15
N GLN A 126 -16.21 -45.76 24.24
CA GLN A 126 -15.59 -44.45 24.28
C GLN A 126 -14.16 -44.55 24.81
N ASN A 127 -13.40 -43.48 24.61
CA ASN A 127 -12.10 -43.29 25.26
C ASN A 127 -10.97 -44.16 24.75
N GLY A 128 -10.93 -44.39 23.45
CA GLY A 128 -9.85 -45.16 22.83
C GLY A 128 -8.47 -44.60 23.14
N GLY A 129 -7.49 -45.50 23.27
CA GLY A 129 -6.12 -45.11 23.58
C GLY A 129 -5.12 -45.78 22.66
N SER A 130 -3.88 -45.28 22.67
CA SER A 130 -2.84 -45.83 21.81
C SER A 130 -1.50 -45.85 22.53
N GLY A 131 -0.69 -46.86 22.20
CA GLY A 131 0.71 -46.90 22.62
C GLY A 131 1.49 -45.66 22.23
N ALA A 132 1.20 -45.11 21.06
CA ALA A 132 1.92 -43.95 20.51
C ALA A 132 1.64 -42.63 21.24
N CYS A 133 0.64 -42.64 22.11
CA CYS A 133 0.23 -41.45 22.83
C CYS A 133 0.13 -41.75 24.32
N LYS A 134 1.26 -42.01 24.95
CA LYS A 134 1.26 -42.42 26.35
C LYS A 134 1.10 -41.21 27.27
N ARG A 135 0.24 -41.38 28.28
CA ARG A 135 0.08 -40.45 29.37
C ARG A 135 0.44 -41.27 30.62
N GLY A 136 1.64 -41.02 31.15
CA GLY A 136 2.20 -41.86 32.22
C GLY A 136 2.70 -43.19 31.67
N SER A 137 2.16 -44.28 32.21
CA SER A 137 2.44 -45.61 31.68
C SER A 137 1.23 -46.20 30.93
N ALA A 138 0.18 -45.41 30.77
CA ALA A 138 -1.07 -45.87 30.16
C ALA A 138 -1.21 -45.43 28.70
N ASP A 139 -1.75 -46.32 27.87
CA ASP A 139 -2.14 -45.98 26.50
C ASP A 139 -3.26 -44.96 26.56
N SER A 140 -3.09 -43.86 25.85
CA SER A 140 -3.98 -42.69 25.97
C SER A 140 -4.21 -42.00 24.61
N PHE A 141 -4.77 -40.79 24.66
CA PHE A 141 -5.15 -40.07 23.46
C PHE A 141 -5.17 -38.56 23.69
N PHE A 142 -5.44 -37.78 22.64
CA PHE A 142 -5.68 -36.34 22.76
C PHE A 142 -6.83 -36.08 23.72
N SER A 143 -6.57 -35.30 24.77
CA SER A 143 -7.54 -35.09 25.84
C SER A 143 -8.85 -34.39 25.39
N ARG A 144 -8.81 -33.70 24.26
CA ARG A 144 -10.00 -33.03 23.72
C ARG A 144 -10.76 -33.89 22.70
N LEU A 145 -10.22 -35.07 22.40
CA LEU A 145 -10.80 -35.96 21.40
C LEU A 145 -11.20 -37.34 21.98
N ASN A 146 -12.28 -37.90 21.44
CA ASN A 146 -12.88 -39.10 21.99
C ASN A 146 -12.88 -40.20 20.91
N TRP A 147 -11.94 -41.14 21.03
CA TRP A 147 -11.78 -42.20 20.04
C TRP A 147 -12.81 -43.31 20.26
N LEU A 148 -13.83 -43.31 19.41
CA LEU A 148 -14.94 -44.24 19.52
C LEU A 148 -14.65 -45.51 18.74
N THR A 149 -14.94 -46.66 19.35
CA THR A 149 -14.80 -47.96 18.68
C THR A 149 -16.05 -48.84 18.87
N LYS A 150 -16.09 -49.98 18.17
CA LYS A 150 -17.20 -50.94 18.28
C LYS A 150 -17.40 -51.48 19.69
N SER A 151 -18.67 -51.77 20.00
CA SER A 151 -19.04 -52.37 21.29
C SER A 151 -19.86 -53.63 21.03
N GLY A 152 -19.39 -54.74 21.60
CA GLY A 152 -19.97 -56.07 21.36
C GLY A 152 -19.80 -56.50 19.91
N ASN A 153 -20.92 -56.79 19.26
CA ASN A 153 -20.91 -57.21 17.86
C ASN A 153 -20.97 -56.04 16.88
N SER A 154 -21.33 -54.85 17.35
CA SER A 154 -21.71 -53.78 16.43
C SER A 154 -21.06 -52.39 16.63
N TYR A 155 -21.24 -51.58 15.60
CA TYR A 155 -20.97 -50.15 15.62
C TYR A 155 -22.09 -49.55 14.77
N PRO A 156 -23.07 -48.92 15.44
CA PRO A 156 -24.29 -48.44 14.77
C PRO A 156 -24.04 -47.15 14.01
N ILE A 157 -24.97 -46.76 13.14
CA ILE A 157 -24.93 -45.43 12.54
C ILE A 157 -25.26 -44.41 13.63
N LEU A 158 -24.22 -43.71 14.10
CA LEU A 158 -24.37 -42.71 15.15
C LEU A 158 -25.09 -41.49 14.62
N ASN A 159 -25.95 -40.93 15.46
CA ASN A 159 -26.76 -39.78 15.08
C ASN A 159 -26.98 -38.89 16.28
N VAL A 160 -26.04 -37.98 16.51
CA VAL A 160 -25.99 -37.21 17.76
C VAL A 160 -26.03 -35.71 17.46
N THR A 161 -26.80 -34.97 18.25
CA THR A 161 -26.87 -33.52 18.10
C THR A 161 -26.48 -32.77 19.38
N MET A 162 -26.23 -31.48 19.25
CA MET A 162 -25.90 -30.61 20.37
C MET A 162 -26.24 -29.16 20.01
N PRO A 163 -27.32 -28.61 20.60
CA PRO A 163 -27.73 -27.24 20.28
C PRO A 163 -26.77 -26.18 20.82
N ASN A 164 -26.60 -25.07 20.11
CA ASN A 164 -25.92 -23.92 20.69
C ASN A 164 -26.93 -22.90 21.25
N ASN A 165 -27.23 -23.05 22.54
CA ASN A 165 -28.09 -22.12 23.29
C ASN A 165 -27.37 -20.90 23.85
N LYS A 166 -26.08 -20.75 23.52
CA LYS A 166 -25.29 -19.65 24.03
C LYS A 166 -25.24 -18.48 23.04
N ASN A 167 -24.73 -17.33 23.48
CA ASN A 167 -24.71 -16.12 22.66
C ASN A 167 -23.33 -15.85 22.01
N PHE A 168 -22.51 -16.90 21.91
CA PHE A 168 -21.23 -16.84 21.22
C PHE A 168 -21.08 -18.04 20.28
N ASP A 169 -20.15 -17.92 19.34
CA ASP A 169 -19.79 -19.00 18.42
C ASP A 169 -19.09 -20.12 19.17
N LYS A 170 -19.48 -21.37 18.90
CA LYS A 170 -18.77 -22.52 19.44
C LYS A 170 -17.75 -23.07 18.43
N LEU A 171 -16.55 -23.39 18.90
CA LEU A 171 -15.60 -24.07 18.02
C LEU A 171 -15.44 -25.54 18.39
N TYR A 172 -15.85 -26.42 17.48
CA TYR A 172 -15.74 -27.87 17.66
C TYR A 172 -14.61 -28.50 16.86
N ILE A 173 -13.79 -29.29 17.56
CA ILE A 173 -12.68 -30.01 16.95
C ILE A 173 -13.00 -31.51 16.97
N TRP A 174 -13.00 -32.10 15.79
CA TRP A 174 -13.36 -33.50 15.62
C TRP A 174 -12.49 -34.08 14.54
N GLY A 175 -12.56 -35.39 14.33
CA GLY A 175 -11.74 -35.99 13.30
C GLY A 175 -12.10 -37.40 12.87
N ILE A 176 -11.22 -37.97 12.06
CA ILE A 176 -11.41 -39.27 11.46
C ILE A 176 -10.11 -40.11 11.58
N HIS A 177 -10.27 -41.42 11.73
CA HIS A 177 -9.12 -42.34 11.82
C HIS A 177 -8.95 -43.07 10.49
N HIS A 178 -7.76 -42.97 9.90
CA HIS A 178 -7.39 -43.75 8.71
C HIS A 178 -6.62 -44.99 9.15
N PRO A 179 -7.26 -46.16 9.12
CA PRO A 179 -6.57 -47.38 9.54
C PRO A 179 -5.51 -47.78 8.53
N SER A 180 -4.48 -48.48 9.02
CA SER A 180 -3.40 -48.94 8.14
C SER A 180 -3.76 -50.19 7.33
N SER A 181 -4.77 -50.95 7.77
CA SER A 181 -5.19 -52.19 7.08
C SER A 181 -6.70 -52.52 7.12
N ASN A 182 -7.10 -53.45 6.27
CA ASN A 182 -8.49 -53.91 6.20
C ASN A 182 -8.99 -54.61 7.46
N LYS A 183 -8.21 -55.54 7.99
CA LYS A 183 -8.65 -56.23 9.21
C LYS A 183 -8.68 -55.28 10.40
N GLU A 184 -7.84 -54.25 10.38
CA GLU A 184 -7.88 -53.24 11.42
C GLU A 184 -9.13 -52.35 11.33
N GLN A 185 -9.56 -52.05 10.11
CA GLN A 185 -10.81 -51.34 9.90
C GLN A 185 -12.02 -52.08 10.51
N THR A 186 -12.18 -53.34 10.14
CA THR A 186 -13.34 -54.11 10.56
C THR A 186 -13.28 -54.53 12.02
N LYS A 187 -12.08 -54.80 12.52
CA LYS A 187 -11.86 -55.10 13.93
C LYS A 187 -12.36 -53.94 14.81
N LEU A 188 -12.01 -52.71 14.42
CA LEU A 188 -12.38 -51.53 15.20
C LEU A 188 -13.79 -51.00 14.95
N TYR A 189 -14.27 -51.08 13.71
CA TYR A 189 -15.51 -50.36 13.35
C TYR A 189 -16.65 -51.21 12.79
N ILE A 190 -16.45 -52.53 12.70
CA ILE A 190 -17.43 -53.46 12.12
C ILE A 190 -17.60 -53.23 10.60
N GLN A 191 -18.16 -52.07 10.21
CA GLN A 191 -18.34 -51.72 8.80
C GLN A 191 -17.02 -51.72 8.03
N GLU A 192 -17.10 -51.93 6.72
CA GLU A 192 -15.90 -52.06 5.88
C GLU A 192 -15.32 -50.72 5.49
N SER A 193 -16.20 -49.74 5.35
CA SER A 193 -15.81 -48.37 4.99
C SER A 193 -16.48 -47.37 5.94
N GLY A 194 -15.69 -46.51 6.58
CA GLY A 194 -16.24 -45.48 7.48
C GLY A 194 -16.79 -44.24 6.78
N ARG A 195 -17.44 -43.37 7.56
CA ARG A 195 -17.95 -42.08 7.09
C ARG A 195 -18.17 -41.16 8.28
N VAL A 196 -17.81 -39.89 8.15
CA VAL A 196 -18.22 -38.88 9.12
C VAL A 196 -18.82 -37.68 8.38
N THR A 197 -20.04 -37.30 8.75
CA THR A 197 -20.67 -36.06 8.27
C THR A 197 -21.02 -35.17 9.46
N VAL A 198 -20.40 -33.99 9.49
CA VAL A 198 -20.70 -33.00 10.52
C VAL A 198 -21.42 -31.85 9.86
N SER A 199 -22.59 -31.54 10.39
CA SER A 199 -23.48 -30.58 9.76
C SER A 199 -24.07 -29.58 10.73
N THR A 200 -24.48 -28.44 10.17
CA THR A 200 -25.34 -27.47 10.83
C THR A 200 -26.52 -27.20 9.89
N GLU A 201 -27.28 -26.15 10.15
CA GLU A 201 -28.32 -25.74 9.22
C GLU A 201 -27.70 -25.06 8.01
N ARG A 202 -26.59 -24.38 8.25
CA ARG A 202 -25.90 -23.53 7.28
C ARG A 202 -24.82 -24.24 6.47
N SER A 203 -24.29 -25.34 7.00
CA SER A 203 -23.09 -25.94 6.43
C SER A 203 -23.05 -27.42 6.67
N GLN A 204 -22.12 -28.09 5.98
CA GLN A 204 -21.95 -29.54 6.07
C GLN A 204 -20.54 -29.94 5.67
N GLN A 205 -19.97 -30.91 6.37
CA GLN A 205 -18.67 -31.46 5.99
C GLN A 205 -18.75 -32.99 6.03
N THR A 206 -18.28 -33.65 4.96
CA THR A 206 -18.15 -35.11 4.96
C THR A 206 -16.73 -35.55 4.66
N VAL A 207 -16.24 -36.52 5.43
CA VAL A 207 -14.91 -37.09 5.21
C VAL A 207 -15.02 -38.61 5.16
N ILE A 208 -14.28 -39.20 4.22
CA ILE A 208 -14.17 -40.66 4.09
C ILE A 208 -12.75 -41.07 4.50
N PRO A 209 -12.61 -42.15 5.31
CA PRO A 209 -11.26 -42.61 5.59
C PRO A 209 -10.66 -43.35 4.41
N ASN A 210 -9.34 -43.48 4.42
CA ASN A 210 -8.61 -44.20 3.41
C ASN A 210 -7.72 -45.22 4.12
N ILE A 211 -7.99 -46.48 3.85
CA ILE A 211 -7.24 -47.57 4.44
C ILE A 211 -5.92 -47.74 3.68
N GLY A 212 -4.82 -47.90 4.42
CA GLY A 212 -3.54 -48.18 3.79
C GLY A 212 -2.34 -47.75 4.61
N SER A 213 -1.16 -48.14 4.15
CA SER A 213 0.08 -47.81 4.85
C SER A 213 0.52 -46.35 4.64
N ARG A 214 0.92 -45.71 5.73
CA ARG A 214 1.65 -44.43 5.69
C ARG A 214 2.99 -44.64 6.41
N PRO A 215 4.00 -43.83 6.09
CA PRO A 215 5.28 -43.97 6.79
C PRO A 215 5.16 -44.07 8.32
N TRP A 216 6.00 -44.92 8.89
CA TRP A 216 6.11 -45.19 10.33
C TRP A 216 6.33 -43.92 11.15
N VAL A 217 5.40 -43.60 12.04
CA VAL A 217 5.57 -42.47 12.97
C VAL A 217 5.16 -42.92 14.37
N ARG A 218 6.13 -42.87 15.29
CA ARG A 218 5.98 -43.38 16.66
C ARG A 218 5.21 -44.69 16.69
N GLY A 219 5.67 -45.68 15.95
CA GLY A 219 5.01 -46.98 15.87
C GLY A 219 3.80 -47.10 14.96
N GLN A 220 3.29 -45.97 14.48
CA GLN A 220 2.00 -45.97 13.77
C GLN A 220 2.08 -45.83 12.26
N SER A 221 1.35 -46.69 11.58
CA SER A 221 1.30 -46.72 10.12
C SER A 221 0.06 -45.99 9.61
N GLY A 222 -0.90 -45.78 10.51
CA GLY A 222 -2.13 -45.04 10.20
C GLY A 222 -2.08 -43.60 10.67
N ARG A 223 -3.17 -42.87 10.43
CA ARG A 223 -3.22 -41.43 10.72
C ARG A 223 -4.57 -40.96 11.22
N ILE A 224 -4.56 -39.79 11.86
CA ILE A 224 -5.77 -39.13 12.26
C ILE A 224 -5.84 -37.79 11.54
N SER A 225 -6.96 -37.49 10.90
CA SER A 225 -7.14 -36.18 10.28
C SER A 225 -8.11 -35.33 11.10
N ILE A 226 -7.68 -34.12 11.43
CA ILE A 226 -8.46 -33.22 12.28
C ILE A 226 -9.21 -32.21 11.42
N TYR A 227 -10.48 -31.99 11.76
CA TYR A 227 -11.29 -30.94 11.13
C TYR A 227 -11.98 -30.10 12.20
N TRP A 228 -12.58 -28.99 11.77
CA TRP A 228 -13.27 -28.13 12.70
C TRP A 228 -14.58 -27.59 12.14
N THR A 229 -15.48 -27.24 13.06
CA THR A 229 -16.79 -26.71 12.72
C THR A 229 -17.17 -25.64 13.72
N ILE A 230 -17.63 -24.51 13.19
CA ILE A 230 -18.11 -23.41 14.02
C ILE A 230 -19.62 -23.44 14.06
N VAL A 231 -20.18 -23.47 15.27
CA VAL A 231 -21.64 -23.43 15.42
C VAL A 231 -22.07 -22.07 15.94
N LYS A 232 -23.08 -21.49 15.30
CA LYS A 232 -23.54 -20.13 15.62
C LYS A 232 -24.68 -20.13 16.64
N PRO A 233 -24.80 -19.04 17.42
CA PRO A 233 -25.91 -18.88 18.35
C PRO A 233 -27.26 -19.22 17.72
N GLY A 234 -27.96 -20.18 18.31
CA GLY A 234 -29.26 -20.58 17.81
C GLY A 234 -29.20 -21.77 16.87
N ASP A 235 -28.02 -22.09 16.38
CA ASP A 235 -27.86 -23.24 15.49
C ASP A 235 -27.73 -24.54 16.29
N ILE A 236 -27.70 -25.67 15.60
CA ILE A 236 -27.48 -26.96 16.22
C ILE A 236 -26.41 -27.79 15.47
N LEU A 237 -25.47 -28.37 16.21
CA LEU A 237 -24.44 -29.27 15.67
C LEU A 237 -24.97 -30.70 15.53
N MET A 238 -24.74 -31.32 14.37
CA MET A 238 -25.18 -32.71 14.13
C MET A 238 -24.06 -33.60 13.61
N ILE A 239 -23.90 -34.77 14.24
CA ILE A 239 -22.84 -35.70 13.87
C ILE A 239 -23.45 -37.04 13.48
N ASN A 240 -23.22 -37.44 12.23
CA ASN A 240 -23.60 -38.76 11.71
C ASN A 240 -22.36 -39.55 11.32
N SER A 241 -22.30 -40.81 11.77
CA SER A 241 -21.16 -41.67 11.49
C SER A 241 -21.50 -43.15 11.64
N ASN A 242 -20.96 -43.96 10.73
CA ASN A 242 -21.10 -45.42 10.80
C ASN A 242 -19.77 -46.11 11.10
N GLY A 243 -18.77 -45.29 11.44
CA GLY A 243 -17.44 -45.77 11.77
C GLY A 243 -16.37 -44.69 11.61
N ASN A 244 -15.25 -44.89 12.32
CA ASN A 244 -14.03 -44.09 12.14
C ASN A 244 -14.04 -42.68 12.76
N LEU A 245 -15.18 -42.26 13.31
CA LEU A 245 -15.29 -40.96 13.98
C LEU A 245 -14.39 -40.81 15.21
N VAL A 246 -13.61 -39.73 15.21
CA VAL A 246 -12.93 -39.28 16.43
C VAL A 246 -13.74 -38.12 16.99
N ALA A 247 -14.55 -38.41 17.98
CA ALA A 247 -15.58 -37.50 18.48
C ALA A 247 -15.02 -36.31 19.24
N PRO A 248 -15.77 -35.18 19.21
CA PRO A 248 -15.48 -34.02 20.07
C PRO A 248 -16.00 -34.27 21.49
N ARG A 249 -15.32 -33.68 22.47
CA ARG A 249 -15.73 -33.76 23.88
C ARG A 249 -16.43 -32.47 24.34
N GLY A 250 -16.42 -31.45 23.48
CA GLY A 250 -17.05 -30.17 23.80
C GLY A 250 -16.54 -29.12 22.85
N TYR A 251 -16.46 -27.88 23.32
CA TYR A 251 -16.11 -26.76 22.46
C TYR A 251 -15.11 -25.78 23.08
N PHE A 252 -14.52 -24.95 22.23
CA PHE A 252 -13.77 -23.79 22.66
C PHE A 252 -14.60 -22.55 22.41
N LYS A 253 -14.47 -21.57 23.30
CA LYS A 253 -15.17 -20.31 23.17
C LYS A 253 -14.35 -19.38 22.28
N LEU A 254 -14.91 -19.03 21.11
CA LEU A 254 -14.26 -18.08 20.22
C LEU A 254 -14.49 -16.65 20.67
N ARG A 255 -13.39 -15.92 20.84
CA ARG A 255 -13.44 -14.49 21.11
C ARG A 255 -12.82 -13.82 19.91
N THR A 256 -13.35 -12.67 19.53
CA THR A 256 -12.56 -11.79 18.69
C THR A 256 -11.70 -11.00 19.65
N GLY A 257 -10.39 -11.18 19.54
CA GLY A 257 -9.48 -10.57 20.48
C GLY A 257 -8.25 -9.90 19.89
N LYS A 258 -7.44 -9.35 20.78
CA LYS A 258 -6.17 -8.77 20.43
C LYS A 258 -5.02 -9.79 20.46
N SER A 259 -5.34 -11.08 20.50
CA SER A 259 -4.34 -12.12 20.73
C SER A 259 -3.64 -12.63 19.47
N SER A 260 -2.44 -13.20 19.64
CA SER A 260 -1.70 -13.75 18.50
C SER A 260 -0.68 -14.86 18.89
N VAL A 261 0.00 -15.41 17.90
CA VAL A 261 1.07 -16.39 18.09
C VAL A 261 2.32 -16.00 17.26
N MET A 262 3.51 -16.22 17.82
CA MET A 262 4.76 -15.89 17.13
C MET A 262 5.80 -17.00 17.29
N ARG A 263 6.61 -17.21 16.26
CA ARG A 263 7.71 -18.19 16.34
C ARG A 263 8.96 -17.44 16.77
N SER A 264 9.50 -17.82 17.93
CA SER A 264 10.68 -17.18 18.46
C SER A 264 11.42 -18.10 19.41
N ASP A 265 12.74 -18.04 19.38
CA ASP A 265 13.53 -18.84 20.27
C ASP A 265 14.16 -17.97 21.35
N ALA A 266 13.72 -16.70 21.41
CA ALA A 266 14.21 -15.73 22.39
C ALA A 266 13.80 -16.03 23.85
N LEU A 267 14.67 -15.67 24.79
CA LEU A 267 14.34 -15.74 26.22
C LEU A 267 13.22 -14.77 26.59
N ILE A 268 12.39 -15.17 27.54
CA ILE A 268 11.32 -14.32 28.03
C ILE A 268 11.61 -13.97 29.47
N ASP A 269 11.72 -12.67 29.73
CA ASP A 269 12.06 -12.21 31.06
C ASP A 269 11.29 -10.96 31.43
N THR A 270 11.36 -10.58 32.70
CA THR A 270 10.82 -9.34 33.21
C THR A 270 11.56 -8.15 32.59
N CYS A 271 10.79 -7.25 31.99
CA CYS A 271 11.26 -5.92 31.53
C CYS A 271 10.11 -5.11 30.94
N VAL A 272 10.42 -3.90 30.51
CA VAL A 272 9.43 -2.92 30.10
C VAL A 272 9.52 -2.71 28.60
N SER A 273 8.42 -3.02 27.90
CA SER A 273 8.30 -2.82 26.45
C SER A 273 6.91 -3.20 25.95
N GLU A 274 6.43 -2.47 24.95
CA GLU A 274 5.15 -2.82 24.33
C GLU A 274 5.30 -3.25 22.88
N CYS A 275 6.51 -3.59 22.47
CA CYS A 275 6.68 -4.08 21.12
C CYS A 275 7.53 -5.34 21.12
N ILE A 276 6.97 -6.40 20.56
CA ILE A 276 7.61 -7.71 20.56
C ILE A 276 7.95 -8.13 19.13
N THR A 277 9.21 -8.50 18.91
CA THR A 277 9.67 -9.11 17.65
C THR A 277 10.33 -10.45 17.99
N PRO A 278 10.47 -11.36 16.98
CA PRO A 278 11.15 -12.65 17.24
C PRO A 278 12.56 -12.51 17.81
N ASN A 279 13.21 -11.37 17.60
CA ASN A 279 14.56 -11.15 18.13
C ASN A 279 14.54 -10.72 19.59
N GLY A 280 13.36 -10.37 20.09
CA GLY A 280 13.21 -9.73 21.39
C GLY A 280 12.34 -8.49 21.27
N SER A 281 12.01 -7.92 22.41
CA SER A 281 11.27 -6.67 22.45
C SER A 281 12.16 -5.50 21.96
N ILE A 282 11.52 -4.47 21.43
CA ILE A 282 12.25 -3.25 21.01
C ILE A 282 11.56 -2.03 21.61
N PRO A 283 12.31 -0.95 21.90
CA PRO A 283 11.62 0.28 22.31
C PRO A 283 10.86 0.92 21.15
N ASN A 284 9.83 1.71 21.48
CA ASN A 284 9.00 2.41 20.48
C ASN A 284 9.03 3.96 20.54
N ASP A 285 10.15 4.52 20.99
CA ASP A 285 10.35 5.96 20.92
C ASP A 285 10.65 6.46 19.47
N LYS A 286 10.82 5.54 18.53
CA LYS A 286 11.16 5.91 17.15
C LYS A 286 10.06 5.44 16.20
N PRO A 287 9.80 6.20 15.12
CA PRO A 287 8.67 5.82 14.30
C PRO A 287 8.97 4.65 13.36
N PHE A 288 10.25 4.32 13.14
CA PHE A 288 10.60 3.23 12.23
C PHE A 288 11.54 2.24 12.91
N GLN A 289 11.53 1.00 12.40
CA GLN A 289 12.43 -0.03 12.91
C GLN A 289 12.92 -0.92 11.80
N ASN A 290 14.11 -1.47 11.99
CA ASN A 290 14.79 -2.31 11.01
C ASN A 290 15.12 -3.69 11.60
N VAL A 291 14.47 -4.03 12.71
CA VAL A 291 14.76 -5.29 13.40
C VAL A 291 14.09 -6.49 12.72
N ASN A 292 12.77 -6.44 12.55
CA ASN A 292 12.04 -7.54 11.95
C ASN A 292 10.70 -7.08 11.39
N LYS A 293 10.35 -7.57 10.20
CA LYS A 293 8.99 -7.34 9.66
C LYS A 293 7.89 -7.98 10.50
N ILE A 294 8.23 -9.02 11.28
CA ILE A 294 7.27 -9.67 12.18
C ILE A 294 7.31 -8.94 13.51
N THR A 295 6.17 -8.34 13.86
CA THR A 295 6.04 -7.68 15.16
C THR A 295 4.65 -7.92 15.79
N TYR A 296 4.55 -7.70 17.10
CA TYR A 296 3.26 -7.66 17.78
C TYR A 296 3.24 -6.51 18.77
N GLY A 297 2.12 -5.79 18.83
CA GLY A 297 1.92 -4.71 19.80
C GLY A 297 2.03 -3.30 19.21
N LYS A 298 2.43 -2.36 20.06
CA LYS A 298 2.55 -0.97 19.68
C LYS A 298 3.96 -0.73 19.14
N CYS A 299 4.11 -0.87 17.83
CA CYS A 299 5.44 -0.97 17.20
C CYS A 299 5.83 0.12 16.20
N PRO A 300 7.12 0.49 16.16
CA PRO A 300 7.57 1.32 15.03
C PRO A 300 7.35 0.54 13.73
N LYS A 301 7.20 1.25 12.62
CA LYS A 301 6.98 0.61 11.32
C LYS A 301 8.26 0.05 10.70
N TYR A 302 8.15 -1.09 10.03
CA TYR A 302 9.36 -1.73 9.53
C TYR A 302 9.72 -1.16 8.16
N ILE A 303 11.01 -0.83 8.00
CA ILE A 303 11.54 -0.28 6.75
C ILE A 303 12.89 -0.95 6.48
N ARG A 304 13.39 -0.85 5.26
CA ARG A 304 14.63 -1.50 4.87
C ARG A 304 15.90 -0.78 5.32
N GLN A 305 15.82 0.55 5.48
CA GLN A 305 16.95 1.36 5.95
C GLN A 305 17.32 1.02 7.42
N ASN A 306 18.62 0.93 7.68
CA ASN A 306 19.11 0.71 9.05
C ASN A 306 19.43 2.01 9.79
N THR A 307 19.44 3.13 9.08
CA THR A 307 19.58 4.43 9.74
C THR A 307 18.91 5.58 8.97
N LEU A 308 18.29 6.51 9.70
CA LEU A 308 17.72 7.74 9.12
C LEU A 308 17.83 8.90 10.10
N LYS A 309 18.72 9.85 9.85
CA LYS A 309 18.92 10.95 10.80
C LYS A 309 18.05 12.16 10.49
N LEU A 310 17.22 12.53 11.47
CA LEU A 310 16.44 13.76 11.42
C LEU A 310 17.18 14.94 12.07
N ALA A 311 17.48 15.97 11.29
CA ALA A 311 18.20 17.15 11.80
C ALA A 311 17.43 17.78 12.95
N THR A 312 18.15 18.19 14.00
CA THR A 312 17.54 18.87 15.14
C THR A 312 18.30 20.15 15.47
N GLY A 313 19.00 20.69 14.47
CA GLY A 313 19.71 21.95 14.59
C GLY A 313 20.07 22.49 13.22
N MET A 314 20.67 23.68 13.19
CA MET A 314 20.99 24.36 11.95
C MET A 314 22.18 23.72 11.25
N ARG A 315 22.42 24.18 10.03
CA ARG A 315 23.62 23.89 9.29
C ARG A 315 24.85 24.27 10.13
N ASN A 316 25.84 23.37 10.19
CA ASN A 316 27.00 23.58 11.05
C ASN A 316 28.16 24.16 10.26
N VAL A 317 28.60 25.36 10.65
CA VAL A 317 29.66 26.05 9.91
C VAL A 317 30.78 26.44 10.88
N PRO A 318 31.69 25.49 11.16
CA PRO A 318 32.77 25.70 12.14
C PRO A 318 33.75 26.82 11.77
N GLU A 319 34.44 27.32 12.80
CA GLU A 319 35.15 28.59 12.76
C GLU A 319 36.37 28.67 11.83
N LYS A 320 36.90 27.51 11.41
CA LYS A 320 38.00 27.40 10.41
C LYS A 320 39.44 27.35 10.98
N GLN A 321 40.44 27.44 10.07
CA GLN A 321 41.88 27.40 10.39
C GLN A 321 42.37 26.04 10.90
N GLY B 1 21.67 27.88 2.25
CA GLY B 1 20.24 28.01 2.65
C GLY B 1 19.51 28.97 1.75
N ILE B 2 18.21 28.76 1.65
CA ILE B 2 17.35 29.54 0.76
C ILE B 2 17.27 31.03 1.16
N PHE B 3 17.58 31.33 2.42
CA PHE B 3 17.59 32.73 2.89
C PHE B 3 18.96 33.42 2.82
N GLY B 4 20.02 32.64 2.65
CA GLY B 4 21.33 33.21 2.33
C GLY B 4 22.09 33.81 3.51
N ALA B 5 21.67 33.51 4.74
CA ALA B 5 22.38 34.03 5.91
C ALA B 5 23.39 33.03 6.45
N ILE B 6 22.90 31.93 7.04
CA ILE B 6 23.77 30.86 7.55
C ILE B 6 24.47 30.23 6.38
N ALA B 7 25.80 30.12 6.44
CA ALA B 7 26.60 29.67 5.28
C ALA B 7 26.37 30.60 4.09
N GLY B 8 26.02 31.85 4.36
CA GLY B 8 25.78 32.85 3.33
C GLY B 8 26.54 34.12 3.66
N PHE B 9 25.84 35.22 3.87
CA PHE B 9 26.56 36.46 4.16
C PHE B 9 27.11 36.49 5.59
N ILE B 10 26.70 35.54 6.42
CA ILE B 10 27.43 35.28 7.63
C ILE B 10 28.45 34.19 7.33
N GLU B 11 29.73 34.57 7.37
CA GLU B 11 30.87 33.73 6.97
C GLU B 11 30.90 32.35 7.68
N ASN B 12 30.93 32.34 9.01
CA ASN B 12 30.88 31.09 9.76
C ASN B 12 30.11 31.23 11.07
N GLY B 13 29.92 30.11 11.78
CA GLY B 13 29.28 30.11 13.08
C GLY B 13 30.26 30.32 14.21
N TRP B 14 29.74 30.47 15.43
CA TRP B 14 30.55 30.74 16.59
C TRP B 14 30.54 29.58 17.59
N GLU B 15 31.63 28.81 17.63
CA GLU B 15 31.78 27.71 18.60
C GLU B 15 31.80 28.21 20.05
N GLY B 16 32.29 29.43 20.25
CA GLY B 16 32.31 30.05 21.55
C GLY B 16 30.96 30.50 22.08
N MET B 17 29.92 30.57 21.27
CA MET B 17 28.60 30.91 21.81
C MET B 17 27.84 29.65 22.26
N VAL B 18 27.87 29.39 23.56
CA VAL B 18 27.37 28.13 24.07
C VAL B 18 26.03 28.24 24.78
N ASP B 19 25.49 29.45 24.90
CA ASP B 19 24.26 29.66 25.65
C ASP B 19 23.06 30.10 24.80
N GLY B 20 23.13 29.84 23.49
CA GLY B 20 22.13 30.31 22.56
C GLY B 20 22.50 29.94 21.14
N TRP B 21 21.52 29.98 20.25
CA TRP B 21 21.68 29.56 18.86
C TRP B 21 22.00 30.75 17.95
N TYR B 22 21.47 31.91 18.31
CA TYR B 22 21.72 33.16 17.60
C TYR B 22 22.19 34.24 18.59
N GLY B 23 22.82 35.31 18.08
CA GLY B 23 23.13 36.42 18.94
C GLY B 23 24.04 37.48 18.39
N PHE B 24 24.70 38.20 19.33
CA PHE B 24 25.46 39.41 19.03
C PHE B 24 26.90 39.28 19.50
N ARG B 25 27.83 39.77 18.70
CA ARG B 25 29.17 40.12 19.15
C ARG B 25 29.32 41.62 18.91
N TYR B 26 30.02 42.30 19.81
CA TYR B 26 30.16 43.74 19.67
C TYR B 26 31.44 44.35 20.22
N GLN B 27 31.75 45.54 19.73
CA GLN B 27 32.85 46.36 20.26
C GLN B 27 32.39 47.80 20.46
N ASN B 28 32.60 48.31 21.67
CA ASN B 28 32.11 49.64 22.03
C ASN B 28 33.04 50.34 23.03
N SER B 29 32.55 51.39 23.66
CA SER B 29 33.37 52.17 24.58
C SER B 29 33.75 51.39 25.84
N GLU B 30 32.95 50.38 26.20
CA GLU B 30 33.21 49.56 27.39
C GLU B 30 33.96 48.25 27.13
N GLY B 31 34.20 47.91 25.86
CA GLY B 31 35.03 46.74 25.53
C GLY B 31 34.49 45.94 24.36
N THR B 32 34.74 44.64 24.37
CA THR B 32 34.16 43.76 23.34
C THR B 32 33.40 42.60 23.99
N GLY B 33 32.21 42.30 23.48
CA GLY B 33 31.32 41.34 24.13
C GLY B 33 30.54 40.37 23.27
N GLN B 34 29.98 39.36 23.93
CA GLN B 34 29.10 38.39 23.29
C GLN B 34 27.84 38.21 24.12
N ALA B 35 26.68 38.12 23.44
CA ALA B 35 25.41 37.78 24.10
C ALA B 35 24.49 36.96 23.18
N ALA B 36 23.81 35.96 23.78
CA ALA B 36 22.81 35.16 23.08
C ALA B 36 21.52 35.95 22.95
N ASP B 37 20.80 35.75 21.85
CA ASP B 37 19.42 36.24 21.74
C ASP B 37 18.48 35.08 22.07
N LEU B 38 17.70 35.24 23.12
CA LEU B 38 16.81 34.19 23.59
C LEU B 38 15.58 33.96 22.69
N LYS B 39 15.00 35.05 22.19
CA LYS B 39 13.75 34.98 21.43
C LYS B 39 13.91 34.20 20.11
N SER B 40 14.96 34.51 19.36
CA SER B 40 15.22 33.80 18.12
C SER B 40 15.69 32.37 18.37
N THR B 41 16.50 32.17 19.41
CA THR B 41 16.91 30.83 19.80
C THR B 41 15.66 29.97 20.07
N GLN B 42 14.76 30.49 20.90
CA GLN B 42 13.54 29.75 21.28
C GLN B 42 12.62 29.47 20.08
N ALA B 43 12.47 30.46 19.20
CA ALA B 43 11.66 30.32 18.00
C ALA B 43 12.09 29.14 17.14
N ALA B 44 13.40 28.94 17.04
CA ALA B 44 13.94 27.83 16.27
C ALA B 44 13.75 26.51 17.00
N ILE B 45 14.02 26.50 18.31
CA ILE B 45 13.91 25.29 19.14
C ILE B 45 12.45 24.80 19.21
N ASP B 46 11.52 25.74 19.39
CA ASP B 46 10.09 25.42 19.46
C ASP B 46 9.63 24.69 18.20
N GLN B 47 10.11 25.18 17.06
CA GLN B 47 9.70 24.63 15.76
C GLN B 47 10.26 23.26 15.58
N ILE B 48 11.53 23.10 15.89
CA ILE B 48 12.14 21.77 15.86
C ILE B 48 11.46 20.78 16.84
N ASN B 49 11.21 21.22 18.07
CA ASN B 49 10.49 20.35 19.02
C ASN B 49 9.12 19.95 18.49
N GLY B 50 8.44 20.90 17.83
CA GLY B 50 7.16 20.65 17.16
C GLY B 50 7.21 19.49 16.17
N LYS B 51 8.18 19.52 15.26
CA LYS B 51 8.46 18.43 14.31
C LYS B 51 8.66 17.09 15.00
N LEU B 52 9.53 17.13 16.00
CA LEU B 52 9.93 15.96 16.75
C LEU B 52 8.70 15.32 17.39
N ASN B 53 7.83 16.11 18.01
CA ASN B 53 6.59 15.57 18.54
C ASN B 53 5.66 15.00 17.48
N ARG B 54 5.62 15.66 16.35
CA ARG B 54 4.72 15.31 15.27
C ARG B 54 5.09 13.97 14.63
N VAL B 55 6.38 13.65 14.58
CA VAL B 55 6.84 12.41 13.99
C VAL B 55 6.53 11.15 14.85
N ILE B 56 6.51 11.28 16.18
CA ILE B 56 6.25 10.17 17.12
C ILE B 56 4.77 10.04 17.50
N GLU B 57 4.07 11.17 17.44
CA GLU B 57 2.66 11.37 17.75
C GLU B 57 1.74 10.15 17.70
N ARG B 58 1.75 9.47 16.55
CA ARG B 58 0.78 8.44 16.24
C ARG B 58 1.50 7.15 15.81
N THR B 59 1.83 6.32 16.80
CA THR B 59 2.41 4.99 16.58
C THR B 59 1.33 3.90 16.80
N ASN B 60 1.06 3.11 15.77
CA ASN B 60 -0.10 2.19 15.78
C ASN B 60 0.08 0.97 16.66
N GLU B 61 -1.04 0.45 17.17
CA GLU B 61 -1.03 -0.80 17.91
C GLU B 61 -1.65 -1.90 17.04
N LYS B 62 -0.83 -2.82 16.53
CA LYS B 62 -1.35 -3.95 15.72
C LYS B 62 -1.24 -5.29 16.45
N PHE B 63 -2.16 -6.20 16.17
CA PHE B 63 -2.23 -7.47 16.88
C PHE B 63 -1.95 -8.66 15.95
N HIS B 64 -2.95 -9.51 15.75
CA HIS B 64 -2.82 -10.60 14.80
C HIS B 64 -2.77 -10.05 13.39
N GLN B 65 -1.84 -10.59 12.60
CA GLN B 65 -1.63 -10.17 11.22
C GLN B 65 -1.55 -11.39 10.30
N ILE B 66 -0.76 -11.33 9.24
CA ILE B 66 -0.51 -12.50 8.39
C ILE B 66 0.86 -13.10 8.70
N GLU B 67 1.05 -14.36 8.36
CA GLU B 67 2.37 -14.98 8.42
C GLU B 67 3.32 -14.35 7.40
N LYS B 68 4.59 -14.27 7.75
CA LYS B 68 5.58 -13.60 6.91
C LYS B 68 6.82 -14.44 6.61
N GLU B 69 6.97 -15.58 7.28
CA GLU B 69 8.03 -16.56 6.98
C GLU B 69 7.38 -17.94 6.83
N PHE B 70 7.94 -18.80 5.97
CA PHE B 70 7.29 -20.08 5.63
C PHE B 70 8.22 -21.27 5.60
N SER B 71 7.75 -22.38 6.17
CA SER B 71 8.45 -23.66 6.19
C SER B 71 8.34 -24.41 4.86
N GLU B 72 7.16 -24.42 4.28
CA GLU B 72 6.91 -25.23 3.10
C GLU B 72 6.70 -24.36 1.88
N VAL B 73 6.93 -24.97 0.73
CA VAL B 73 6.69 -24.33 -0.55
C VAL B 73 5.21 -24.55 -0.86
N GLU B 74 4.50 -23.50 -1.27
CA GLU B 74 3.04 -23.58 -1.43
C GLU B 74 2.49 -23.00 -2.74
N GLY B 75 3.15 -21.98 -3.28
CA GLY B 75 2.70 -21.39 -4.53
C GLY B 75 1.79 -20.18 -4.36
N ARG B 76 0.64 -20.24 -5.03
CA ARG B 76 -0.19 -19.07 -5.26
C ARG B 76 -0.43 -18.19 -4.04
N ILE B 77 -1.01 -18.76 -2.98
CA ILE B 77 -1.43 -17.92 -1.87
C ILE B 77 -0.24 -17.43 -1.02
N GLN B 78 0.83 -18.22 -0.94
CA GLN B 78 2.08 -17.76 -0.32
C GLN B 78 2.77 -16.65 -1.12
N ASP B 79 2.77 -16.77 -2.46
CA ASP B 79 3.25 -15.71 -3.34
C ASP B 79 2.52 -14.39 -3.04
N LEU B 80 1.20 -14.47 -2.84
CA LEU B 80 0.39 -13.29 -2.56
C LEU B 80 0.65 -12.72 -1.18
N GLU B 81 0.83 -13.60 -0.19
CA GLU B 81 1.15 -13.17 1.17
C GLU B 81 2.50 -12.40 1.23
N LYS B 82 3.51 -12.90 0.52
CA LYS B 82 4.85 -12.30 0.49
C LYS B 82 4.88 -11.01 -0.28
N TYR B 83 4.21 -11.01 -1.44
CA TYR B 83 4.07 -9.82 -2.28
C TYR B 83 3.33 -8.67 -1.55
N VAL B 84 2.27 -9.00 -0.82
CA VAL B 84 1.59 -8.00 0.01
C VAL B 84 2.58 -7.40 1.01
N GLU B 85 3.33 -8.23 1.71
CA GLU B 85 4.28 -7.72 2.70
C GLU B 85 5.39 -6.89 2.06
N ASP B 86 5.90 -7.36 0.93
CA ASP B 86 7.01 -6.70 0.26
C ASP B 86 6.57 -5.32 -0.24
N THR B 87 5.34 -5.24 -0.76
CA THR B 87 4.77 -3.99 -1.25
C THR B 87 4.63 -2.97 -0.12
N LYS B 88 4.13 -3.46 1.01
CA LYS B 88 3.96 -2.64 2.20
C LYS B 88 5.31 -2.03 2.64
N ILE B 89 6.30 -2.88 2.92
CA ILE B 89 7.62 -2.45 3.36
C ILE B 89 8.26 -1.41 2.44
N ASP B 90 8.22 -1.67 1.13
CA ASP B 90 8.73 -0.71 0.16
C ASP B 90 8.03 0.63 0.21
N LEU B 91 6.70 0.62 0.37
CA LEU B 91 5.96 1.88 0.42
C LEU B 91 6.29 2.68 1.69
N TRP B 92 6.44 1.99 2.82
CA TRP B 92 6.84 2.66 4.06
C TRP B 92 8.30 3.15 3.98
N SER B 93 9.17 2.37 3.33
CA SER B 93 10.57 2.74 3.19
C SER B 93 10.72 4.03 2.40
N TYR B 94 9.92 4.15 1.35
CA TYR B 94 9.82 5.39 0.58
C TYR B 94 9.31 6.53 1.46
N ASN B 95 8.20 6.30 2.18
CA ASN B 95 7.65 7.29 3.09
C ASN B 95 8.73 7.81 4.01
N ALA B 96 9.44 6.89 4.66
CA ALA B 96 10.46 7.26 5.62
C ALA B 96 11.58 8.13 5.00
N GLU B 97 12.14 7.69 3.87
CA GLU B 97 13.16 8.42 3.12
C GLU B 97 12.71 9.85 2.72
N LEU B 98 11.51 9.98 2.15
CA LEU B 98 10.99 11.27 1.74
C LEU B 98 10.72 12.22 2.91
N LEU B 99 10.17 11.68 4.00
CA LEU B 99 9.88 12.45 5.19
C LEU B 99 11.17 13.12 5.71
N VAL B 100 12.24 12.35 5.82
CA VAL B 100 13.49 12.85 6.41
C VAL B 100 14.15 13.93 5.51
N ALA B 101 14.12 13.69 4.22
CA ALA B 101 14.65 14.60 3.24
C ALA B 101 13.92 15.96 3.31
N LEU B 102 12.57 15.94 3.29
CA LEU B 102 11.77 17.15 3.33
C LEU B 102 11.97 17.89 4.63
N GLU B 103 11.86 17.18 5.75
CA GLU B 103 12.00 17.77 7.08
C GLU B 103 13.36 18.42 7.24
N ASN B 104 14.42 17.73 6.83
CA ASN B 104 15.78 18.26 6.96
C ASN B 104 15.99 19.53 6.10
N GLN B 105 15.47 19.53 4.87
CA GLN B 105 15.54 20.73 4.04
C GLN B 105 14.82 21.88 4.76
N HIS B 106 13.70 21.56 5.37
CA HIS B 106 12.89 22.57 6.01
C HIS B 106 13.53 23.11 7.32
N THR B 107 14.14 22.21 8.09
CA THR B 107 14.85 22.59 9.30
C THR B 107 16.04 23.51 9.01
N ILE B 108 16.79 23.20 7.97
CA ILE B 108 17.91 24.06 7.57
C ILE B 108 17.38 25.42 7.14
N ASP B 109 16.32 25.44 6.34
CA ASP B 109 15.77 26.71 5.88
C ASP B 109 15.17 27.57 7.03
N LEU B 110 14.47 26.94 7.97
CA LEU B 110 13.83 27.73 9.00
C LEU B 110 14.84 28.31 9.99
N THR B 111 15.96 27.61 10.18
CA THR B 111 17.01 28.13 11.02
C THR B 111 17.74 29.28 10.35
N ASP B 112 17.93 29.16 9.03
CA ASP B 112 18.52 30.20 8.19
C ASP B 112 17.66 31.47 8.30
N ALA B 113 16.36 31.28 8.16
CA ALA B 113 15.38 32.37 8.24
C ALA B 113 15.41 33.09 9.59
N GLU B 114 15.55 32.34 10.68
CA GLU B 114 15.64 33.00 11.98
C GLU B 114 16.84 33.93 12.06
N MET B 115 17.99 33.50 11.52
CA MET B 115 19.20 34.34 11.48
C MET B 115 18.93 35.65 10.73
N ASN B 116 18.29 35.51 9.57
CA ASN B 116 17.93 36.65 8.77
C ASN B 116 16.93 37.60 9.45
N LYS B 117 15.91 37.06 10.13
CA LYS B 117 14.92 37.89 10.82
C LYS B 117 15.58 38.72 11.89
N LEU B 118 16.51 38.11 12.61
CA LEU B 118 17.22 38.79 13.69
C LEU B 118 18.03 39.95 13.15
N PHE B 119 18.71 39.73 12.01
CA PHE B 119 19.44 40.79 11.35
C PHE B 119 18.52 41.95 10.98
N GLU B 120 17.41 41.65 10.32
CA GLU B 120 16.48 42.68 9.89
C GLU B 120 15.83 43.40 11.07
N LYS B 121 15.60 42.70 12.18
CA LYS B 121 15.05 43.30 13.37
C LYS B 121 16.03 44.36 13.89
N THR B 122 17.32 44.04 13.81
CA THR B 122 18.34 44.95 14.27
C THR B 122 18.41 46.17 13.34
N ARG B 123 18.38 45.93 12.02
CA ARG B 123 18.41 47.02 11.06
C ARG B 123 17.27 48.01 11.30
N ARG B 124 16.06 47.51 11.50
CA ARG B 124 14.89 48.38 11.74
C ARG B 124 15.08 49.31 12.96
N GLN B 125 15.59 48.77 14.06
CA GLN B 125 15.78 49.55 15.30
C GLN B 125 16.77 50.67 15.11
N LEU B 126 17.86 50.37 14.42
CA LEU B 126 18.98 51.30 14.27
C LEU B 126 18.66 52.46 13.33
N ARG B 127 17.79 52.19 12.35
CA ARG B 127 17.28 53.25 11.47
C ARG B 127 18.45 54.01 10.81
N GLU B 128 18.49 55.34 10.92
CA GLU B 128 19.56 56.15 10.29
C GLU B 128 20.86 56.29 11.10
N ASN B 129 21.03 55.50 12.14
CA ASN B 129 22.20 55.64 13.03
C ASN B 129 23.31 54.61 12.78
N ALA B 130 23.10 53.78 11.75
CA ALA B 130 23.98 52.65 11.48
C ALA B 130 23.99 52.34 9.99
N GLU B 131 25.05 51.67 9.52
CA GLU B 131 25.14 51.18 8.13
C GLU B 131 25.57 49.72 8.15
N ASP B 132 25.16 48.97 7.13
CA ASP B 132 25.49 47.55 7.03
C ASP B 132 26.92 47.41 6.49
N MET B 133 27.86 46.89 7.27
CA MET B 133 29.23 46.73 6.76
C MET B 133 29.51 45.38 6.10
N GLY B 134 28.49 44.55 5.96
CA GLY B 134 28.69 43.21 5.45
C GLY B 134 29.09 42.23 6.54
N GLY B 135 28.93 40.95 6.24
CA GLY B 135 29.36 39.88 7.13
C GLY B 135 28.46 39.77 8.34
N GLY B 136 27.28 40.39 8.26
CA GLY B 136 26.36 40.48 9.40
C GLY B 136 26.70 41.58 10.41
N CYS B 137 27.53 42.55 10.04
CA CYS B 137 27.91 43.60 11.00
C CYS B 137 27.36 44.98 10.65
N PHE B 138 26.97 45.73 11.68
CA PHE B 138 26.61 47.12 11.57
C PHE B 138 27.69 48.00 12.15
N LYS B 139 27.99 49.10 11.44
CA LYS B 139 28.72 50.21 12.00
C LYS B 139 27.72 51.19 12.63
N ILE B 140 27.82 51.38 13.94
CA ILE B 140 26.96 52.31 14.67
C ILE B 140 27.71 53.62 14.90
N TYR B 141 27.20 54.71 14.34
CA TYR B 141 27.94 55.98 14.35
C TYR B 141 27.71 56.85 15.59
N HIS B 142 27.74 56.25 16.78
CA HIS B 142 27.64 57.02 18.02
C HIS B 142 28.19 56.21 19.17
N LYS B 143 28.59 56.90 20.24
CA LYS B 143 29.00 56.23 21.47
C LYS B 143 27.87 55.33 21.91
N CYS B 144 28.11 54.03 21.96
CA CYS B 144 27.06 53.08 22.35
C CYS B 144 27.59 52.10 23.39
N ASP B 145 27.47 52.47 24.66
CA ASP B 145 27.99 51.65 25.76
C ASP B 145 27.12 50.41 26.02
N ASN B 146 27.41 49.67 27.08
CA ASN B 146 26.68 48.44 27.37
C ASN B 146 25.17 48.59 27.58
N ALA B 147 24.75 49.66 28.23
CA ALA B 147 23.32 49.96 28.35
C ALA B 147 22.69 50.17 26.97
N CYS B 148 23.40 50.88 26.09
CA CYS B 148 22.94 51.17 24.74
C CYS B 148 22.77 49.88 23.93
N ILE B 149 23.81 49.04 23.95
CA ILE B 149 23.77 47.73 23.30
C ILE B 149 22.64 46.92 23.91
N GLY B 150 22.52 47.03 25.25
CA GLY B 150 21.44 46.40 26.01
C GLY B 150 20.06 46.74 25.50
N SER B 151 19.81 48.04 25.28
CA SER B 151 18.53 48.48 24.75
C SER B 151 18.26 47.88 23.35
N ILE B 152 19.31 47.73 22.55
CA ILE B 152 19.17 47.08 21.23
C ILE B 152 18.77 45.62 21.39
N ARG B 153 19.49 44.90 22.26
CA ARG B 153 19.15 43.51 22.58
C ARG B 153 17.74 43.38 23.18
N ASN B 154 17.35 44.32 24.06
CA ASN B 154 16.02 44.40 24.69
C ASN B 154 14.90 44.74 23.73
N GLY B 155 15.27 45.15 22.52
CA GLY B 155 14.34 45.75 21.57
C GLY B 155 13.72 47.06 22.02
N THR B 156 14.45 47.87 22.80
CA THR B 156 13.90 49.15 23.27
C THR B 156 14.75 50.36 22.88
N TYR B 157 15.75 50.14 22.05
CA TYR B 157 16.64 51.19 21.54
C TYR B 157 15.87 52.33 20.85
N ASP B 158 16.10 53.56 21.30
CA ASP B 158 15.43 54.74 20.77
C ASP B 158 16.39 55.52 19.86
N HIS B 159 16.15 55.45 18.56
CA HIS B 159 17.08 56.04 17.60
C HIS B 159 17.10 57.57 17.70
N TYR B 160 16.00 58.17 18.15
CA TYR B 160 15.92 59.64 18.22
C TYR B 160 16.99 60.24 19.13
N ILE B 161 17.30 59.55 20.23
CA ILE B 161 18.26 60.01 21.23
C ILE B 161 19.65 60.24 20.61
N TYR B 162 20.01 59.40 19.64
CA TYR B 162 21.36 59.40 19.07
C TYR B 162 21.46 60.01 17.67
N ARG B 163 20.31 60.23 17.04
CA ARG B 163 20.25 60.59 15.61
C ARG B 163 21.17 61.74 15.18
N ASP B 164 21.12 62.87 15.89
CA ASP B 164 21.99 64.02 15.57
C ASP B 164 23.48 63.67 15.66
N GLU B 165 23.88 62.97 16.72
CA GLU B 165 25.25 62.55 16.86
C GLU B 165 25.69 61.63 15.74
N ALA B 166 24.81 60.69 15.37
CA ALA B 166 25.11 59.66 14.40
C ALA B 166 25.09 60.18 12.97
N LEU B 167 24.13 61.07 12.68
CA LEU B 167 23.95 61.63 11.34
C LEU B 167 25.17 62.47 11.01
N ASN B 168 25.62 63.22 12.01
CA ASN B 168 26.82 64.01 11.91
C ASN B 168 28.07 63.17 11.67
N ASN B 169 28.23 62.08 12.43
CA ASN B 169 29.36 61.17 12.23
C ASN B 169 29.35 60.47 10.87
N ARG B 170 28.16 60.23 10.33
CA ARG B 170 27.99 59.56 9.05
C ARG B 170 28.39 60.40 7.84
N PHE B 171 28.01 61.66 7.86
CA PHE B 171 28.30 62.58 6.74
C PHE B 171 29.18 63.71 7.25
N GLN B 172 29.47 64.70 6.40
CA GLN B 172 30.12 65.99 6.78
C GLN B 172 31.25 66.42 5.83
N ASN C 2 31.04 62.85 -16.73
CA ASN C 2 30.25 61.62 -16.34
C ASN C 2 30.52 61.22 -14.88
N ASN C 3 29.46 60.89 -14.17
CA ASN C 3 29.56 60.70 -12.73
C ASN C 3 28.54 59.73 -12.14
N THR C 4 27.91 58.95 -13.01
CA THR C 4 27.03 57.88 -12.56
C THR C 4 27.20 56.65 -13.41
N ALA C 5 26.62 55.56 -12.96
CA ALA C 5 26.56 54.32 -13.73
C ALA C 5 25.29 53.60 -13.31
N THR C 6 24.83 52.69 -14.17
CA THR C 6 23.62 51.92 -13.89
C THR C 6 24.00 50.45 -13.88
N LEU C 7 23.55 49.74 -12.85
CA LEU C 7 23.84 48.34 -12.72
C LEU C 7 22.55 47.57 -12.42
N CYS C 8 22.15 46.73 -13.37
CA CYS C 8 20.88 46.00 -13.31
C CYS C 8 21.13 44.50 -13.10
N LEU C 9 20.41 43.90 -12.16
CA LEU C 9 20.54 42.47 -11.92
C LEU C 9 19.46 41.70 -12.64
N GLY C 10 19.80 40.50 -13.13
CA GLY C 10 18.82 39.72 -13.84
C GLY C 10 19.15 38.25 -13.99
N HIS C 11 18.29 37.57 -14.72
CA HIS C 11 18.39 36.13 -14.86
C HIS C 11 18.08 35.77 -16.31
N HIS C 12 18.41 34.56 -16.71
CA HIS C 12 18.27 34.18 -18.10
C HIS C 12 16.84 33.76 -18.40
N ALA C 13 16.57 33.60 -19.69
CA ALA C 13 15.30 33.07 -20.19
C ALA C 13 15.57 32.36 -21.53
N VAL C 14 14.71 31.40 -21.89
CA VAL C 14 14.93 30.66 -23.14
C VAL C 14 13.78 30.84 -24.13
N ALA C 15 14.08 30.64 -25.41
CA ALA C 15 13.06 30.65 -26.46
C ALA C 15 12.01 29.56 -26.25
N ASN C 16 12.44 28.32 -26.01
CA ASN C 16 11.44 27.28 -25.85
C ASN C 16 11.48 26.58 -24.50
N GLY C 17 10.67 27.09 -23.58
CA GLY C 17 10.58 26.56 -22.24
C GLY C 17 9.60 25.42 -22.24
N THR C 18 9.36 24.85 -21.08
CA THR C 18 8.46 23.72 -21.00
C THR C 18 7.59 23.82 -19.76
N LEU C 19 6.34 23.39 -19.89
CA LEU C 19 5.36 23.43 -18.81
C LEU C 19 5.53 22.28 -17.83
N VAL C 20 5.50 22.59 -16.53
CA VAL C 20 5.52 21.58 -15.47
C VAL C 20 4.38 21.84 -14.47
N LYS C 21 4.14 20.87 -13.58
CA LYS C 21 3.13 20.99 -12.51
C LYS C 21 3.80 21.34 -11.19
N THR C 22 3.11 22.10 -10.35
CA THR C 22 3.63 22.42 -9.02
C THR C 22 2.53 22.24 -7.98
N ILE C 23 2.81 22.65 -6.76
CA ILE C 23 1.78 22.61 -5.72
C ILE C 23 0.62 23.55 -6.03
N THR C 24 0.92 24.74 -6.56
CA THR C 24 -0.11 25.74 -6.82
C THR C 24 -0.57 25.87 -8.26
N ASP C 25 0.24 25.41 -9.22
CA ASP C 25 -0.08 25.58 -10.63
C ASP C 25 -0.15 24.24 -11.37
N ASP C 26 -1.18 24.10 -12.18
CA ASP C 26 -1.31 22.91 -13.03
C ASP C 26 -0.31 22.92 -14.19
N GLN C 27 -0.07 24.10 -14.76
CA GLN C 27 0.92 24.28 -15.80
C GLN C 27 1.62 25.61 -15.57
N ILE C 28 2.94 25.58 -15.47
CA ILE C 28 3.75 26.78 -15.37
C ILE C 28 5.07 26.51 -16.12
N GLU C 29 5.56 27.51 -16.84
CA GLU C 29 6.67 27.31 -17.74
C GLU C 29 8.02 27.50 -17.05
N VAL C 30 8.88 26.49 -17.15
CA VAL C 30 10.27 26.60 -16.69
C VAL C 30 11.23 26.56 -17.88
N THR C 31 12.50 26.81 -17.63
CA THR C 31 13.50 26.83 -18.70
C THR C 31 13.82 25.44 -19.25
N ASN C 32 13.62 24.39 -18.45
CA ASN C 32 14.09 23.07 -18.82
C ASN C 32 13.50 22.05 -17.84
N ALA C 33 13.30 20.83 -18.32
CA ALA C 33 12.73 19.77 -17.50
C ALA C 33 13.27 18.42 -17.93
N THR C 34 13.09 17.40 -17.08
CA THR C 34 13.47 16.06 -17.46
C THR C 34 12.33 15.08 -17.16
N GLU C 35 12.14 14.10 -18.04
CA GLU C 35 11.02 13.18 -17.93
C GLU C 35 11.32 12.06 -16.93
N LEU C 36 10.43 11.84 -15.98
CA LEU C 36 10.64 10.81 -14.94
C LEU C 36 9.90 9.48 -15.19
N VAL C 37 9.07 9.47 -16.24
CA VAL C 37 8.25 8.31 -16.62
C VAL C 37 8.79 7.68 -17.90
N GLN C 38 9.17 6.41 -17.82
CA GLN C 38 9.60 5.67 -18.99
C GLN C 38 8.36 5.12 -19.65
N SER C 39 8.09 5.59 -20.87
CA SER C 39 6.87 5.20 -21.55
C SER C 39 7.10 4.52 -22.93
N ILE C 40 8.35 4.36 -23.34
CA ILE C 40 8.65 3.67 -24.60
C ILE C 40 9.51 2.47 -24.30
N SER C 41 9.32 1.41 -25.08
CA SER C 41 10.09 0.20 -24.91
C SER C 41 10.95 -0.04 -26.13
N ILE C 42 12.15 -0.55 -25.88
CA ILE C 42 13.08 -1.03 -26.93
C ILE C 42 12.39 -1.94 -27.97
N GLY C 43 11.31 -2.60 -27.58
CA GLY C 43 10.50 -3.40 -28.52
C GLY C 43 10.79 -4.90 -28.55
N LYS C 44 11.93 -5.28 -27.98
CA LYS C 44 12.34 -6.69 -27.89
C LYS C 44 12.89 -6.97 -26.48
N ILE C 45 13.16 -8.23 -26.17
CA ILE C 45 13.67 -8.63 -24.86
C ILE C 45 15.17 -8.90 -24.93
N CYS C 46 15.96 -8.18 -24.14
CA CYS C 46 17.42 -8.30 -24.16
C CYS C 46 17.93 -9.46 -23.32
N ASN C 47 18.86 -10.23 -23.86
CA ASN C 47 19.33 -11.45 -23.20
C ASN C 47 20.76 -11.41 -22.69
N ASN C 48 21.31 -10.21 -22.49
CA ASN C 48 22.70 -10.08 -22.08
C ASN C 48 22.91 -9.89 -20.57
N SER C 49 21.92 -9.30 -19.89
CA SER C 49 22.01 -9.17 -18.44
C SER C 49 21.44 -10.37 -17.70
N TYR C 50 20.24 -10.82 -18.07
CA TYR C 50 19.65 -12.02 -17.46
C TYR C 50 19.62 -13.16 -18.46
N ARG C 51 19.62 -14.40 -17.96
CA ARG C 51 19.43 -15.56 -18.82
C ARG C 51 17.96 -15.73 -19.16
N VAL C 52 17.60 -15.36 -20.38
CA VAL C 52 16.23 -15.42 -20.85
C VAL C 52 16.08 -16.65 -21.72
N LEU C 53 15.11 -17.50 -21.39
CA LEU C 53 14.87 -18.74 -22.14
C LEU C 53 13.55 -18.68 -22.89
N ASP C 54 13.61 -18.85 -24.21
CA ASP C 54 12.42 -18.91 -25.04
C ASP C 54 11.77 -20.30 -24.94
N GLY C 55 10.53 -20.31 -24.47
CA GLY C 55 9.76 -21.55 -24.30
C GLY C 55 9.09 -22.00 -25.57
N ARG C 56 9.11 -21.13 -26.59
CA ARG C 56 8.68 -21.46 -27.94
C ARG C 56 7.24 -21.95 -28.00
N ASN C 57 7.06 -23.26 -28.12
CA ASN C 57 5.71 -23.82 -28.20
C ASN C 57 5.34 -24.66 -26.99
N CYS C 58 6.13 -24.49 -25.94
CA CYS C 58 5.97 -25.20 -24.71
C CYS C 58 5.60 -24.28 -23.55
N THR C 59 4.57 -24.65 -22.79
CA THR C 59 4.35 -24.04 -21.49
C THR C 59 5.46 -24.57 -20.60
N LEU C 60 5.75 -23.83 -19.54
CA LEU C 60 6.69 -24.31 -18.54
C LEU C 60 6.25 -25.69 -17.99
N ILE C 61 4.94 -25.87 -17.79
CA ILE C 61 4.37 -27.09 -17.25
C ILE C 61 4.62 -28.30 -18.15
N ASP C 62 4.36 -28.14 -19.45
CA ASP C 62 4.56 -29.22 -20.41
C ASP C 62 6.03 -29.59 -20.49
N ALA C 63 6.90 -28.59 -20.52
CA ALA C 63 8.33 -28.82 -20.51
C ALA C 63 8.74 -29.58 -19.25
N MET C 64 8.16 -29.23 -18.11
CA MET C 64 8.43 -29.98 -16.89
C MET C 64 7.95 -31.42 -17.04
N LEU C 65 6.70 -31.60 -17.46
CA LEU C 65 6.10 -32.93 -17.61
C LEU C 65 6.88 -33.82 -18.56
N GLY C 66 7.33 -33.27 -19.69
CA GLY C 66 8.06 -34.06 -20.68
C GLY C 66 7.20 -34.47 -21.86
N ASP C 67 6.36 -33.55 -22.32
CA ASP C 67 5.66 -33.62 -23.59
C ASP C 67 6.70 -33.78 -24.69
N PRO C 68 6.57 -34.83 -25.53
CA PRO C 68 7.54 -35.14 -26.57
C PRO C 68 8.13 -33.93 -27.28
N HIS C 69 7.29 -33.03 -27.79
CA HIS C 69 7.78 -31.87 -28.56
C HIS C 69 8.55 -30.83 -27.72
N CYS C 70 8.64 -31.08 -26.42
CA CYS C 70 9.37 -30.19 -25.50
C CYS C 70 10.66 -30.83 -24.94
N ASP C 71 11.07 -31.93 -25.58
CA ASP C 71 12.26 -32.70 -25.18
C ASP C 71 13.55 -31.88 -24.91
N ASP C 72 13.86 -30.90 -25.76
CA ASP C 72 15.15 -30.18 -25.63
C ASP C 72 15.25 -29.28 -24.38
N PHE C 73 14.12 -29.06 -23.70
CA PHE C 73 14.10 -28.27 -22.48
C PHE C 73 14.51 -29.10 -21.26
N GLN C 74 15.13 -30.25 -21.50
CA GLN C 74 15.31 -31.25 -20.45
C GLN C 74 16.22 -30.89 -19.28
N TYR C 75 17.39 -30.33 -19.57
CA TYR C 75 18.29 -29.92 -18.49
C TYR C 75 18.58 -28.43 -18.57
N GLU C 76 17.52 -27.68 -18.85
CA GLU C 76 17.63 -26.26 -19.09
C GLU C 76 17.36 -25.48 -17.81
N ASN C 77 18.04 -24.35 -17.66
CA ASN C 77 17.78 -23.41 -16.59
C ASN C 77 17.58 -21.99 -17.12
N TRP C 78 17.07 -21.10 -16.28
CA TRP C 78 16.76 -19.74 -16.70
C TRP C 78 16.79 -18.80 -15.52
N ASP C 79 16.91 -17.51 -15.79
CA ASP C 79 16.48 -16.48 -14.83
C ASP C 79 15.02 -16.14 -15.12
N LEU C 80 14.68 -15.96 -16.40
CA LEU C 80 13.31 -15.72 -16.83
C LEU C 80 12.89 -16.68 -17.94
N PHE C 81 11.81 -17.43 -17.70
CA PHE C 81 11.21 -18.31 -18.70
C PHE C 81 10.07 -17.59 -19.44
N ILE C 82 10.12 -17.60 -20.78
CA ILE C 82 9.15 -16.87 -21.60
C ILE C 82 8.10 -17.76 -22.26
N GLU C 83 6.84 -17.54 -21.90
CA GLU C 83 5.74 -18.34 -22.45
C GLU C 83 5.05 -17.69 -23.64
N ARG C 84 5.03 -18.38 -24.77
CA ARG C 84 4.41 -17.85 -26.00
C ARG C 84 2.95 -18.23 -26.05
N SER C 85 2.13 -17.31 -26.56
CA SER C 85 0.69 -17.54 -26.69
C SER C 85 0.36 -18.59 -27.75
N SER C 86 1.38 -19.01 -28.50
CA SER C 86 1.23 -20.09 -29.48
C SER C 86 1.57 -21.47 -28.91
N ALA C 87 1.89 -21.53 -27.62
CA ALA C 87 2.25 -22.81 -27.01
C ALA C 87 1.12 -23.83 -27.10
N PHE C 88 1.45 -25.12 -27.13
CA PHE C 88 0.45 -26.17 -27.23
C PHE C 88 0.90 -27.48 -26.62
N SER C 89 -0.04 -28.17 -25.98
CA SER C 89 0.19 -29.50 -25.44
C SER C 89 0.00 -30.54 -26.54
N ASN C 90 0.89 -31.53 -26.61
CA ASN C 90 0.75 -32.61 -27.58
C ASN C 90 1.05 -33.97 -26.97
N CYS C 91 0.31 -34.29 -25.90
CA CYS C 91 0.40 -35.60 -25.24
C CYS C 91 -1.01 -36.02 -24.83
N TYR C 92 -1.14 -36.89 -23.83
CA TYR C 92 -2.46 -37.22 -23.29
C TYR C 92 -3.13 -35.95 -22.73
N PRO C 93 -4.47 -35.82 -22.92
CA PRO C 93 -5.19 -34.74 -22.26
C PRO C 93 -5.08 -34.89 -20.76
N TYR C 94 -4.73 -33.80 -20.09
CA TYR C 94 -4.48 -33.82 -18.66
C TYR C 94 -5.04 -32.57 -18.00
N ASP C 95 -5.21 -32.63 -16.69
CA ASP C 95 -5.48 -31.42 -15.95
C ASP C 95 -4.80 -31.46 -14.57
N ILE C 96 -4.41 -30.28 -14.07
CA ILE C 96 -3.72 -30.15 -12.79
C ILE C 96 -4.49 -29.25 -11.81
N PRO C 97 -5.19 -29.84 -10.83
CA PRO C 97 -5.79 -29.03 -9.76
C PRO C 97 -4.75 -28.07 -9.18
N ASP C 98 -5.14 -26.82 -8.98
CA ASP C 98 -4.20 -25.77 -8.60
C ASP C 98 -2.91 -25.76 -9.47
N TYR C 99 -3.12 -25.88 -10.78
CA TYR C 99 -2.13 -25.63 -11.84
C TYR C 99 -1.25 -24.42 -11.53
N ALA C 100 -1.87 -23.27 -11.29
CA ALA C 100 -1.12 -22.01 -11.11
C ALA C 100 0.04 -22.11 -10.10
N SER C 101 -0.21 -22.78 -8.99
CA SER C 101 0.79 -22.97 -7.96
C SER C 101 1.97 -23.82 -8.42
N LEU C 102 1.72 -24.88 -9.19
CA LEU C 102 2.81 -25.73 -9.67
C LEU C 102 3.70 -24.93 -10.62
N ARG C 103 3.06 -24.25 -11.57
CA ARG C 103 3.75 -23.37 -12.50
C ARG C 103 4.62 -22.34 -11.75
N SER C 104 4.03 -21.67 -10.75
CA SER C 104 4.78 -20.72 -9.93
C SER C 104 6.00 -21.34 -9.22
N ILE C 105 5.78 -22.48 -8.56
CA ILE C 105 6.84 -23.19 -7.84
C ILE C 105 8.00 -23.53 -8.76
N VAL C 106 7.70 -24.20 -9.88
CA VAL C 106 8.72 -24.52 -10.89
C VAL C 106 9.40 -23.25 -11.41
N ALA C 107 8.61 -22.26 -11.84
CA ALA C 107 9.15 -21.01 -12.38
C ALA C 107 10.22 -20.40 -11.46
N SER C 108 9.86 -20.33 -10.18
CA SER C 108 10.68 -19.77 -9.13
C SER C 108 11.99 -20.55 -8.94
N SER C 109 11.90 -21.87 -9.08
CA SER C 109 13.05 -22.76 -8.90
C SER C 109 14.17 -22.50 -9.93
N GLY C 110 13.79 -22.24 -11.18
CA GLY C 110 14.73 -21.77 -12.19
C GLY C 110 15.42 -22.84 -13.02
N THR C 111 15.21 -24.10 -12.66
CA THR C 111 15.85 -25.21 -13.33
C THR C 111 14.85 -26.32 -13.63
N LEU C 112 15.12 -27.09 -14.68
CA LEU C 112 14.40 -28.33 -14.95
C LEU C 112 15.29 -29.57 -14.76
N GLU C 113 16.31 -29.45 -13.92
CA GLU C 113 17.23 -30.57 -13.73
C GLU C 113 16.58 -31.66 -12.88
N PHE C 114 16.50 -32.85 -13.49
CA PHE C 114 15.72 -33.96 -12.98
C PHE C 114 16.66 -35.11 -12.60
N THR C 115 16.30 -35.83 -11.54
CA THR C 115 17.12 -36.93 -11.03
C THR C 115 16.28 -38.21 -10.94
N ALA C 116 16.64 -39.20 -11.76
CA ALA C 116 15.99 -40.50 -11.72
C ALA C 116 16.35 -41.24 -10.44
N GLU C 117 15.39 -41.98 -9.91
CA GLU C 117 15.59 -42.81 -8.72
C GLU C 117 15.09 -44.22 -8.97
N GLY C 118 15.62 -45.17 -8.21
CA GLY C 118 15.32 -46.59 -8.40
C GLY C 118 14.05 -47.05 -7.73
N PHE C 119 12.90 -46.55 -8.18
CA PHE C 119 11.61 -47.09 -7.76
C PHE C 119 11.46 -48.48 -8.34
N THR C 120 11.17 -49.47 -7.50
CA THR C 120 10.95 -50.83 -7.96
C THR C 120 9.45 -51.11 -7.98
N TRP C 121 8.91 -51.32 -9.18
CA TRP C 121 7.50 -51.68 -9.35
C TRP C 121 7.41 -53.15 -9.75
N THR C 122 7.50 -54.02 -8.75
CA THR C 122 7.43 -55.47 -8.96
C THR C 122 5.98 -55.88 -9.17
N GLY C 123 5.75 -56.76 -10.14
CA GLY C 123 4.40 -57.24 -10.43
C GLY C 123 3.55 -56.39 -11.37
N VAL C 124 4.14 -55.30 -11.89
CA VAL C 124 3.48 -54.50 -12.94
C VAL C 124 4.44 -54.19 -14.10
N THR C 125 3.88 -54.01 -15.29
CA THR C 125 4.69 -53.53 -16.43
C THR C 125 4.78 -52.01 -16.46
N GLN C 126 5.96 -51.52 -16.81
CA GLN C 126 6.28 -50.11 -16.75
C GLN C 126 6.29 -49.50 -18.15
N ASN C 127 6.43 -48.18 -18.21
CA ASN C 127 6.58 -47.44 -19.46
C ASN C 127 5.41 -47.54 -20.45
N GLY C 128 4.19 -47.44 -19.95
CA GLY C 128 3.00 -47.38 -20.80
C GLY C 128 2.96 -46.14 -21.68
N GLY C 129 2.50 -46.32 -22.91
CA GLY C 129 2.38 -45.23 -23.89
C GLY C 129 1.03 -45.15 -24.57
N SER C 130 0.81 -44.03 -25.27
CA SER C 130 -0.46 -43.76 -25.96
C SER C 130 -0.26 -43.16 -27.36
N GLY C 131 -1.22 -43.44 -28.24
CA GLY C 131 -1.29 -42.83 -29.57
C GLY C 131 -1.36 -41.31 -29.52
N ALA C 132 -2.02 -40.78 -28.49
CA ALA C 132 -2.17 -39.31 -28.32
C ALA C 132 -0.85 -38.58 -28.10
N CYS C 133 0.15 -39.32 -27.63
CA CYS C 133 1.42 -38.76 -27.21
C CYS C 133 2.58 -39.35 -28.01
N LYS C 134 2.63 -39.06 -29.32
CA LYS C 134 3.66 -39.59 -30.19
C LYS C 134 5.05 -39.02 -29.89
N ARG C 135 6.01 -39.92 -29.70
CA ARG C 135 7.43 -39.57 -29.59
C ARG C 135 8.16 -40.10 -30.81
N GLY C 136 8.69 -39.18 -31.61
CA GLY C 136 9.22 -39.54 -32.92
C GLY C 136 8.10 -40.16 -33.72
N SER C 137 8.09 -41.49 -33.80
CA SER C 137 7.05 -42.20 -34.50
C SER C 137 6.28 -43.18 -33.62
N ALA C 138 6.80 -43.42 -32.41
CA ALA C 138 6.23 -44.40 -31.49
C ALA C 138 5.19 -43.79 -30.54
N ASP C 139 4.21 -44.63 -30.16
CA ASP C 139 3.27 -44.28 -29.09
C ASP C 139 4.07 -44.13 -27.79
N SER C 140 3.91 -42.99 -27.12
CA SER C 140 4.78 -42.68 -25.97
C SER C 140 4.05 -41.93 -24.87
N PHE C 141 4.81 -41.29 -23.99
CA PHE C 141 4.26 -40.66 -22.79
C PHE C 141 5.16 -39.52 -22.32
N PHE C 142 4.72 -38.83 -21.25
CA PHE C 142 5.51 -37.80 -20.59
C PHE C 142 6.81 -38.39 -20.05
N SER C 143 7.95 -37.90 -20.53
CA SER C 143 9.25 -38.46 -20.19
C SER C 143 9.53 -38.55 -18.69
N ARG C 144 8.86 -37.72 -17.90
CA ARG C 144 9.11 -37.71 -16.46
C ARG C 144 8.10 -38.53 -15.67
N LEU C 145 7.10 -39.08 -16.37
CA LEU C 145 6.07 -39.93 -15.76
C LEU C 145 6.06 -41.37 -16.29
N ASN C 146 5.56 -42.28 -15.45
CA ASN C 146 5.62 -43.70 -15.74
C ASN C 146 4.26 -44.37 -15.67
N TRP C 147 3.69 -44.68 -16.84
CA TRP C 147 2.35 -45.28 -16.92
C TRP C 147 2.40 -46.76 -16.58
N LEU C 148 1.79 -47.11 -15.45
CA LEU C 148 1.82 -48.48 -14.94
C LEU C 148 0.50 -49.18 -15.21
N THR C 149 0.59 -50.38 -15.79
CA THR C 149 -0.56 -51.25 -16.07
C THR C 149 -0.25 -52.70 -15.68
N LYS C 150 -1.29 -53.54 -15.76
CA LYS C 150 -1.19 -54.95 -15.39
C LYS C 150 -0.09 -55.69 -16.15
N SER C 151 0.61 -56.57 -15.43
CA SER C 151 1.66 -57.40 -15.98
C SER C 151 1.09 -58.78 -16.26
N GLY C 152 0.62 -58.97 -17.50
CA GLY C 152 -0.04 -60.21 -17.92
C GLY C 152 -1.27 -60.54 -17.11
N ASN C 153 -1.04 -61.10 -15.92
CA ASN C 153 -2.10 -61.69 -15.09
C ASN C 153 -2.83 -60.71 -14.16
N SER C 154 -2.10 -59.98 -13.33
CA SER C 154 -2.73 -59.15 -12.29
C SER C 154 -2.13 -57.76 -12.13
N TYR C 155 -2.70 -57.01 -11.18
CA TYR C 155 -2.17 -55.71 -10.75
C TYR C 155 -2.22 -55.71 -9.21
N PRO C 156 -1.08 -56.00 -8.57
CA PRO C 156 -1.04 -56.16 -7.11
C PRO C 156 -0.92 -54.82 -6.42
N ILE C 157 -1.17 -54.80 -5.11
CA ILE C 157 -1.06 -53.56 -4.32
C ILE C 157 0.39 -53.13 -4.24
N LEU C 158 0.68 -51.97 -4.84
CA LEU C 158 2.03 -51.39 -4.87
C LEU C 158 2.31 -50.64 -3.58
N ASN C 159 3.48 -50.90 -3.00
CA ASN C 159 3.89 -50.25 -1.77
C ASN C 159 5.36 -49.86 -1.82
N VAL C 160 5.61 -48.60 -2.15
CA VAL C 160 6.94 -48.13 -2.51
C VAL C 160 7.37 -46.99 -1.60
N THR C 161 8.66 -46.94 -1.25
CA THR C 161 9.19 -45.83 -0.45
C THR C 161 10.50 -45.28 -1.01
N MET C 162 10.72 -43.99 -0.79
CA MET C 162 11.95 -43.33 -1.20
C MET C 162 12.35 -42.32 -0.13
N PRO C 163 13.51 -42.51 0.51
CA PRO C 163 13.92 -41.56 1.54
C PRO C 163 14.41 -40.25 0.94
N ASN C 164 14.26 -39.15 1.65
CA ASN C 164 14.96 -37.94 1.27
C ASN C 164 16.09 -37.67 2.24
N ASN C 165 17.25 -38.21 1.91
CA ASN C 165 18.46 -38.02 2.71
C ASN C 165 19.24 -36.80 2.24
N LYS C 166 18.72 -36.10 1.24
CA LYS C 166 19.37 -34.89 0.76
C LYS C 166 19.11 -33.74 1.74
N ASN C 167 19.72 -32.58 1.51
CA ASN C 167 19.54 -31.44 2.39
C ASN C 167 18.66 -30.33 1.78
N PHE C 168 17.88 -30.70 0.78
CA PHE C 168 16.96 -29.78 0.13
C PHE C 168 15.60 -30.46 -0.07
N ASP C 169 14.55 -29.66 -0.28
CA ASP C 169 13.24 -30.21 -0.52
C ASP C 169 13.21 -30.85 -1.91
N LYS C 170 12.61 -32.04 -1.99
CA LYS C 170 12.38 -32.73 -3.25
C LYS C 170 10.96 -32.45 -3.75
N LEU C 171 10.83 -32.16 -5.05
CA LEU C 171 9.51 -32.05 -5.66
C LEU C 171 9.20 -33.28 -6.53
N TYR C 172 8.19 -34.04 -6.09
CA TYR C 172 7.72 -35.22 -6.84
C TYR C 172 6.46 -34.93 -7.65
N ILE C 173 6.51 -35.34 -8.92
CA ILE C 173 5.37 -35.23 -9.82
C ILE C 173 4.76 -36.62 -10.06
N TRP C 174 3.48 -36.76 -9.77
CA TRP C 174 2.78 -38.04 -9.95
C TRP C 174 1.31 -37.78 -10.32
N GLY C 175 0.62 -38.82 -10.78
CA GLY C 175 -0.76 -38.65 -11.24
C GLY C 175 -1.64 -39.88 -11.23
N ILE C 176 -2.86 -39.72 -11.76
CA ILE C 176 -3.81 -40.82 -11.84
C ILE C 176 -4.52 -40.84 -13.19
N HIS C 177 -4.71 -42.03 -13.76
CA HIS C 177 -5.45 -42.17 -15.03
C HIS C 177 -6.94 -42.33 -14.78
N HIS C 178 -7.72 -41.47 -15.42
CA HIS C 178 -9.17 -41.57 -15.45
C HIS C 178 -9.58 -42.26 -16.75
N PRO C 179 -9.97 -43.55 -16.69
CA PRO C 179 -10.38 -44.27 -17.90
C PRO C 179 -11.75 -43.81 -18.41
N SER C 180 -11.94 -43.86 -19.73
CA SER C 180 -13.21 -43.45 -20.33
C SER C 180 -14.33 -44.49 -20.23
N SER C 181 -13.98 -45.75 -19.92
CA SER C 181 -14.96 -46.84 -19.83
C SER C 181 -14.59 -47.90 -18.79
N ASN C 182 -15.55 -48.77 -18.47
CA ASN C 182 -15.37 -49.80 -17.44
C ASN C 182 -14.43 -50.93 -17.84
N LYS C 183 -14.47 -51.34 -19.10
CA LYS C 183 -13.57 -52.39 -19.59
C LYS C 183 -12.14 -51.88 -19.78
N GLU C 184 -12.00 -50.60 -20.12
CA GLU C 184 -10.68 -49.97 -20.18
C GLU C 184 -10.00 -50.02 -18.81
N GLN C 185 -10.79 -49.79 -17.76
CA GLN C 185 -10.32 -49.88 -16.38
C GLN C 185 -9.78 -51.27 -16.05
N THR C 186 -10.58 -52.29 -16.34
CA THR C 186 -10.25 -53.68 -16.02
C THR C 186 -9.18 -54.24 -16.96
N LYS C 187 -9.14 -53.76 -18.20
CA LYS C 187 -8.12 -54.19 -19.14
C LYS C 187 -6.72 -53.81 -18.68
N LEU C 188 -6.54 -52.54 -18.30
CA LEU C 188 -5.24 -52.02 -17.88
C LEU C 188 -4.87 -52.32 -16.42
N TYR C 189 -5.85 -52.28 -15.52
CA TYR C 189 -5.54 -52.35 -14.09
C TYR C 189 -6.21 -53.47 -13.27
N ILE C 190 -6.88 -54.41 -13.96
CA ILE C 190 -7.55 -55.55 -13.31
C ILE C 190 -8.70 -55.14 -12.36
N GLN C 191 -8.37 -54.40 -11.30
CA GLN C 191 -9.35 -53.97 -10.30
C GLN C 191 -10.44 -53.09 -10.89
N GLU C 192 -11.64 -53.17 -10.33
CA GLU C 192 -12.78 -52.40 -10.80
C GLU C 192 -12.70 -50.92 -10.42
N SER C 193 -12.14 -50.62 -9.26
CA SER C 193 -11.94 -49.24 -8.83
C SER C 193 -10.57 -49.05 -8.17
N GLY C 194 -9.72 -48.22 -8.79
CA GLY C 194 -8.36 -48.00 -8.31
C GLY C 194 -8.23 -46.92 -7.26
N ARG C 195 -6.99 -46.66 -6.86
CA ARG C 195 -6.67 -45.65 -5.85
C ARG C 195 -5.18 -45.33 -5.84
N VAL C 196 -4.86 -44.07 -5.53
CA VAL C 196 -3.49 -43.68 -5.23
C VAL C 196 -3.46 -42.93 -3.90
N THR C 197 -2.60 -43.40 -3.00
CA THR C 197 -2.23 -42.64 -1.80
C THR C 197 -0.74 -42.34 -1.79
N VAL C 198 -0.41 -41.05 -1.71
CA VAL C 198 0.96 -40.58 -1.59
C VAL C 198 1.09 -39.88 -0.24
N SER C 199 2.05 -40.34 0.56
CA SER C 199 2.18 -39.79 1.91
C SER C 199 3.63 -39.60 2.33
N THR C 200 3.79 -38.79 3.38
CA THR C 200 5.05 -38.67 4.10
C THR C 200 4.74 -38.84 5.58
N GLU C 201 5.66 -38.39 6.44
CA GLU C 201 5.45 -38.48 7.88
C GLU C 201 4.56 -37.35 8.38
N ARG C 202 4.29 -36.40 7.49
CA ARG C 202 3.62 -35.16 7.90
C ARG C 202 2.46 -34.78 6.95
N SER C 203 2.27 -35.55 5.89
CA SER C 203 1.27 -35.20 4.90
C SER C 203 0.79 -36.43 4.13
N GLN C 204 -0.45 -36.38 3.67
CA GLN C 204 -1.04 -37.44 2.87
C GLN C 204 -1.95 -36.90 1.79
N GLN C 205 -1.96 -37.54 0.63
CA GLN C 205 -2.87 -37.16 -0.45
C GLN C 205 -3.49 -38.42 -1.00
N THR C 206 -4.80 -38.43 -1.12
CA THR C 206 -5.51 -39.61 -1.66
C THR C 206 -6.41 -39.24 -2.83
N VAL C 207 -6.29 -39.99 -3.92
CA VAL C 207 -7.03 -39.71 -5.14
C VAL C 207 -7.70 -40.97 -5.68
N ILE C 208 -9.01 -40.91 -5.90
CA ILE C 208 -9.76 -42.02 -6.47
C ILE C 208 -10.18 -41.66 -7.90
N PRO C 209 -9.85 -42.54 -8.88
CA PRO C 209 -10.22 -42.24 -10.27
C PRO C 209 -11.72 -42.14 -10.45
N ASN C 210 -12.14 -41.42 -11.48
CA ASN C 210 -13.53 -41.33 -11.83
C ASN C 210 -13.65 -41.89 -13.22
N ILE C 211 -14.17 -43.10 -13.31
CA ILE C 211 -14.31 -43.78 -14.58
C ILE C 211 -15.44 -43.09 -15.33
N GLY C 212 -15.20 -42.75 -16.59
CA GLY C 212 -16.23 -42.13 -17.40
C GLY C 212 -15.68 -41.36 -18.56
N SER C 213 -16.59 -40.88 -19.40
CA SER C 213 -16.23 -40.15 -20.61
C SER C 213 -16.14 -38.64 -20.36
N ARG C 214 -15.10 -38.04 -20.94
CA ARG C 214 -14.92 -36.59 -21.01
C ARG C 214 -14.85 -36.23 -22.48
N PRO C 215 -15.04 -34.94 -22.83
CA PRO C 215 -14.90 -34.52 -24.23
C PRO C 215 -13.64 -35.05 -24.91
N TRP C 216 -13.82 -35.44 -26.18
CA TRP C 216 -12.78 -35.99 -27.02
C TRP C 216 -11.68 -34.95 -27.22
N VAL C 217 -10.45 -35.31 -26.86
CA VAL C 217 -9.28 -34.44 -27.04
C VAL C 217 -8.11 -35.30 -27.51
N ARG C 218 -7.49 -34.89 -28.61
CA ARG C 218 -6.37 -35.60 -29.23
C ARG C 218 -6.57 -37.13 -29.25
N GLY C 219 -7.79 -37.56 -29.57
CA GLY C 219 -8.11 -38.98 -29.62
C GLY C 219 -8.67 -39.54 -28.32
N GLN C 220 -8.41 -38.87 -27.21
CA GLN C 220 -8.74 -39.43 -25.90
C GLN C 220 -10.01 -38.90 -25.25
N SER C 221 -10.69 -39.80 -24.56
CA SER C 221 -11.93 -39.52 -23.84
C SER C 221 -11.67 -39.60 -22.33
N GLY C 222 -10.56 -40.22 -21.96
CA GLY C 222 -10.13 -40.28 -20.58
C GLY C 222 -9.28 -39.06 -20.24
N ARG C 223 -8.85 -38.97 -18.98
CA ARG C 223 -7.97 -37.89 -18.57
C ARG C 223 -6.83 -38.40 -17.69
N ILE C 224 -5.82 -37.56 -17.53
CA ILE C 224 -4.78 -37.81 -16.55
C ILE C 224 -4.72 -36.59 -15.63
N SER C 225 -5.02 -36.82 -14.36
CA SER C 225 -4.91 -35.77 -13.34
C SER C 225 -3.51 -35.77 -12.74
N ILE C 226 -2.88 -34.59 -12.71
CA ILE C 226 -1.52 -34.42 -12.18
C ILE C 226 -1.51 -33.74 -10.82
N TYR C 227 -0.80 -34.37 -9.88
CA TYR C 227 -0.63 -33.89 -8.51
C TYR C 227 0.86 -33.80 -8.18
N TRP C 228 1.20 -33.12 -7.09
CA TRP C 228 2.61 -33.04 -6.68
C TRP C 228 2.80 -33.16 -5.19
N THR C 229 4.02 -33.54 -4.81
CA THR C 229 4.35 -33.72 -3.40
C THR C 229 5.76 -33.19 -3.16
N ILE C 230 5.93 -32.53 -2.02
CA ILE C 230 7.21 -32.00 -1.63
C ILE C 230 7.63 -32.76 -0.39
N VAL C 231 8.80 -33.39 -0.47
CA VAL C 231 9.31 -34.18 0.64
C VAL C 231 10.48 -33.45 1.26
N LYS C 232 10.44 -33.29 2.57
CA LYS C 232 11.46 -32.53 3.28
C LYS C 232 12.66 -33.38 3.69
N PRO C 233 13.85 -32.76 3.80
CA PRO C 233 14.99 -33.52 4.28
C PRO C 233 14.64 -34.29 5.55
N GLY C 234 15.10 -35.53 5.67
CA GLY C 234 14.83 -36.34 6.85
C GLY C 234 13.54 -37.12 6.78
N ASP C 235 12.67 -36.75 5.84
CA ASP C 235 11.36 -37.39 5.70
C ASP C 235 11.45 -38.52 4.66
N ILE C 236 10.32 -39.16 4.36
CA ILE C 236 10.31 -40.28 3.41
C ILE C 236 9.01 -40.36 2.60
N LEU C 237 9.14 -40.37 1.27
CA LEU C 237 8.01 -40.54 0.36
C LEU C 237 7.45 -41.98 0.38
N MET C 238 6.12 -42.11 0.42
CA MET C 238 5.46 -43.42 0.30
C MET C 238 4.31 -43.39 -0.71
N ILE C 239 4.33 -44.37 -1.62
CA ILE C 239 3.32 -44.51 -2.67
C ILE C 239 2.56 -45.85 -2.58
N ASN C 240 1.28 -45.73 -2.25
CA ASN C 240 0.38 -46.86 -2.02
C ASN C 240 -0.70 -46.81 -3.10
N SER C 241 -0.86 -47.92 -3.83
CA SER C 241 -1.84 -47.99 -4.92
C SER C 241 -2.30 -49.41 -5.18
N ASN C 242 -3.54 -49.53 -5.67
CA ASN C 242 -4.04 -50.79 -6.21
C ASN C 242 -4.48 -50.68 -7.68
N GLY C 243 -4.03 -49.61 -8.35
CA GLY C 243 -4.35 -49.39 -9.77
C GLY C 243 -4.38 -47.93 -10.17
N ASN C 244 -4.32 -47.67 -11.47
CA ASN C 244 -4.47 -46.33 -12.07
C ASN C 244 -3.35 -45.32 -11.80
N LEU C 245 -2.29 -45.76 -11.11
CA LEU C 245 -1.16 -44.90 -10.77
C LEU C 245 -0.35 -44.46 -11.99
N VAL C 246 -0.17 -43.15 -12.14
CA VAL C 246 0.86 -42.62 -13.03
C VAL C 246 2.06 -42.30 -12.15
N ALA C 247 3.09 -43.13 -12.25
CA ALA C 247 4.22 -43.13 -11.31
C ALA C 247 5.25 -42.04 -11.60
N PRO C 248 5.90 -41.54 -10.53
CA PRO C 248 7.03 -40.63 -10.67
C PRO C 248 8.32 -41.41 -10.91
N ARG C 249 9.25 -40.82 -11.66
CA ARG C 249 10.53 -41.42 -12.00
C ARG C 249 11.66 -40.88 -11.14
N GLY C 250 11.43 -39.71 -10.54
CA GLY C 250 12.43 -39.09 -9.67
C GLY C 250 11.96 -37.75 -9.15
N TYR C 251 12.91 -36.87 -8.86
CA TYR C 251 12.59 -35.59 -8.25
C TYR C 251 13.24 -34.42 -8.97
N PHE C 252 12.58 -33.26 -8.92
CA PHE C 252 13.19 -32.01 -9.31
C PHE C 252 13.78 -31.40 -8.05
N LYS C 253 14.92 -30.73 -8.20
CA LYS C 253 15.59 -30.07 -7.09
C LYS C 253 14.95 -28.68 -6.89
N LEU C 254 14.53 -28.39 -5.65
CA LEU C 254 13.92 -27.10 -5.31
C LEU C 254 14.93 -26.11 -4.76
N ARG C 255 15.21 -25.08 -5.56
CA ARG C 255 16.12 -24.01 -5.18
C ARG C 255 15.31 -22.75 -4.90
N THR C 256 15.61 -22.08 -3.80
CA THR C 256 15.05 -20.75 -3.57
C THR C 256 15.89 -19.80 -4.41
N GLY C 257 15.25 -19.06 -5.30
CA GLY C 257 16.00 -18.26 -6.27
C GLY C 257 15.37 -16.97 -6.78
N LYS C 258 16.03 -16.37 -7.74
CA LYS C 258 15.55 -15.17 -8.36
C LYS C 258 14.84 -15.44 -9.70
N SER C 259 14.43 -16.67 -9.93
CA SER C 259 13.85 -17.04 -11.24
C SER C 259 12.36 -16.77 -11.34
N SER C 260 11.85 -16.60 -12.55
CA SER C 260 10.42 -16.43 -12.77
C SER C 260 9.99 -16.86 -14.19
N VAL C 261 8.70 -16.71 -14.47
CA VAL C 261 8.14 -16.97 -15.81
C VAL C 261 7.32 -15.76 -16.22
N MET C 262 7.26 -15.48 -17.52
CA MET C 262 6.52 -14.33 -18.01
C MET C 262 5.86 -14.67 -19.34
N ARG C 263 4.64 -14.19 -19.55
CA ARG C 263 3.94 -14.42 -20.81
C ARG C 263 4.21 -13.25 -21.74
N SER C 264 4.87 -13.55 -22.86
CA SER C 264 5.23 -12.54 -23.85
C SER C 264 5.27 -13.15 -25.25
N ASP C 265 5.00 -12.34 -26.25
CA ASP C 265 5.16 -12.75 -27.64
C ASP C 265 6.27 -11.94 -28.29
N ALA C 266 7.03 -11.19 -27.49
CA ALA C 266 8.07 -10.32 -28.02
C ALA C 266 9.29 -11.09 -28.57
N LEU C 267 9.95 -10.50 -29.56
CA LEU C 267 11.25 -10.98 -30.03
C LEU C 267 12.30 -10.94 -28.92
N ILE C 268 13.24 -11.89 -28.95
CA ILE C 268 14.31 -11.96 -27.97
C ILE C 268 15.64 -11.81 -28.69
N ASP C 269 16.42 -10.78 -28.36
CA ASP C 269 17.69 -10.56 -29.04
C ASP C 269 18.79 -10.02 -28.15
N THR C 270 19.93 -9.75 -28.77
CA THR C 270 21.11 -9.22 -28.11
C THR C 270 20.97 -7.71 -27.94
N CYS C 271 21.03 -7.28 -26.68
CA CYS C 271 21.15 -5.87 -26.29
C CYS C 271 21.40 -5.86 -24.80
N VAL C 272 21.59 -4.69 -24.21
CA VAL C 272 21.73 -4.61 -22.75
C VAL C 272 20.64 -3.77 -22.08
N SER C 273 20.12 -4.32 -20.98
CA SER C 273 19.01 -3.77 -20.25
C SER C 273 18.81 -4.65 -19.04
N GLU C 274 18.49 -4.04 -17.90
CA GLU C 274 18.29 -4.82 -16.69
C GLU C 274 16.83 -4.91 -16.32
N CYS C 275 15.94 -4.55 -17.24
CA CYS C 275 14.52 -4.56 -16.95
C CYS C 275 13.71 -5.15 -18.10
N ILE C 276 12.99 -6.23 -17.81
CA ILE C 276 12.19 -6.94 -18.80
C ILE C 276 10.67 -6.78 -18.56
N THR C 277 9.96 -6.33 -19.60
CA THR C 277 8.50 -6.33 -19.59
C THR C 277 8.00 -7.21 -20.71
N PRO C 278 6.70 -7.60 -20.67
CA PRO C 278 6.14 -8.33 -21.79
C PRO C 278 6.22 -7.57 -23.11
N ASN C 279 6.28 -6.24 -23.06
CA ASN C 279 6.39 -5.41 -24.28
C ASN C 279 7.81 -5.40 -24.82
N GLY C 280 8.74 -5.89 -24.03
CA GLY C 280 10.14 -5.84 -24.38
C GLY C 280 10.86 -5.15 -23.24
N SER C 281 12.18 -5.08 -23.34
CA SER C 281 12.97 -4.47 -22.30
C SER C 281 12.77 -2.94 -22.26
N ILE C 282 13.11 -2.33 -21.13
CA ILE C 282 13.13 -0.87 -21.00
C ILE C 282 14.40 -0.38 -20.26
N PRO C 283 14.88 0.83 -20.57
CA PRO C 283 15.97 1.35 -19.74
C PRO C 283 15.43 1.65 -18.34
N ASN C 284 16.32 1.72 -17.35
CA ASN C 284 15.90 1.99 -16.00
C ASN C 284 16.59 3.25 -15.48
N ASP C 285 16.73 4.25 -16.36
CA ASP C 285 17.34 5.51 -15.95
C ASP C 285 16.33 6.37 -15.18
N LYS C 286 15.04 6.20 -15.48
CA LYS C 286 14.00 6.96 -14.80
C LYS C 286 13.39 6.18 -13.62
N PRO C 287 12.89 6.89 -12.60
CA PRO C 287 12.38 6.15 -11.43
C PRO C 287 11.02 5.54 -11.63
N PHE C 288 10.27 5.97 -12.66
CA PHE C 288 8.91 5.46 -12.90
C PHE C 288 8.72 5.00 -14.34
N GLN C 289 7.76 4.08 -14.55
CA GLN C 289 7.40 3.63 -15.90
C GLN C 289 5.90 3.39 -16.10
N ASN C 290 5.50 3.45 -17.37
CA ASN C 290 4.10 3.37 -17.78
C ASN C 290 3.89 2.32 -18.87
N VAL C 291 4.88 1.45 -19.05
CA VAL C 291 4.87 0.44 -20.09
C VAL C 291 4.00 -0.75 -19.73
N ASN C 292 4.21 -1.32 -18.54
CA ASN C 292 3.49 -2.50 -18.11
C ASN C 292 3.68 -2.76 -16.62
N LYS C 293 2.59 -3.13 -15.96
CA LYS C 293 2.66 -3.45 -14.52
C LYS C 293 3.42 -4.77 -14.27
N ILE C 294 3.55 -5.57 -15.32
CA ILE C 294 4.35 -6.81 -15.28
C ILE C 294 5.78 -6.48 -15.71
N THR C 295 6.71 -6.73 -14.78
CA THR C 295 8.12 -6.49 -15.02
C THR C 295 8.96 -7.53 -14.29
N TYR C 296 10.22 -7.68 -14.72
CA TYR C 296 11.19 -8.54 -14.07
C TYR C 296 12.52 -7.84 -14.13
N GLY C 297 13.24 -7.80 -13.00
CA GLY C 297 14.57 -7.20 -12.96
C GLY C 297 14.64 -5.87 -12.23
N LYS C 298 15.67 -5.09 -12.55
CA LYS C 298 15.92 -3.81 -11.94
C LYS C 298 15.13 -2.74 -12.70
N CYS C 299 13.96 -2.40 -12.16
CA CYS C 299 12.93 -1.72 -12.93
C CYS C 299 12.38 -0.45 -12.28
N PRO C 300 12.05 0.57 -13.09
CA PRO C 300 11.26 1.70 -12.58
C PRO C 300 9.91 1.17 -12.09
N LYS C 301 9.28 1.86 -11.15
CA LYS C 301 7.98 1.46 -10.66
C LYS C 301 6.84 1.82 -11.61
N TYR C 302 5.87 0.94 -11.76
CA TYR C 302 4.73 1.19 -12.64
C TYR C 302 3.81 2.22 -12.00
N ILE C 303 3.45 3.26 -12.76
CA ILE C 303 2.47 4.27 -12.34
C ILE C 303 1.51 4.49 -13.51
N ARG C 304 0.39 5.16 -13.26
CA ARG C 304 -0.64 5.31 -14.29
C ARG C 304 -0.37 6.47 -15.24
N GLN C 305 0.42 7.44 -14.79
CA GLN C 305 0.66 8.64 -15.58
C GLN C 305 1.62 8.28 -16.71
N ASN C 306 1.41 8.87 -17.90
CA ASN C 306 2.32 8.58 -19.02
C ASN C 306 3.43 9.60 -19.11
N THR C 307 3.27 10.70 -18.38
CA THR C 307 4.28 11.74 -18.35
C THR C 307 4.32 12.47 -17.00
N LEU C 308 5.54 12.66 -16.50
CA LEU C 308 5.79 13.49 -15.32
C LEU C 308 7.11 14.22 -15.50
N LYS C 309 7.03 15.55 -15.64
CA LYS C 309 8.20 16.40 -15.87
C LYS C 309 8.76 16.94 -14.57
N LEU C 310 10.06 16.74 -14.38
CA LEU C 310 10.79 17.33 -13.27
C LEU C 310 11.53 18.58 -13.74
N ALA C 311 11.20 19.73 -13.15
CA ALA C 311 11.83 20.98 -13.53
C ALA C 311 13.32 20.92 -13.23
N THR C 312 14.12 21.37 -14.19
CA THR C 312 15.56 21.43 -14.01
C THR C 312 16.05 22.85 -14.30
N GLY C 313 15.15 23.81 -14.08
CA GLY C 313 15.46 25.21 -14.32
C GLY C 313 14.44 26.11 -13.64
N MET C 314 14.77 27.41 -13.59
CA MET C 314 13.91 28.46 -13.04
C MET C 314 12.68 28.74 -13.92
N ARG C 315 11.74 29.47 -13.34
CA ARG C 315 10.58 29.98 -14.08
C ARG C 315 11.02 30.72 -15.35
N ASN C 316 10.43 30.38 -16.49
CA ASN C 316 10.80 31.01 -17.73
C ASN C 316 9.98 32.28 -18.02
N VAL C 317 10.63 33.43 -18.03
CA VAL C 317 9.95 34.70 -18.27
C VAL C 317 10.55 35.46 -19.45
N PRO C 318 10.14 35.10 -20.68
CA PRO C 318 10.78 35.70 -21.86
C PRO C 318 10.47 37.16 -22.00
N GLU C 319 11.36 37.86 -22.69
CA GLU C 319 11.22 39.28 -22.96
C GLU C 319 9.89 39.59 -23.66
N LYS C 320 9.26 40.68 -23.24
CA LYS C 320 7.98 41.12 -23.82
C LYS C 320 8.01 41.12 -25.35
N GLN C 321 7.03 40.41 -25.93
CA GLN C 321 6.88 40.32 -27.37
C GLN C 321 6.04 41.49 -27.93
N ILE C 322 5.35 42.20 -27.01
CA ILE C 322 4.27 43.15 -27.33
C ILE C 322 3.13 42.45 -28.09
N GLY D 1 6.66 33.76 -7.50
CA GLY D 1 7.64 32.99 -6.68
C GLY D 1 7.63 33.57 -5.27
N ILE D 2 8.02 32.74 -4.30
CA ILE D 2 7.90 33.10 -2.90
C ILE D 2 8.88 34.23 -2.47
N PHE D 3 9.94 34.41 -3.23
CA PHE D 3 10.93 35.44 -2.92
C PHE D 3 10.72 36.73 -3.72
N GLY D 4 9.74 36.71 -4.62
CA GLY D 4 9.28 37.93 -5.28
C GLY D 4 10.21 38.59 -6.28
N ALA D 5 11.33 37.93 -6.62
CA ALA D 5 12.30 38.48 -7.58
C ALA D 5 12.03 38.05 -9.03
N ILE D 6 12.15 36.76 -9.32
CA ILE D 6 11.89 36.23 -10.65
C ILE D 6 10.39 36.23 -10.90
N ALA D 7 9.98 36.89 -11.98
CA ALA D 7 8.56 37.16 -12.26
C ALA D 7 7.88 37.97 -11.15
N GLY D 8 8.68 38.81 -10.47
CA GLY D 8 8.24 39.75 -9.44
C GLY D 8 8.85 41.12 -9.72
N PHE D 9 9.75 41.61 -8.87
CA PHE D 9 10.30 42.95 -9.09
C PHE D 9 11.33 43.03 -10.23
N ILE D 10 11.74 41.89 -10.72
CA ILE D 10 12.44 41.86 -11.98
C ILE D 10 11.40 41.47 -13.03
N GLU D 11 11.24 42.35 -14.02
CA GLU D 11 10.12 42.29 -14.97
C GLU D 11 10.14 41.05 -15.86
N ASN D 12 11.32 40.71 -16.40
CA ASN D 12 11.52 39.48 -17.16
C ASN D 12 12.96 39.03 -17.18
N GLY D 13 13.19 37.83 -17.74
CA GLY D 13 14.53 37.29 -17.91
C GLY D 13 15.16 37.77 -19.19
N TRP D 14 16.46 37.53 -19.35
CA TRP D 14 17.21 37.95 -20.53
C TRP D 14 17.55 36.77 -21.47
N GLU D 15 16.92 36.72 -22.63
CA GLU D 15 17.22 35.66 -23.59
C GLU D 15 18.64 35.66 -24.17
N GLY D 16 19.29 36.82 -24.20
CA GLY D 16 20.65 36.90 -24.68
C GLY D 16 21.72 36.57 -23.65
N MET D 17 21.33 36.18 -22.43
CA MET D 17 22.35 35.74 -21.49
C MET D 17 22.51 34.23 -21.57
N VAL D 18 23.48 33.82 -22.38
CA VAL D 18 23.63 32.41 -22.75
C VAL D 18 24.73 31.69 -21.97
N ASP D 19 25.45 32.41 -21.12
CA ASP D 19 26.60 31.82 -20.46
C ASP D 19 26.48 31.79 -18.94
N GLY D 20 25.25 31.90 -18.44
CA GLY D 20 25.00 31.89 -17.00
C GLY D 20 23.51 32.01 -16.79
N TRP D 21 23.06 31.74 -15.57
CA TRP D 21 21.65 31.78 -15.22
C TRP D 21 21.29 33.13 -14.56
N TYR D 22 22.27 33.71 -13.87
CA TYR D 22 22.13 35.00 -13.22
C TYR D 22 23.26 35.93 -13.66
N GLY D 23 23.03 37.24 -13.60
CA GLY D 23 24.09 38.17 -13.91
C GLY D 23 23.74 39.65 -13.89
N PHE D 24 24.50 40.43 -14.64
CA PHE D 24 24.45 41.88 -14.54
C PHE D 24 24.33 42.48 -15.94
N ARG D 25 23.53 43.53 -16.05
CA ARG D 25 23.62 44.44 -17.20
C ARG D 25 23.97 45.82 -16.66
N TYR D 26 24.80 46.54 -17.39
CA TYR D 26 25.29 47.82 -16.88
C TYR D 26 25.52 48.88 -17.96
N GLN D 27 25.50 50.14 -17.54
CA GLN D 27 25.88 51.25 -18.41
C GLN D 27 26.73 52.24 -17.63
N ASN D 28 27.90 52.51 -18.18
CA ASN D 28 28.86 53.35 -17.52
C ASN D 28 29.64 54.14 -18.58
N SER D 29 30.79 54.70 -18.18
CA SER D 29 31.56 55.60 -19.01
C SER D 29 32.24 54.91 -20.20
N GLU D 30 32.19 53.58 -20.25
CA GLU D 30 32.86 52.82 -21.31
C GLU D 30 31.90 52.12 -22.27
N GLY D 31 30.60 52.29 -22.05
CA GLY D 31 29.57 51.68 -22.89
C GLY D 31 28.56 50.91 -22.08
N THR D 32 27.90 49.95 -22.71
CA THR D 32 26.92 49.14 -22.01
C THR D 32 27.31 47.65 -22.04
N GLY D 33 27.08 46.96 -20.93
CA GLY D 33 27.57 45.59 -20.81
C GLY D 33 26.62 44.56 -20.24
N GLN D 34 26.97 43.30 -20.49
CA GLN D 34 26.33 42.15 -19.88
C GLN D 34 27.39 41.18 -19.36
N ALA D 35 27.13 40.56 -18.20
CA ALA D 35 28.06 39.60 -17.59
C ALA D 35 27.34 38.57 -16.72
N ALA D 36 27.65 37.30 -16.91
CA ALA D 36 27.10 36.21 -16.10
C ALA D 36 27.76 36.19 -14.73
N ASP D 37 27.00 35.83 -13.69
CA ASP D 37 27.56 35.64 -12.35
C ASP D 37 27.64 34.13 -12.12
N LEU D 38 28.86 33.61 -12.04
CA LEU D 38 29.09 32.16 -11.98
C LEU D 38 28.67 31.50 -10.66
N LYS D 39 28.92 32.18 -9.55
CA LYS D 39 28.68 31.66 -8.21
C LYS D 39 27.19 31.34 -7.92
N SER D 40 26.32 32.28 -8.25
CA SER D 40 24.90 32.07 -8.16
C SER D 40 24.37 31.05 -9.19
N THR D 41 24.95 31.04 -10.38
CA THR D 41 24.57 30.07 -11.41
C THR D 41 24.90 28.66 -10.90
N GLN D 42 26.13 28.49 -10.41
CA GLN D 42 26.57 27.20 -9.90
C GLN D 42 25.80 26.75 -8.66
N ALA D 43 25.37 27.69 -7.82
CA ALA D 43 24.63 27.31 -6.62
C ALA D 43 23.28 26.69 -6.97
N ALA D 44 22.60 27.25 -7.97
CA ALA D 44 21.32 26.69 -8.43
C ALA D 44 21.56 25.36 -9.12
N ILE D 45 22.56 25.31 -10.00
CA ILE D 45 22.83 24.10 -10.76
C ILE D 45 23.14 22.95 -9.80
N ASP D 46 24.03 23.18 -8.83
CA ASP D 46 24.35 22.13 -7.84
C ASP D 46 23.12 21.59 -7.12
N GLN D 47 22.23 22.50 -6.71
CA GLN D 47 21.05 22.08 -6.01
C GLN D 47 20.19 21.21 -6.88
N ILE D 48 19.95 21.66 -8.12
CA ILE D 48 19.19 20.87 -9.06
C ILE D 48 19.85 19.53 -9.37
N ASN D 49 21.16 19.50 -9.51
CA ASN D 49 21.88 18.24 -9.72
C ASN D 49 21.75 17.27 -8.53
N GLY D 50 21.74 17.81 -7.30
CA GLY D 50 21.43 17.07 -6.09
C GLY D 50 20.06 16.41 -6.13
N LYS D 51 19.02 17.21 -6.43
CA LYS D 51 17.68 16.68 -6.64
C LYS D 51 17.71 15.52 -7.63
N LEU D 52 18.35 15.76 -8.78
CA LEU D 52 18.33 14.81 -9.89
C LEU D 52 18.93 13.47 -9.44
N ASN D 53 20.12 13.51 -8.84
CA ASN D 53 20.82 12.31 -8.38
C ASN D 53 20.08 11.48 -7.33
N ARG D 54 19.30 12.16 -6.51
CA ARG D 54 18.58 11.50 -5.44
C ARG D 54 17.39 10.73 -6.02
N VAL D 55 16.80 11.28 -7.06
CA VAL D 55 15.63 10.70 -7.74
C VAL D 55 15.98 9.68 -8.83
N ILE D 56 17.09 9.90 -9.55
CA ILE D 56 17.34 9.26 -10.84
C ILE D 56 18.40 8.15 -10.78
N GLU D 57 18.11 7.04 -11.45
CA GLU D 57 18.98 5.84 -11.45
C GLU D 57 19.13 5.13 -10.09
N ARG D 58 18.02 4.81 -9.42
CA ARG D 58 18.07 4.00 -8.19
C ARG D 58 16.86 3.08 -8.05
N THR D 59 16.73 2.21 -9.04
CA THR D 59 15.60 1.31 -9.11
C THR D 59 15.91 0.06 -8.28
N ASN D 60 14.87 -0.58 -7.74
CA ASN D 60 15.05 -1.84 -7.05
C ASN D 60 15.00 -3.02 -8.00
N GLU D 61 15.68 -4.08 -7.63
CA GLU D 61 15.62 -5.30 -8.37
C GLU D 61 14.51 -6.17 -7.78
N LYS D 62 13.53 -6.55 -8.61
CA LYS D 62 12.52 -7.52 -8.20
C LYS D 62 12.50 -8.71 -9.14
N PHE D 63 12.13 -9.87 -8.62
CA PHE D 63 12.19 -11.12 -9.37
C PHE D 63 10.81 -11.75 -9.50
N HIS D 64 10.60 -12.95 -8.97
CA HIS D 64 9.29 -13.59 -9.07
C HIS D 64 8.28 -12.86 -8.19
N GLN D 65 7.10 -12.59 -8.73
CA GLN D 65 6.02 -11.87 -8.04
C GLN D 65 4.66 -12.59 -8.21
N ILE D 66 3.55 -11.87 -8.06
CA ILE D 66 2.23 -12.45 -8.35
C ILE D 66 1.82 -12.25 -9.81
N GLU D 67 0.88 -13.06 -10.26
CA GLU D 67 0.25 -12.87 -11.56
C GLU D 67 -0.59 -11.59 -11.58
N LYS D 68 -0.80 -11.04 -12.77
CA LYS D 68 -1.44 -9.74 -12.91
C LYS D 68 -2.44 -9.68 -14.08
N GLU D 69 -2.44 -10.71 -14.92
CA GLU D 69 -3.46 -10.88 -15.97
C GLU D 69 -3.99 -12.31 -15.89
N PHE D 70 -5.27 -12.50 -16.21
CA PHE D 70 -5.91 -13.83 -16.07
C PHE D 70 -6.76 -14.27 -17.27
N SER D 71 -6.72 -15.57 -17.57
CA SER D 71 -7.53 -16.13 -18.66
C SER D 71 -8.88 -16.60 -18.17
N GLU D 72 -8.89 -17.21 -16.99
CA GLU D 72 -10.11 -17.75 -16.44
C GLU D 72 -10.71 -16.80 -15.44
N VAL D 73 -12.04 -16.89 -15.29
CA VAL D 73 -12.74 -16.22 -14.21
C VAL D 73 -12.66 -17.16 -12.98
N GLU D 74 -12.33 -16.61 -11.81
CA GLU D 74 -12.12 -17.45 -10.63
C GLU D 74 -12.85 -17.00 -9.36
N GLY D 75 -12.99 -15.69 -9.18
CA GLY D 75 -13.66 -15.18 -7.98
C GLY D 75 -12.72 -14.76 -6.85
N ARG D 76 -12.95 -15.31 -5.66
CA ARG D 76 -12.41 -14.74 -4.41
C ARG D 76 -10.93 -14.40 -4.46
N ILE D 77 -10.09 -15.37 -4.78
CA ILE D 77 -8.65 -15.14 -4.69
C ILE D 77 -8.10 -14.31 -5.86
N GLN D 78 -8.62 -14.48 -7.06
CA GLN D 78 -8.28 -13.53 -8.14
C GLN D 78 -8.70 -12.09 -7.80
N ASP D 79 -9.87 -11.91 -7.19
CA ASP D 79 -10.30 -10.57 -6.74
C ASP D 79 -9.19 -9.93 -5.90
N LEU D 80 -8.64 -10.71 -4.98
CA LEU D 80 -7.66 -10.23 -4.05
C LEU D 80 -6.37 -9.88 -4.79
N GLU D 81 -5.90 -10.78 -5.63
CA GLU D 81 -4.71 -10.52 -6.43
C GLU D 81 -4.82 -9.19 -7.21
N LYS D 82 -5.96 -8.95 -7.83
CA LYS D 82 -6.19 -7.69 -8.55
C LYS D 82 -6.24 -6.46 -7.63
N TYR D 83 -6.99 -6.55 -6.53
CA TYR D 83 -7.09 -5.44 -5.59
C TYR D 83 -5.73 -5.06 -4.99
N VAL D 84 -4.94 -6.08 -4.61
CA VAL D 84 -3.57 -5.86 -4.15
C VAL D 84 -2.76 -5.10 -5.19
N GLU D 85 -2.82 -5.52 -6.45
CA GLU D 85 -2.06 -4.85 -7.51
C GLU D 85 -2.57 -3.43 -7.74
N ASP D 86 -3.88 -3.30 -7.90
CA ASP D 86 -4.51 -2.00 -8.05
C ASP D 86 -4.14 -1.02 -6.92
N THR D 87 -4.15 -1.51 -5.67
CA THR D 87 -3.83 -0.70 -4.51
C THR D 87 -2.39 -0.18 -4.57
N LYS D 88 -1.47 -1.08 -4.93
CA LYS D 88 -0.05 -0.76 -5.09
C LYS D 88 0.11 0.35 -6.13
N ILE D 89 -0.49 0.14 -7.30
CA ILE D 89 -0.34 1.07 -8.41
C ILE D 89 -0.86 2.48 -8.10
N ASP D 90 -2.00 2.57 -7.43
CA ASP D 90 -2.54 3.88 -7.04
C ASP D 90 -1.65 4.59 -6.05
N LEU D 91 -1.11 3.85 -5.08
CA LEU D 91 -0.22 4.46 -4.10
C LEU D 91 1.08 5.00 -4.73
N TRP D 92 1.69 4.23 -5.63
CA TRP D 92 2.88 4.71 -6.33
C TRP D 92 2.57 5.88 -7.23
N SER D 93 1.45 5.79 -7.94
CA SER D 93 0.96 6.88 -8.79
C SER D 93 0.84 8.20 -8.00
N TYR D 94 0.28 8.13 -6.79
CA TYR D 94 0.18 9.28 -5.93
C TYR D 94 1.57 9.78 -5.50
N ASN D 95 2.42 8.86 -5.03
CA ASN D 95 3.80 9.21 -4.66
C ASN D 95 4.52 10.00 -5.76
N ALA D 96 4.42 9.51 -6.99
CA ALA D 96 5.02 10.16 -8.13
C ALA D 96 4.44 11.56 -8.39
N GLU D 97 3.11 11.71 -8.29
CA GLU D 97 2.46 13.00 -8.50
C GLU D 97 2.88 14.01 -7.45
N LEU D 98 2.83 13.61 -6.18
CA LEU D 98 3.23 14.50 -5.11
C LEU D 98 4.70 14.90 -5.24
N LEU D 99 5.57 13.92 -5.50
CA LEU D 99 7.02 14.15 -5.53
C LEU D 99 7.35 15.26 -6.51
N VAL D 100 6.75 15.18 -7.68
CA VAL D 100 7.04 16.11 -8.74
C VAL D 100 6.48 17.51 -8.45
N ALA D 101 5.28 17.56 -7.88
CA ALA D 101 4.68 18.82 -7.47
C ALA D 101 5.52 19.51 -6.42
N LEU D 102 6.00 18.77 -5.42
CA LEU D 102 6.78 19.37 -4.35
C LEU D 102 8.14 19.80 -4.83
N GLU D 103 8.82 18.95 -5.60
CA GLU D 103 10.13 19.27 -6.12
C GLU D 103 10.06 20.53 -6.99
N ASN D 104 9.12 20.54 -7.94
CA ASN D 104 9.00 21.66 -8.83
C ASN D 104 8.73 22.97 -8.07
N GLN D 105 7.81 22.95 -7.11
CA GLN D 105 7.55 24.15 -6.32
C GLN D 105 8.86 24.63 -5.72
N HIS D 106 9.63 23.69 -5.20
CA HIS D 106 10.86 23.98 -4.51
C HIS D 106 11.95 24.49 -5.47
N THR D 107 12.02 23.93 -6.67
CA THR D 107 12.98 24.36 -7.69
C THR D 107 12.71 25.81 -8.12
N ILE D 108 11.45 26.12 -8.38
CA ILE D 108 11.09 27.48 -8.72
C ILE D 108 11.45 28.44 -7.58
N ASP D 109 11.19 28.04 -6.33
CA ASP D 109 11.48 28.88 -5.18
C ASP D 109 13.01 29.04 -4.92
N LEU D 110 13.75 27.95 -5.11
CA LEU D 110 15.18 28.03 -4.82
C LEU D 110 15.93 28.90 -5.86
N THR D 111 15.48 28.85 -7.11
CA THR D 111 16.03 29.70 -8.16
C THR D 111 15.64 31.18 -8.00
N ASP D 112 14.39 31.43 -7.57
CA ASP D 112 13.95 32.76 -7.21
C ASP D 112 14.86 33.33 -6.09
N ALA D 113 15.15 32.53 -5.08
CA ALA D 113 15.95 32.97 -3.94
C ALA D 113 17.36 33.35 -4.34
N GLU D 114 17.93 32.61 -5.30
CA GLU D 114 19.29 32.90 -5.71
C GLU D 114 19.38 34.29 -6.33
N MET D 115 18.34 34.62 -7.11
CA MET D 115 18.24 35.93 -7.73
C MET D 115 18.15 36.98 -6.63
N ASN D 116 17.23 36.80 -5.70
CA ASN D 116 17.14 37.72 -4.59
C ASN D 116 18.43 37.88 -3.80
N LYS D 117 19.14 36.78 -3.53
CA LYS D 117 20.42 36.84 -2.82
C LYS D 117 21.47 37.66 -3.58
N LEU D 118 21.51 37.47 -4.90
CA LEU D 118 22.52 38.13 -5.70
C LEU D 118 22.27 39.62 -5.70
N PHE D 119 20.98 39.99 -5.75
CA PHE D 119 20.58 41.39 -5.63
C PHE D 119 21.01 42.01 -4.29
N GLU D 120 20.75 41.29 -3.20
CA GLU D 120 21.07 41.76 -1.85
C GLU D 120 22.56 41.88 -1.63
N LYS D 121 23.34 40.99 -2.23
CA LYS D 121 24.80 41.02 -2.13
C LYS D 121 25.33 42.28 -2.82
N THR D 122 24.73 42.62 -3.95
CA THR D 122 25.09 43.85 -4.65
C THR D 122 24.79 45.10 -3.78
N ARG D 123 23.57 45.19 -3.25
CA ARG D 123 23.20 46.27 -2.33
C ARG D 123 24.23 46.46 -1.18
N ARG D 124 24.58 45.37 -0.51
CA ARG D 124 25.59 45.42 0.56
C ARG D 124 26.95 45.96 0.12
N GLN D 125 27.40 45.60 -1.08
CA GLN D 125 28.71 46.04 -1.51
C GLN D 125 28.68 47.55 -1.73
N LEU D 126 27.59 48.02 -2.33
CA LEU D 126 27.48 49.40 -2.77
C LEU D 126 27.28 50.41 -1.65
N ARG D 127 26.83 49.94 -0.49
CA ARG D 127 26.63 50.78 0.69
C ARG D 127 25.89 52.11 0.35
N GLU D 128 26.47 53.27 0.66
CA GLU D 128 25.81 54.55 0.44
C GLU D 128 26.15 55.19 -0.91
N ASN D 129 26.67 54.40 -1.83
CA ASN D 129 27.09 54.90 -3.14
C ASN D 129 26.05 54.70 -4.25
N ALA D 130 24.94 54.04 -3.92
CA ALA D 130 23.95 53.67 -4.93
C ALA D 130 22.56 53.79 -4.33
N GLU D 131 21.54 53.93 -5.17
CA GLU D 131 20.15 53.84 -4.70
C GLU D 131 19.41 52.81 -5.54
N ASP D 132 18.40 52.17 -4.96
CA ASP D 132 17.55 51.22 -5.65
C ASP D 132 16.58 51.97 -6.59
N MET D 133 16.78 51.84 -7.90
CA MET D 133 15.90 52.44 -8.91
C MET D 133 14.59 51.69 -9.10
N GLY D 134 14.56 50.43 -8.69
CA GLY D 134 13.46 49.54 -9.01
C GLY D 134 13.80 48.72 -10.25
N GLY D 135 13.01 47.68 -10.50
CA GLY D 135 13.23 46.82 -11.65
C GLY D 135 14.49 45.98 -11.55
N GLY D 136 15.11 45.99 -10.36
CA GLY D 136 16.36 45.28 -10.12
C GLY D 136 17.61 46.08 -10.48
N CYS D 137 17.47 47.40 -10.63
CA CYS D 137 18.59 48.27 -11.04
C CYS D 137 19.05 49.24 -9.95
N PHE D 138 20.36 49.45 -9.87
CA PHE D 138 20.92 50.48 -8.99
C PHE D 138 21.39 51.67 -9.80
N LYS D 139 21.21 52.85 -9.22
CA LYS D 139 21.92 54.02 -9.72
C LYS D 139 23.18 54.17 -8.88
N ILE D 140 24.32 53.96 -9.50
CA ILE D 140 25.61 54.18 -8.84
C ILE D 140 26.00 55.65 -9.03
N TYR D 141 26.08 56.41 -7.94
CA TYR D 141 26.27 57.87 -8.01
C TYR D 141 27.73 58.33 -8.12
N HIS D 142 28.52 57.63 -8.91
CA HIS D 142 29.92 57.98 -9.11
C HIS D 142 30.38 57.38 -10.41
N LYS D 143 31.43 57.92 -10.99
CA LYS D 143 32.00 57.33 -12.20
C LYS D 143 32.46 55.92 -11.84
N CYS D 144 32.04 54.94 -12.63
CA CYS D 144 32.36 53.54 -12.35
C CYS D 144 32.66 52.77 -13.64
N ASP D 145 33.92 52.80 -14.06
CA ASP D 145 34.37 52.16 -15.30
C ASP D 145 34.36 50.61 -15.25
N ASN D 146 34.64 49.96 -16.37
CA ASN D 146 34.57 48.50 -16.47
C ASN D 146 35.33 47.77 -15.36
N ALA D 147 36.44 48.35 -14.89
CA ALA D 147 37.21 47.75 -13.80
C ALA D 147 36.45 47.91 -12.45
N CYS D 148 35.91 49.10 -12.22
CA CYS D 148 35.06 49.37 -11.09
C CYS D 148 33.89 48.38 -11.10
N ILE D 149 33.16 48.32 -12.22
CA ILE D 149 32.10 47.32 -12.38
C ILE D 149 32.66 45.92 -12.11
N GLY D 150 33.87 45.65 -12.63
CA GLY D 150 34.56 44.39 -12.42
C GLY D 150 34.69 44.02 -10.95
N SER D 151 35.16 44.98 -10.15
CA SER D 151 35.29 44.79 -8.71
C SER D 151 33.94 44.48 -8.02
N ILE D 152 32.84 45.02 -8.55
CA ILE D 152 31.52 44.65 -8.02
C ILE D 152 31.14 43.21 -8.37
N ARG D 153 31.39 42.81 -9.62
CA ARG D 153 31.15 41.43 -10.05
C ARG D 153 32.03 40.43 -9.28
N ASN D 154 33.22 40.89 -8.90
CA ASN D 154 34.21 40.04 -8.23
C ASN D 154 34.04 39.98 -6.70
N GLY D 155 33.16 40.82 -6.15
CA GLY D 155 32.98 40.92 -4.70
C GLY D 155 34.11 41.63 -3.95
N THR D 156 34.83 42.52 -4.63
CA THR D 156 35.93 43.22 -4.00
C THR D 156 35.85 44.74 -4.14
N TYR D 157 34.66 45.24 -4.48
CA TYR D 157 34.43 46.68 -4.55
C TYR D 157 34.56 47.33 -3.17
N ASP D 158 35.29 48.44 -3.15
CA ASP D 158 35.59 49.14 -1.92
C ASP D 158 34.85 50.48 -1.92
N HIS D 159 33.70 50.50 -1.25
CA HIS D 159 32.82 51.67 -1.22
C HIS D 159 33.54 52.95 -0.74
N TYR D 160 34.47 52.78 0.19
CA TYR D 160 35.19 53.91 0.79
C TYR D 160 35.91 54.85 -0.21
N ILE D 161 36.45 54.26 -1.28
CA ILE D 161 37.16 55.01 -2.31
C ILE D 161 36.25 56.04 -2.99
N TYR D 162 34.98 55.68 -3.16
CA TYR D 162 34.05 56.48 -3.94
C TYR D 162 33.06 57.28 -3.11
N ARG D 163 33.06 57.04 -1.81
CA ARG D 163 32.03 57.57 -0.91
C ARG D 163 31.83 59.11 -1.00
N ASP D 164 32.92 59.88 -0.94
CA ASP D 164 32.85 61.33 -1.04
C ASP D 164 32.18 61.78 -2.35
N GLU D 165 32.70 61.29 -3.46
CA GLU D 165 32.11 61.57 -4.76
C GLU D 165 30.61 61.27 -4.80
N ALA D 166 30.23 60.09 -4.30
CA ALA D 166 28.86 59.59 -4.44
C ALA D 166 27.86 60.30 -3.54
N LEU D 167 28.27 60.55 -2.30
CA LEU D 167 27.51 61.37 -1.38
C LEU D 167 27.28 62.78 -1.90
N ASN D 168 28.30 63.34 -2.54
CA ASN D 168 28.15 64.62 -3.23
C ASN D 168 27.05 64.63 -4.30
N ASN D 169 26.98 63.58 -5.12
CA ASN D 169 26.03 63.52 -6.21
C ASN D 169 24.61 63.20 -5.78
N ARG D 170 24.48 62.45 -4.68
CA ARG D 170 23.18 62.08 -4.16
C ARG D 170 22.45 63.25 -3.49
N PHE D 171 23.19 64.15 -2.85
CA PHE D 171 22.57 65.19 -2.01
C PHE D 171 22.94 66.62 -2.43
N GLN D 172 22.54 66.99 -3.64
CA GLN D 172 22.79 68.34 -4.17
C GLN D 172 21.83 68.70 -5.32
N ASN E 2 1.54 71.35 7.76
CA ASN E 2 1.77 69.88 7.55
C ASN E 2 2.88 69.61 6.52
N ASN E 3 3.79 68.72 6.87
CA ASN E 3 4.91 68.40 5.97
C ASN E 3 5.34 66.95 5.98
N THR E 4 4.54 66.10 6.64
CA THR E 4 4.84 64.67 6.70
C THR E 4 3.56 63.84 6.62
N ALA E 5 3.73 62.53 6.45
CA ALA E 5 2.63 61.57 6.41
C ALA E 5 3.10 60.21 6.88
N THR E 6 2.18 59.42 7.43
CA THR E 6 2.49 58.08 7.89
C THR E 6 1.77 57.07 6.99
N LEU E 7 2.52 56.09 6.51
CA LEU E 7 1.97 55.03 5.67
C LEU E 7 2.27 53.67 6.29
N CYS E 8 1.23 53.01 6.78
CA CYS E 8 1.37 51.70 7.42
C CYS E 8 0.88 50.57 6.52
N LEU E 9 1.64 49.47 6.51
CA LEU E 9 1.26 48.28 5.76
C LEU E 9 0.74 47.20 6.67
N GLY E 10 -0.33 46.52 6.24
CA GLY E 10 -0.96 45.51 7.07
C GLY E 10 -1.68 44.43 6.30
N HIS E 11 -2.32 43.56 7.07
CA HIS E 11 -3.08 42.44 6.55
C HIS E 11 -4.32 42.24 7.42
N HIS E 12 -5.30 41.52 6.89
CA HIS E 12 -6.55 41.36 7.62
C HIS E 12 -6.43 40.31 8.71
N ALA E 13 -7.45 40.27 9.57
CA ALA E 13 -7.60 39.24 10.60
C ALA E 13 -9.09 39.11 10.93
N VAL E 14 -9.50 37.96 11.45
CA VAL E 14 -10.91 37.74 11.77
C VAL E 14 -11.12 37.46 13.27
N ALA E 15 -12.30 37.78 13.76
CA ALA E 15 -12.69 37.45 15.14
C ALA E 15 -12.58 35.93 15.41
N ASN E 16 -13.40 35.14 14.71
CA ASN E 16 -13.36 33.70 14.86
C ASN E 16 -12.56 32.99 13.75
N GLY E 17 -11.27 32.76 14.03
CA GLY E 17 -10.43 31.93 13.16
C GLY E 17 -10.65 30.44 13.39
N THR E 18 -9.72 29.64 12.91
CA THR E 18 -9.91 28.19 12.89
C THR E 18 -8.54 27.47 12.90
N LEU E 19 -8.42 26.46 13.76
CA LEU E 19 -7.14 25.77 13.99
C LEU E 19 -6.81 24.73 12.93
N VAL E 20 -5.56 24.75 12.42
CA VAL E 20 -5.09 23.74 11.47
C VAL E 20 -3.76 23.14 11.90
N LYS E 21 -3.34 22.10 11.21
CA LYS E 21 -2.09 21.40 11.53
C LYS E 21 -1.02 21.73 10.50
N THR E 22 0.22 21.83 10.95
CA THR E 22 1.35 22.16 10.08
C THR E 22 2.45 21.16 10.32
N ILE E 23 3.62 21.42 9.76
CA ILE E 23 4.78 20.57 9.99
C ILE E 23 5.25 20.71 11.44
N THR E 24 5.15 21.93 11.98
CA THR E 24 5.71 22.24 13.29
C THR E 24 4.69 22.43 14.42
N ASP E 25 3.40 22.53 14.08
CA ASP E 25 2.35 22.77 15.07
C ASP E 25 1.21 21.78 14.94
N ASP E 26 0.77 21.25 16.09
CA ASP E 26 -0.44 20.43 16.09
C ASP E 26 -1.69 21.26 15.79
N GLN E 27 -1.74 22.48 16.33
CA GLN E 27 -2.90 23.35 16.19
C GLN E 27 -2.45 24.81 16.14
N ILE E 28 -2.63 25.46 14.99
CA ILE E 28 -2.32 26.88 14.87
C ILE E 28 -3.47 27.59 14.11
N GLU E 29 -3.79 28.82 14.49
CA GLU E 29 -4.97 29.52 13.96
C GLU E 29 -4.73 30.25 12.63
N VAL E 30 -5.52 29.88 11.61
CA VAL E 30 -5.56 30.63 10.37
C VAL E 30 -6.91 31.32 10.22
N THR E 31 -7.05 32.23 9.25
CA THR E 31 -8.30 32.97 9.10
C THR E 31 -9.44 32.11 8.57
N ASN E 32 -9.10 31.01 7.91
CA ASN E 32 -10.06 30.19 7.20
C ASN E 32 -9.47 28.82 6.78
N ALA E 33 -10.31 27.80 6.79
CA ALA E 33 -9.89 26.46 6.44
C ALA E 33 -11.06 25.78 5.76
N THR E 34 -10.79 24.72 5.01
CA THR E 34 -11.88 23.90 4.50
C THR E 34 -11.66 22.44 4.89
N GLU E 35 -12.76 21.70 5.04
CA GLU E 35 -12.74 20.30 5.48
C GLU E 35 -12.42 19.33 4.32
N LEU E 36 -11.41 18.48 4.51
CA LEU E 36 -11.00 17.55 3.45
C LEU E 36 -11.52 16.10 3.61
N VAL E 37 -12.16 15.82 4.76
CA VAL E 37 -12.70 14.50 5.07
C VAL E 37 -14.24 14.53 5.07
N GLN E 38 -14.83 13.73 4.18
CA GLN E 38 -16.28 13.54 4.22
C GLN E 38 -16.67 12.61 5.36
N SER E 39 -17.43 13.08 6.33
CA SER E 39 -17.77 12.24 7.49
C SER E 39 -19.26 12.13 7.83
N ILE E 40 -20.09 12.80 7.05
CA ILE E 40 -21.52 12.62 7.16
C ILE E 40 -22.08 12.09 5.86
N SER E 41 -23.13 11.31 5.98
CA SER E 41 -23.74 10.68 4.83
C SER E 41 -25.11 11.29 4.58
N ILE E 42 -25.51 11.28 3.31
CA ILE E 42 -26.86 11.63 2.88
C ILE E 42 -27.95 10.85 3.65
N GLY E 43 -27.64 9.61 4.06
CA GLY E 43 -28.53 8.82 4.91
C GLY E 43 -29.28 7.74 4.15
N LYS E 44 -29.19 7.80 2.81
CA LYS E 44 -29.90 6.91 1.93
C LYS E 44 -29.06 6.71 0.69
N ILE E 45 -29.30 5.61 -0.03
CA ILE E 45 -28.58 5.31 -1.27
C ILE E 45 -29.26 5.94 -2.48
N CYS E 46 -28.52 6.75 -3.24
CA CYS E 46 -29.08 7.44 -4.39
C CYS E 46 -29.12 6.56 -5.63
N ASN E 47 -30.26 6.59 -6.31
CA ASN E 47 -30.59 5.69 -7.43
C ASN E 47 -30.47 6.32 -8.84
N ASN E 48 -29.96 7.54 -8.93
CA ASN E 48 -29.94 8.25 -10.21
C ASN E 48 -28.66 8.12 -11.03
N SER E 49 -27.51 8.11 -10.38
CA SER E 49 -26.25 7.98 -11.10
C SER E 49 -26.03 6.53 -11.58
N TYR E 50 -26.15 5.58 -10.66
CA TYR E 50 -25.96 4.17 -11.02
C TYR E 50 -27.29 3.43 -10.95
N ARG E 51 -27.39 2.30 -11.64
CA ARG E 51 -28.57 1.45 -11.49
C ARG E 51 -28.47 0.58 -10.22
N VAL E 52 -29.18 1.01 -9.18
CA VAL E 52 -29.18 0.32 -7.91
C VAL E 52 -30.43 -0.56 -7.81
N LEU E 53 -30.21 -1.89 -7.73
CA LEU E 53 -31.32 -2.84 -7.63
C LEU E 53 -31.49 -3.31 -6.19
N ASP E 54 -32.69 -3.11 -5.64
CA ASP E 54 -32.98 -3.52 -4.28
C ASP E 54 -33.29 -5.02 -4.26
N GLY E 55 -32.59 -5.74 -3.37
CA GLY E 55 -32.71 -7.20 -3.27
C GLY E 55 -33.88 -7.65 -2.42
N ARG E 56 -34.40 -6.73 -1.61
CA ARG E 56 -35.58 -6.95 -0.76
C ARG E 56 -35.36 -8.12 0.21
N ASN E 57 -36.01 -9.25 -0.07
CA ASN E 57 -35.91 -10.42 0.78
C ASN E 57 -35.05 -11.51 0.14
N CYS E 58 -34.35 -11.13 -0.92
CA CYS E 58 -33.54 -12.09 -1.67
C CYS E 58 -32.05 -11.75 -1.63
N THR E 59 -31.23 -12.78 -1.50
CA THR E 59 -29.80 -12.66 -1.72
C THR E 59 -29.59 -12.77 -3.22
N LEU E 60 -28.45 -12.29 -3.71
CA LEU E 60 -28.11 -12.43 -5.11
C LEU E 60 -28.19 -13.90 -5.57
N ILE E 61 -27.67 -14.80 -4.74
CA ILE E 61 -27.62 -16.23 -5.02
C ILE E 61 -29.04 -16.81 -5.20
N ASP E 62 -29.91 -16.54 -4.23
CA ASP E 62 -31.31 -16.98 -4.27
C ASP E 62 -32.01 -16.52 -5.55
N ALA E 63 -31.73 -15.26 -5.94
CA ALA E 63 -32.28 -14.66 -7.16
C ALA E 63 -31.78 -15.38 -8.41
N MET E 64 -30.48 -15.65 -8.45
CA MET E 64 -29.85 -16.39 -9.53
C MET E 64 -30.46 -17.79 -9.67
N LEU E 65 -30.57 -18.48 -8.54
CA LEU E 65 -31.02 -19.88 -8.47
C LEU E 65 -32.49 -20.11 -8.88
N GLY E 66 -33.36 -19.17 -8.53
CA GLY E 66 -34.79 -19.27 -8.86
C GLY E 66 -35.63 -19.73 -7.68
N ASP E 67 -35.20 -19.33 -6.48
CA ASP E 67 -35.99 -19.47 -5.26
C ASP E 67 -37.31 -18.72 -5.51
N PRO E 68 -38.47 -19.44 -5.49
CA PRO E 68 -39.75 -18.86 -5.95
C PRO E 68 -40.06 -17.43 -5.52
N HIS E 69 -39.88 -17.11 -4.23
CA HIS E 69 -40.14 -15.74 -3.77
C HIS E 69 -39.21 -14.71 -4.41
N CYS E 70 -38.25 -15.19 -5.20
CA CYS E 70 -37.30 -14.36 -5.94
C CYS E 70 -37.51 -14.43 -7.46
N ASP E 71 -38.74 -14.75 -7.88
CA ASP E 71 -39.09 -14.82 -9.30
C ASP E 71 -39.00 -13.46 -10.00
N ASP E 72 -39.34 -12.40 -9.26
CA ASP E 72 -39.30 -11.02 -9.76
C ASP E 72 -37.95 -10.57 -10.35
N PHE E 73 -36.88 -11.26 -9.97
CA PHE E 73 -35.53 -10.85 -10.36
C PHE E 73 -35.03 -11.55 -11.64
N GLN E 74 -35.94 -12.12 -12.43
CA GLN E 74 -35.55 -13.07 -13.50
C GLN E 74 -34.57 -12.61 -14.59
N TYR E 75 -34.83 -11.49 -15.28
CA TYR E 75 -33.87 -11.01 -16.26
C TYR E 75 -33.22 -9.68 -15.89
N GLU E 76 -33.20 -9.37 -14.59
CA GLU E 76 -32.82 -8.03 -14.15
C GLU E 76 -31.32 -7.80 -14.21
N ASN E 77 -30.94 -6.52 -14.26
CA ASN E 77 -29.55 -6.12 -14.17
C ASN E 77 -29.32 -5.01 -13.14
N TRP E 78 -28.05 -4.71 -12.89
CA TRP E 78 -27.67 -3.74 -11.87
C TRP E 78 -26.27 -3.23 -12.16
N ASP E 79 -26.01 -1.98 -11.76
CA ASP E 79 -24.65 -1.54 -11.51
C ASP E 79 -24.29 -2.06 -10.13
N LEU E 80 -25.21 -1.87 -9.18
CA LEU E 80 -25.04 -2.34 -7.81
C LEU E 80 -26.31 -3.05 -7.29
N PHE E 81 -26.12 -4.27 -6.80
CA PHE E 81 -27.20 -5.04 -6.19
C PHE E 81 -27.10 -4.96 -4.66
N ILE E 82 -28.20 -4.58 -4.01
CA ILE E 82 -28.21 -4.44 -2.54
C ILE E 82 -28.75 -5.68 -1.83
N GLU E 83 -27.98 -6.21 -0.89
CA GLU E 83 -28.44 -7.34 -0.08
C GLU E 83 -28.84 -6.87 1.32
N ARG E 84 -30.04 -7.26 1.72
CA ARG E 84 -30.63 -6.83 2.98
C ARG E 84 -30.37 -7.84 4.05
N SER E 85 -30.26 -7.38 5.30
CA SER E 85 -29.98 -8.29 6.40
C SER E 85 -31.20 -9.14 6.77
N SER E 86 -32.35 -8.82 6.19
CA SER E 86 -33.59 -9.57 6.43
C SER E 86 -33.94 -10.52 5.28
N ALA E 87 -32.98 -10.72 4.37
CA ALA E 87 -33.16 -11.67 3.29
C ALA E 87 -33.26 -13.11 3.86
N PHE E 88 -33.86 -14.01 3.10
CA PHE E 88 -34.00 -15.40 3.54
C PHE E 88 -34.13 -16.36 2.38
N SER E 89 -33.69 -17.59 2.59
CA SER E 89 -33.96 -18.65 1.63
C SER E 89 -35.30 -19.29 1.96
N ASN E 90 -35.98 -19.74 0.91
CA ASN E 90 -37.29 -20.38 1.08
C ASN E 90 -37.56 -21.39 -0.03
N CYS E 91 -36.56 -22.22 -0.28
CA CYS E 91 -36.67 -23.34 -1.20
C CYS E 91 -35.98 -24.53 -0.50
N TYR E 92 -35.52 -25.53 -1.26
CA TYR E 92 -34.77 -26.65 -0.68
C TYR E 92 -33.45 -26.20 -0.01
N PRO E 93 -33.22 -26.63 1.24
CA PRO E 93 -31.99 -26.27 1.96
C PRO E 93 -30.74 -26.66 1.18
N TYR E 94 -29.79 -25.73 1.11
CA TYR E 94 -28.63 -25.88 0.23
C TYR E 94 -27.37 -25.24 0.79
N ASP E 95 -26.23 -25.72 0.29
CA ASP E 95 -24.95 -25.06 0.47
C ASP E 95 -24.23 -24.97 -0.85
N ILE E 96 -23.31 -24.00 -0.95
CA ILE E 96 -22.40 -23.91 -2.08
C ILE E 96 -20.97 -23.80 -1.56
N PRO E 97 -20.14 -24.83 -1.81
CA PRO E 97 -18.71 -24.71 -1.60
C PRO E 97 -18.18 -23.55 -2.44
N ASP E 98 -17.36 -22.72 -1.80
CA ASP E 98 -16.90 -21.45 -2.38
C ASP E 98 -18.09 -20.59 -2.83
N TYR E 99 -19.07 -20.48 -1.94
CA TYR E 99 -20.23 -19.60 -2.06
C TYR E 99 -19.76 -18.20 -2.45
N ALA E 100 -18.80 -17.66 -1.69
CA ALA E 100 -18.30 -16.30 -1.90
C ALA E 100 -17.79 -16.00 -3.32
N SER E 101 -17.08 -16.94 -3.94
CA SER E 101 -16.61 -16.76 -5.31
C SER E 101 -17.73 -16.65 -6.31
N LEU E 102 -18.77 -17.47 -6.15
CA LEU E 102 -19.86 -17.47 -7.12
C LEU E 102 -20.65 -16.15 -7.04
N ARG E 103 -20.91 -15.71 -5.82
CA ARG E 103 -21.52 -14.41 -5.55
C ARG E 103 -20.71 -13.29 -6.20
N SER E 104 -19.38 -13.39 -6.09
CA SER E 104 -18.50 -12.38 -6.68
C SER E 104 -18.60 -12.37 -8.21
N ILE E 105 -18.53 -13.55 -8.82
CA ILE E 105 -18.56 -13.71 -10.27
C ILE E 105 -19.88 -13.18 -10.84
N VAL E 106 -20.99 -13.45 -10.15
CA VAL E 106 -22.28 -12.99 -10.62
C VAL E 106 -22.46 -11.50 -10.38
N ALA E 107 -22.09 -11.04 -9.19
CA ALA E 107 -22.12 -9.62 -8.87
C ALA E 107 -21.45 -8.78 -9.97
N SER E 108 -20.21 -9.18 -10.28
CA SER E 108 -19.36 -8.47 -11.23
C SER E 108 -19.96 -8.46 -12.63
N SER E 109 -20.71 -9.51 -12.94
CA SER E 109 -21.30 -9.70 -14.26
C SER E 109 -22.48 -8.75 -14.51
N GLY E 110 -23.14 -8.32 -13.43
CA GLY E 110 -24.19 -7.30 -13.47
C GLY E 110 -25.56 -7.70 -14.02
N THR E 111 -25.70 -8.99 -14.36
CA THR E 111 -26.92 -9.47 -15.01
C THR E 111 -27.26 -10.93 -14.69
N LEU E 112 -28.57 -11.21 -14.65
CA LEU E 112 -29.10 -12.57 -14.60
C LEU E 112 -29.79 -12.92 -15.93
N GLU E 113 -29.18 -12.51 -17.03
CA GLU E 113 -29.64 -12.91 -18.35
C GLU E 113 -29.45 -14.41 -18.46
N PHE E 114 -30.57 -15.13 -18.54
CA PHE E 114 -30.54 -16.59 -18.62
C PHE E 114 -31.07 -17.11 -19.95
N THR E 115 -30.34 -18.04 -20.56
CA THR E 115 -30.78 -18.67 -21.80
C THR E 115 -30.91 -20.19 -21.64
N ALA E 116 -32.15 -20.67 -21.71
CA ALA E 116 -32.44 -22.10 -21.62
C ALA E 116 -31.92 -22.84 -22.85
N GLU E 117 -31.51 -24.10 -22.64
CA GLU E 117 -31.01 -24.95 -23.73
C GLU E 117 -31.64 -26.33 -23.73
N GLY E 118 -31.87 -26.87 -24.93
CA GLY E 118 -32.53 -28.17 -25.10
C GLY E 118 -31.72 -29.38 -24.69
N PHE E 119 -31.47 -29.51 -23.38
CA PHE E 119 -30.81 -30.69 -22.80
C PHE E 119 -31.77 -31.88 -22.87
N THR E 120 -31.30 -33.01 -23.42
CA THR E 120 -32.12 -34.24 -23.53
C THR E 120 -31.87 -35.24 -22.39
N TRP E 121 -32.80 -35.30 -21.45
CA TRP E 121 -32.70 -36.27 -20.35
C TRP E 121 -33.68 -37.45 -20.56
N THR E 122 -33.25 -38.42 -21.36
CA THR E 122 -34.09 -39.58 -21.66
C THR E 122 -33.89 -40.69 -20.63
N GLY E 123 -34.99 -41.32 -20.24
CA GLY E 123 -34.96 -42.40 -19.26
C GLY E 123 -35.09 -41.95 -17.81
N VAL E 124 -35.23 -40.65 -17.60
CA VAL E 124 -35.53 -40.11 -16.28
C VAL E 124 -36.75 -39.18 -16.30
N THR E 125 -37.30 -38.90 -15.13
CA THR E 125 -38.36 -37.89 -15.02
C THR E 125 -37.81 -36.53 -14.52
N GLN E 126 -38.20 -35.48 -15.23
CA GLN E 126 -37.67 -34.15 -15.02
C GLN E 126 -38.57 -33.35 -14.08
N ASN E 127 -38.10 -32.18 -13.65
CA ASN E 127 -38.93 -31.18 -12.99
C ASN E 127 -39.48 -31.59 -11.62
N GLY E 128 -38.67 -32.26 -10.81
CA GLY E 128 -39.03 -32.57 -9.43
C GLY E 128 -39.36 -31.34 -8.58
N GLY E 129 -40.34 -31.50 -7.70
CA GLY E 129 -40.74 -30.43 -6.79
C GLY E 129 -40.49 -30.81 -5.35
N SER E 130 -40.88 -29.93 -4.43
CA SER E 130 -40.69 -30.18 -3.01
C SER E 130 -41.57 -29.29 -2.13
N GLY E 131 -42.18 -29.90 -1.10
CA GLY E 131 -42.96 -29.18 -0.10
C GLY E 131 -42.18 -28.09 0.62
N ALA E 132 -40.85 -28.11 0.50
CA ALA E 132 -39.97 -27.09 1.07
C ALA E 132 -39.74 -25.92 0.12
N CYS E 133 -40.27 -26.04 -1.09
CA CYS E 133 -40.07 -25.06 -2.13
C CYS E 133 -41.36 -24.86 -2.92
N LYS E 134 -42.36 -24.28 -2.28
CA LYS E 134 -43.64 -24.01 -2.94
C LYS E 134 -43.51 -22.85 -3.92
N ARG E 135 -44.09 -23.02 -5.11
CA ARG E 135 -44.26 -21.94 -6.07
C ARG E 135 -45.75 -21.69 -6.16
N GLY E 136 -46.17 -20.58 -5.57
CA GLY E 136 -47.59 -20.36 -5.29
C GLY E 136 -47.97 -21.31 -4.17
N SER E 137 -48.68 -22.38 -4.51
CA SER E 137 -49.12 -23.35 -3.51
C SER E 137 -48.93 -24.82 -3.94
N ALA E 138 -48.10 -25.01 -4.97
CA ALA E 138 -47.72 -26.35 -5.42
C ALA E 138 -46.24 -26.59 -5.15
N ASP E 139 -45.92 -27.84 -4.78
CA ASP E 139 -44.54 -28.27 -4.57
C ASP E 139 -43.70 -27.99 -5.82
N SER E 140 -42.59 -27.27 -5.63
CA SER E 140 -41.78 -26.78 -6.75
C SER E 140 -40.29 -26.87 -6.45
N PHE E 141 -39.48 -26.08 -7.17
CA PHE E 141 -38.02 -26.14 -7.05
C PHE E 141 -37.38 -24.83 -7.57
N PHE E 142 -36.05 -24.77 -7.52
CA PHE E 142 -35.29 -23.66 -8.10
C PHE E 142 -35.53 -23.57 -9.61
N SER E 143 -35.94 -22.40 -10.06
CA SER E 143 -36.42 -22.21 -11.45
C SER E 143 -35.38 -22.56 -12.51
N ARG E 144 -34.10 -22.35 -12.19
CA ARG E 144 -33.02 -22.57 -13.15
C ARG E 144 -32.35 -23.94 -12.99
N LEU E 145 -33.04 -24.83 -12.29
CA LEU E 145 -32.53 -26.14 -11.97
C LEU E 145 -33.59 -27.21 -12.25
N ASN E 146 -33.10 -28.37 -12.70
CA ASN E 146 -33.97 -29.47 -13.11
C ASN E 146 -33.74 -30.71 -12.27
N TRP E 147 -34.66 -30.95 -11.34
CA TRP E 147 -34.54 -32.09 -10.44
C TRP E 147 -34.89 -33.40 -11.15
N LEU E 148 -33.84 -34.17 -11.46
CA LEU E 148 -33.98 -35.44 -12.17
C LEU E 148 -34.09 -36.61 -11.21
N THR E 149 -35.10 -37.44 -11.44
CA THR E 149 -35.35 -38.68 -10.67
C THR E 149 -35.68 -39.85 -11.61
N LYS E 150 -35.77 -41.05 -11.04
CA LYS E 150 -36.00 -42.28 -11.82
C LYS E 150 -37.31 -42.28 -12.63
N SER E 151 -37.22 -42.67 -13.89
CA SER E 151 -38.41 -42.92 -14.72
C SER E 151 -38.61 -44.41 -14.94
N GLY E 152 -39.85 -44.86 -14.80
CA GLY E 152 -40.15 -46.29 -14.81
C GLY E 152 -39.57 -46.93 -13.57
N ASN E 153 -38.76 -47.97 -13.77
CA ASN E 153 -38.13 -48.66 -12.66
C ASN E 153 -36.61 -48.51 -12.67
N SER E 154 -36.12 -47.51 -13.44
CA SER E 154 -34.68 -47.33 -13.62
C SER E 154 -34.18 -45.87 -13.73
N TYR E 155 -32.86 -45.73 -13.73
CA TYR E 155 -32.18 -44.46 -13.90
C TYR E 155 -30.87 -44.81 -14.62
N PRO E 156 -30.81 -44.56 -15.95
CA PRO E 156 -29.64 -44.97 -16.75
C PRO E 156 -28.50 -43.96 -16.66
N ILE E 157 -27.29 -44.40 -17.00
CA ILE E 157 -26.12 -43.52 -16.98
C ILE E 157 -26.28 -42.40 -18.02
N LEU E 158 -26.74 -41.24 -17.56
CA LEU E 158 -26.99 -40.07 -18.41
C LEU E 158 -25.67 -39.54 -18.97
N ASN E 159 -25.71 -39.15 -20.24
CA ASN E 159 -24.53 -38.67 -20.96
C ASN E 159 -24.91 -37.62 -21.99
N VAL E 160 -24.68 -36.36 -21.65
CA VAL E 160 -25.21 -35.22 -22.40
C VAL E 160 -24.12 -34.19 -22.72
N THR E 161 -24.07 -33.74 -23.97
CA THR E 161 -23.17 -32.65 -24.36
C THR E 161 -23.92 -31.39 -24.73
N MET E 162 -23.18 -30.27 -24.74
CA MET E 162 -23.73 -28.96 -25.08
C MET E 162 -22.57 -28.04 -25.47
N PRO E 163 -22.32 -27.88 -26.78
CA PRO E 163 -21.20 -27.04 -27.22
C PRO E 163 -21.44 -25.54 -26.96
N ASN E 164 -20.36 -24.76 -26.93
CA ASN E 164 -20.47 -23.31 -26.79
C ASN E 164 -20.00 -22.59 -28.07
N ASN E 165 -20.93 -22.42 -29.01
CA ASN E 165 -20.63 -21.80 -30.30
C ASN E 165 -20.83 -20.28 -30.32
N LYS E 166 -20.71 -19.68 -29.13
CA LYS E 166 -20.89 -18.25 -28.94
C LYS E 166 -19.53 -17.61 -28.66
N ASN E 167 -19.44 -16.28 -28.79
CA ASN E 167 -18.16 -15.59 -28.59
C ASN E 167 -17.92 -15.06 -27.17
N PHE E 168 -18.42 -15.78 -26.17
CA PHE E 168 -18.29 -15.41 -24.76
C PHE E 168 -18.36 -16.64 -23.85
N ASP E 169 -18.02 -16.43 -22.59
CA ASP E 169 -18.05 -17.47 -21.57
C ASP E 169 -19.47 -17.73 -21.10
N LYS E 170 -19.84 -19.00 -20.99
CA LYS E 170 -21.12 -19.42 -20.44
C LYS E 170 -20.95 -19.88 -18.99
N LEU E 171 -21.76 -19.33 -18.10
CA LEU E 171 -21.83 -19.80 -16.72
C LEU E 171 -22.96 -20.83 -16.55
N TYR E 172 -22.57 -22.06 -16.24
CA TYR E 172 -23.52 -23.14 -15.99
C TYR E 172 -23.60 -23.43 -14.49
N ILE E 173 -24.84 -23.49 -14.00
CA ILE E 173 -25.12 -23.84 -12.63
C ILE E 173 -25.71 -25.26 -12.59
N TRP E 174 -25.11 -26.12 -11.77
CA TRP E 174 -25.61 -27.47 -11.55
C TRP E 174 -25.40 -27.86 -10.09
N GLY E 175 -25.74 -29.11 -9.75
CA GLY E 175 -25.64 -29.60 -8.38
C GLY E 175 -26.01 -31.05 -8.17
N ILE E 176 -26.02 -31.45 -6.90
CA ILE E 176 -26.29 -32.82 -6.48
C ILE E 176 -27.26 -32.86 -5.28
N HIS E 177 -28.07 -33.91 -5.20
CA HIS E 177 -28.93 -34.14 -4.03
C HIS E 177 -28.27 -35.14 -3.09
N HIS E 178 -28.13 -34.73 -1.82
CA HIS E 178 -27.71 -35.62 -0.75
C HIS E 178 -28.97 -36.09 -0.05
N PRO E 179 -29.38 -37.37 -0.25
CA PRO E 179 -30.52 -37.90 0.49
C PRO E 179 -30.22 -38.04 1.98
N SER E 180 -31.27 -38.03 2.80
CA SER E 180 -31.13 -38.24 4.24
C SER E 180 -31.33 -39.69 4.71
N SER E 181 -31.68 -40.59 3.79
CA SER E 181 -31.79 -42.01 4.13
C SER E 181 -31.41 -42.94 2.97
N ASN E 182 -30.97 -44.16 3.32
CA ASN E 182 -30.59 -45.18 2.33
C ASN E 182 -31.70 -45.57 1.36
N LYS E 183 -32.93 -45.66 1.87
CA LYS E 183 -34.06 -46.00 1.00
C LYS E 183 -34.49 -44.83 0.12
N GLU E 184 -34.41 -43.61 0.66
CA GLU E 184 -34.72 -42.41 -0.12
C GLU E 184 -33.82 -42.32 -1.36
N GLN E 185 -32.55 -42.71 -1.20
CA GLN E 185 -31.62 -42.86 -2.32
C GLN E 185 -32.14 -43.82 -3.42
N THR E 186 -32.42 -45.07 -3.03
CA THR E 186 -32.86 -46.07 -4.00
C THR E 186 -34.26 -45.76 -4.53
N LYS E 187 -35.10 -45.17 -3.68
CA LYS E 187 -36.47 -44.76 -4.06
C LYS E 187 -36.45 -43.76 -5.21
N LEU E 188 -35.54 -42.79 -5.14
CA LEU E 188 -35.47 -41.70 -6.12
C LEU E 188 -34.58 -41.99 -7.33
N TYR E 189 -33.46 -42.68 -7.10
CA TYR E 189 -32.41 -42.80 -8.11
C TYR E 189 -31.98 -44.23 -8.42
N ILE E 190 -32.66 -45.22 -7.82
CA ILE E 190 -32.40 -46.64 -8.04
C ILE E 190 -31.03 -47.12 -7.55
N GLN E 191 -29.95 -46.62 -8.15
CA GLN E 191 -28.59 -46.96 -7.73
C GLN E 191 -28.34 -46.58 -6.26
N GLU E 192 -27.46 -47.31 -5.59
CA GLU E 192 -27.16 -47.06 -4.18
C GLU E 192 -26.19 -45.91 -3.99
N SER E 193 -25.40 -45.63 -5.02
CA SER E 193 -24.44 -44.53 -5.00
C SER E 193 -24.54 -43.68 -6.27
N GLY E 194 -24.81 -42.39 -6.11
CA GLY E 194 -24.82 -41.46 -7.24
C GLY E 194 -23.43 -40.96 -7.57
N ARG E 195 -23.33 -40.26 -8.71
CA ARG E 195 -22.07 -39.68 -9.19
C ARG E 195 -22.38 -38.65 -10.28
N VAL E 196 -21.70 -37.50 -10.24
CA VAL E 196 -21.84 -36.45 -11.25
C VAL E 196 -20.46 -36.00 -11.72
N THR E 197 -20.19 -36.15 -13.02
CA THR E 197 -18.98 -35.57 -13.62
C THR E 197 -19.33 -34.57 -14.72
N VAL E 198 -18.97 -33.31 -14.47
CA VAL E 198 -19.15 -32.23 -15.43
C VAL E 198 -17.77 -31.86 -15.95
N SER E 199 -17.58 -31.94 -17.27
CA SER E 199 -16.26 -31.83 -17.87
C SER E 199 -16.23 -30.87 -19.04
N THR E 200 -15.01 -30.55 -19.50
CA THR E 200 -14.76 -29.81 -20.75
C THR E 200 -13.48 -30.39 -21.33
N GLU E 201 -12.96 -29.78 -22.41
CA GLU E 201 -11.67 -30.16 -22.97
C GLU E 201 -10.50 -29.68 -22.09
N ARG E 202 -10.84 -28.87 -21.08
CA ARG E 202 -9.85 -28.15 -20.29
C ARG E 202 -9.97 -28.40 -18.79
N SER E 203 -11.00 -29.12 -18.36
CA SER E 203 -11.31 -29.25 -16.93
C SER E 203 -12.33 -30.34 -16.64
N GLN E 204 -12.46 -30.68 -15.36
CA GLN E 204 -13.43 -31.67 -14.90
C GLN E 204 -13.77 -31.46 -13.43
N GLN E 205 -15.02 -31.73 -13.07
CA GLN E 205 -15.44 -31.76 -11.67
C GLN E 205 -16.24 -33.03 -11.42
N THR E 206 -15.89 -33.77 -10.37
CA THR E 206 -16.67 -34.94 -9.94
C THR E 206 -17.19 -34.78 -8.52
N VAL E 207 -18.50 -34.96 -8.34
CA VAL E 207 -19.12 -34.89 -7.01
C VAL E 207 -19.84 -36.20 -6.64
N ILE E 208 -19.67 -36.61 -5.39
CA ILE E 208 -20.29 -37.82 -4.85
C ILE E 208 -21.30 -37.42 -3.77
N PRO E 209 -22.56 -37.88 -3.88
CA PRO E 209 -23.52 -37.56 -2.82
C PRO E 209 -23.20 -38.34 -1.53
N ASN E 210 -23.59 -37.78 -0.39
CA ASN E 210 -23.36 -38.38 0.93
C ASN E 210 -24.69 -38.54 1.64
N ILE E 211 -25.07 -39.80 1.87
CA ILE E 211 -26.35 -40.13 2.49
C ILE E 211 -26.31 -39.93 4.01
N GLY E 212 -27.39 -39.40 4.57
CA GLY E 212 -27.52 -39.21 6.00
C GLY E 212 -28.29 -37.97 6.40
N SER E 213 -28.67 -37.91 7.67
CA SER E 213 -29.48 -36.81 8.20
C SER E 213 -28.64 -35.58 8.50
N ARG E 214 -29.23 -34.42 8.26
CA ARG E 214 -28.69 -33.11 8.65
C ARG E 214 -29.83 -32.42 9.38
N PRO E 215 -29.56 -31.30 10.09
CA PRO E 215 -30.64 -30.65 10.84
C PRO E 215 -31.85 -30.29 9.97
N TRP E 216 -33.03 -30.35 10.58
CA TRP E 216 -34.31 -30.07 9.96
C TRP E 216 -34.38 -28.60 9.55
N VAL E 217 -34.56 -28.35 8.25
CA VAL E 217 -34.85 -27.01 7.74
C VAL E 217 -35.98 -27.12 6.72
N ARG E 218 -37.06 -26.38 6.98
CA ARG E 218 -38.27 -26.35 6.14
C ARG E 218 -38.70 -27.76 5.72
N GLY E 219 -38.87 -28.64 6.70
CA GLY E 219 -39.30 -30.02 6.46
C GLY E 219 -38.21 -30.96 5.99
N GLN E 220 -37.06 -30.42 5.62
CA GLN E 220 -36.02 -31.20 4.95
C GLN E 220 -34.80 -31.57 5.80
N SER E 221 -34.43 -32.84 5.66
CA SER E 221 -33.34 -33.45 6.39
C SER E 221 -32.12 -33.63 5.48
N GLY E 222 -32.37 -33.71 4.17
CA GLY E 222 -31.31 -33.77 3.16
C GLY E 222 -30.89 -32.39 2.69
N ARG E 223 -29.98 -32.35 1.72
CA ARG E 223 -29.41 -31.08 1.22
C ARG E 223 -29.15 -31.10 -0.29
N ILE E 224 -28.90 -29.92 -0.84
CA ILE E 224 -28.43 -29.80 -2.21
C ILE E 224 -27.17 -28.94 -2.26
N SER E 225 -26.08 -29.54 -2.71
CA SER E 225 -24.83 -28.82 -2.93
C SER E 225 -24.84 -28.28 -4.36
N ILE E 226 -24.57 -26.99 -4.50
CA ILE E 226 -24.57 -26.32 -5.79
C ILE E 226 -23.15 -26.15 -6.30
N TYR E 227 -22.91 -26.45 -7.57
CA TYR E 227 -21.61 -26.24 -8.20
C TYR E 227 -21.75 -25.43 -9.49
N TRP E 228 -20.64 -24.92 -10.01
CA TRP E 228 -20.68 -24.16 -11.28
C TRP E 228 -19.57 -24.55 -12.25
N THR E 229 -19.81 -24.30 -13.53
CA THR E 229 -18.83 -24.60 -14.57
C THR E 229 -18.86 -23.45 -15.57
N ILE E 230 -17.69 -22.94 -15.93
CA ILE E 230 -17.57 -21.93 -16.99
C ILE E 230 -17.02 -22.57 -18.27
N VAL E 231 -17.80 -22.49 -19.33
CA VAL E 231 -17.38 -23.02 -20.63
C VAL E 231 -16.89 -21.88 -21.50
N LYS E 232 -15.72 -22.08 -22.11
CA LYS E 232 -15.13 -21.08 -23.00
C LYS E 232 -15.60 -21.26 -24.45
N PRO E 233 -15.46 -20.20 -25.29
CA PRO E 233 -15.73 -20.32 -26.72
C PRO E 233 -14.90 -21.42 -27.37
N GLY E 234 -15.55 -22.31 -28.12
CA GLY E 234 -14.85 -23.42 -28.79
C GLY E 234 -14.88 -24.70 -27.99
N ASP E 235 -15.19 -24.56 -26.69
CA ASP E 235 -15.29 -25.69 -25.77
C ASP E 235 -16.66 -26.35 -25.76
N ILE E 236 -16.76 -27.50 -25.08
CA ILE E 236 -18.00 -28.25 -24.98
C ILE E 236 -18.29 -28.75 -23.55
N LEU E 237 -19.43 -28.33 -23.00
CA LEU E 237 -19.94 -28.86 -21.75
C LEU E 237 -20.37 -30.32 -21.93
N MET E 238 -19.92 -31.19 -21.02
CA MET E 238 -20.35 -32.60 -21.01
C MET E 238 -20.73 -33.09 -19.62
N ILE E 239 -21.91 -33.69 -19.51
CA ILE E 239 -22.43 -34.14 -18.22
C ILE E 239 -22.63 -35.66 -18.14
N ASN E 240 -22.01 -36.28 -17.13
CA ASN E 240 -22.12 -37.71 -16.84
C ASN E 240 -22.74 -37.96 -15.47
N SER E 241 -23.80 -38.76 -15.43
CA SER E 241 -24.44 -39.10 -14.16
C SER E 241 -25.09 -40.48 -14.17
N ASN E 242 -24.84 -41.24 -13.11
CA ASN E 242 -25.59 -42.47 -12.85
C ASN E 242 -26.63 -42.29 -11.72
N GLY E 243 -26.77 -41.05 -11.23
CA GLY E 243 -27.79 -40.70 -10.24
C GLY E 243 -27.48 -39.46 -9.41
N ASN E 244 -28.55 -38.82 -8.92
CA ASN E 244 -28.46 -37.68 -7.98
C ASN E 244 -28.18 -36.30 -8.63
N LEU E 245 -28.19 -36.25 -9.95
CA LEU E 245 -27.94 -35.01 -10.70
C LEU E 245 -29.07 -33.99 -10.57
N VAL E 246 -28.74 -32.79 -10.09
CA VAL E 246 -29.64 -31.65 -10.23
C VAL E 246 -29.15 -30.86 -11.44
N ALA E 247 -29.83 -31.10 -12.57
CA ALA E 247 -29.39 -30.65 -13.88
C ALA E 247 -29.52 -29.15 -14.12
N PRO E 248 -28.60 -28.59 -14.92
CA PRO E 248 -28.71 -27.22 -15.41
C PRO E 248 -29.76 -27.13 -16.51
N ARG E 249 -30.54 -26.05 -16.50
CA ARG E 249 -31.53 -25.79 -17.53
C ARG E 249 -30.94 -24.99 -18.69
N GLY E 250 -29.79 -24.37 -18.46
CA GLY E 250 -29.15 -23.52 -19.46
C GLY E 250 -27.98 -22.74 -18.89
N TYR E 251 -27.77 -21.53 -19.41
CA TYR E 251 -26.64 -20.72 -18.98
C TYR E 251 -26.97 -19.27 -18.71
N PHE E 252 -26.17 -18.68 -17.82
CA PHE E 252 -26.13 -17.24 -17.63
C PHE E 252 -25.00 -16.70 -18.51
N LYS E 253 -25.23 -15.54 -19.12
CA LYS E 253 -24.20 -14.89 -19.93
C LYS E 253 -23.23 -14.13 -19.02
N LEU E 254 -21.93 -14.31 -19.26
CA LEU E 254 -20.92 -13.61 -18.46
C LEU E 254 -20.37 -12.41 -19.20
N ARG E 255 -20.85 -11.24 -18.78
CA ARG E 255 -20.31 -9.96 -19.23
C ARG E 255 -19.27 -9.56 -18.21
N THR E 256 -18.09 -9.16 -18.68
CA THR E 256 -17.11 -8.51 -17.81
C THR E 256 -17.46 -7.02 -17.77
N GLY E 257 -17.87 -6.53 -16.60
CA GLY E 257 -18.33 -5.14 -16.46
C GLY E 257 -17.95 -4.40 -15.20
N LYS E 258 -18.68 -3.32 -14.90
CA LYS E 258 -18.42 -2.46 -13.75
C LYS E 258 -19.38 -2.69 -12.56
N SER E 259 -19.95 -3.90 -12.46
CA SER E 259 -21.01 -4.16 -11.50
C SER E 259 -20.52 -4.74 -10.17
N SER E 260 -21.37 -4.70 -9.15
CA SER E 260 -21.02 -5.18 -7.82
C SER E 260 -22.25 -5.49 -6.98
N VAL E 261 -22.00 -5.92 -5.75
CA VAL E 261 -23.04 -6.24 -4.76
C VAL E 261 -22.62 -5.59 -3.44
N MET E 262 -23.60 -5.11 -2.66
CA MET E 262 -23.31 -4.47 -1.35
C MET E 262 -24.36 -4.84 -0.31
N ARG E 263 -23.91 -5.08 0.92
CA ARG E 263 -24.79 -5.38 2.05
C ARG E 263 -25.15 -4.08 2.76
N SER E 264 -26.43 -3.73 2.78
CA SER E 264 -26.88 -2.50 3.43
C SER E 264 -28.34 -2.57 3.78
N ASP E 265 -28.71 -1.91 4.87
CA ASP E 265 -30.10 -1.79 5.27
C ASP E 265 -30.61 -0.37 5.09
N ALA E 266 -29.84 0.46 4.40
CA ALA E 266 -30.22 1.83 4.12
C ALA E 266 -31.32 1.92 3.06
N LEU E 267 -32.25 2.86 3.29
CA LEU E 267 -33.29 3.18 2.31
C LEU E 267 -32.68 3.58 0.96
N ILE E 268 -33.38 3.23 -0.12
CA ILE E 268 -32.97 3.60 -1.48
C ILE E 268 -33.98 4.61 -2.00
N ASP E 269 -33.50 5.76 -2.49
CA ASP E 269 -34.37 6.89 -2.81
C ASP E 269 -33.86 7.75 -3.97
N THR E 270 -34.73 8.62 -4.48
CA THR E 270 -34.40 9.64 -5.48
C THR E 270 -33.43 10.67 -4.92
N CYS E 271 -32.27 10.76 -5.57
CA CYS E 271 -31.26 11.80 -5.37
C CYS E 271 -30.09 11.51 -6.31
N VAL E 272 -29.20 12.48 -6.49
CA VAL E 272 -27.99 12.26 -7.29
C VAL E 272 -26.72 12.31 -6.42
N SER E 273 -25.87 11.31 -6.63
CA SER E 273 -24.56 11.16 -5.99
C SER E 273 -23.85 10.03 -6.73
N GLU E 274 -22.55 10.17 -6.90
CA GLU E 274 -21.76 9.19 -7.67
C GLU E 274 -21.02 8.24 -6.77
N CYS E 275 -21.31 8.28 -5.47
CA CYS E 275 -20.59 7.45 -4.52
C CYS E 275 -21.54 6.77 -3.55
N ILE E 276 -21.47 5.45 -3.50
CA ILE E 276 -22.34 4.68 -2.62
C ILE E 276 -21.59 3.97 -1.49
N THR E 277 -22.08 4.15 -0.26
CA THR E 277 -21.62 3.41 0.89
C THR E 277 -22.82 2.71 1.54
N PRO E 278 -22.56 1.67 2.36
CA PRO E 278 -23.64 1.04 3.10
C PRO E 278 -24.43 2.01 4.01
N ASN E 279 -23.78 3.07 4.49
CA ASN E 279 -24.47 4.06 5.32
C ASN E 279 -25.35 4.99 4.51
N GLY E 280 -25.19 4.94 3.18
CA GLY E 280 -25.88 5.80 2.23
C GLY E 280 -24.91 6.40 1.22
N SER E 281 -25.42 7.26 0.33
CA SER E 281 -24.56 7.95 -0.61
C SER E 281 -23.81 9.09 0.10
N ILE E 282 -22.64 9.44 -0.41
CA ILE E 282 -21.92 10.64 0.06
C ILE E 282 -21.52 11.58 -1.09
N PRO E 283 -21.35 12.88 -0.80
CA PRO E 283 -20.82 13.80 -1.83
C PRO E 283 -19.39 13.40 -2.15
N ASN E 284 -18.89 13.80 -3.32
CA ASN E 284 -17.49 13.50 -3.64
C ASN E 284 -16.66 14.73 -3.98
N ASP E 285 -16.98 15.84 -3.33
CA ASP E 285 -16.14 17.04 -3.48
C ASP E 285 -14.79 16.88 -2.73
N LYS E 286 -14.81 16.24 -1.58
CA LYS E 286 -13.61 16.08 -0.75
C LYS E 286 -12.77 14.88 -1.23
N PRO E 287 -11.44 14.93 -1.02
CA PRO E 287 -10.66 13.79 -1.54
C PRO E 287 -10.63 12.59 -0.59
N PHE E 288 -11.07 12.81 0.65
CA PHE E 288 -11.04 11.77 1.68
C PHE E 288 -12.39 11.60 2.38
N GLN E 289 -12.59 10.44 3.00
CA GLN E 289 -13.83 10.16 3.74
C GLN E 289 -13.63 9.22 4.92
N ASN E 290 -14.48 9.35 5.94
CA ASN E 290 -14.39 8.55 7.14
C ASN E 290 -15.72 7.88 7.42
N VAL E 291 -16.53 7.74 6.38
CA VAL E 291 -17.87 7.17 6.55
C VAL E 291 -17.80 5.65 6.64
N ASN E 292 -17.17 5.02 5.64
CA ASN E 292 -17.12 3.58 5.54
C ASN E 292 -16.02 3.14 4.58
N LYS E 293 -15.25 2.11 4.98
CA LYS E 293 -14.24 1.52 4.06
C LYS E 293 -14.87 0.81 2.85
N ILE E 294 -16.15 0.41 2.94
CA ILE E 294 -16.85 -0.19 1.81
C ILE E 294 -17.52 0.92 0.98
N THR E 295 -17.17 0.99 -0.31
CA THR E 295 -17.74 1.99 -1.21
C THR E 295 -17.82 1.45 -2.63
N TYR E 296 -18.67 2.08 -3.43
CA TYR E 296 -18.77 1.78 -4.84
C TYR E 296 -18.95 3.08 -5.62
N GLY E 297 -18.24 3.20 -6.73
CA GLY E 297 -18.31 4.38 -7.59
C GLY E 297 -17.15 5.37 -7.47
N LYS E 298 -17.41 6.62 -7.86
CA LYS E 298 -16.43 7.69 -7.83
C LYS E 298 -16.34 8.27 -6.41
N CYS E 299 -15.41 7.75 -5.62
CA CYS E 299 -15.42 7.99 -4.19
C CYS E 299 -14.14 8.59 -3.61
N PRO E 300 -14.30 9.45 -2.60
CA PRO E 300 -13.15 9.83 -1.79
C PRO E 300 -12.60 8.58 -1.11
N LYS E 301 -11.30 8.60 -0.83
CA LYS E 301 -10.58 7.47 -0.27
C LYS E 301 -10.76 7.39 1.22
N TYR E 302 -10.96 6.19 1.73
CA TYR E 302 -11.23 6.01 3.14
C TYR E 302 -9.95 6.19 3.95
N ILE E 303 -10.01 7.02 4.99
CA ILE E 303 -8.90 7.21 5.94
C ILE E 303 -9.42 7.13 7.38
N ARG E 304 -8.55 6.97 8.37
CA ARG E 304 -9.01 6.84 9.76
C ARG E 304 -9.46 8.16 10.38
N GLN E 305 -8.88 9.27 9.93
CA GLN E 305 -9.16 10.59 10.52
C GLN E 305 -10.57 11.03 10.17
N ASN E 306 -11.31 11.56 11.14
CA ASN E 306 -12.66 12.08 10.88
C ASN E 306 -12.70 13.56 10.53
N THR E 307 -11.56 14.24 10.66
CA THR E 307 -11.43 15.62 10.23
C THR E 307 -9.97 15.94 9.81
N LEU E 308 -9.83 16.71 8.74
CA LEU E 308 -8.55 17.22 8.26
C LEU E 308 -8.75 18.58 7.58
N LYS E 309 -8.29 19.64 8.23
CA LYS E 309 -8.54 20.99 7.71
C LYS E 309 -7.39 21.46 6.83
N LEU E 310 -7.72 21.89 5.62
CA LEU E 310 -6.74 22.50 4.73
C LEU E 310 -6.85 24.02 4.90
N ALA E 311 -5.74 24.65 5.29
CA ALA E 311 -5.77 26.10 5.49
C ALA E 311 -6.10 26.81 4.18
N THR E 312 -7.00 27.80 4.23
CA THR E 312 -7.36 28.56 3.03
C THR E 312 -7.18 30.07 3.27
N GLY E 313 -6.32 30.41 4.23
CA GLY E 313 -6.09 31.78 4.66
C GLY E 313 -4.78 31.89 5.42
N MET E 314 -4.34 33.13 5.64
CA MET E 314 -3.13 33.41 6.38
C MET E 314 -3.32 33.09 7.87
N ARG E 315 -2.20 33.13 8.61
CA ARG E 315 -2.19 33.06 10.05
C ARG E 315 -3.07 34.19 10.62
N ASN E 316 -3.97 33.86 11.56
CA ASN E 316 -4.86 34.86 12.17
C ASN E 316 -4.23 35.52 13.39
N VAL E 317 -4.22 36.85 13.42
CA VAL E 317 -3.62 37.60 14.53
C VAL E 317 -4.58 38.74 14.87
N PRO E 318 -5.59 38.44 15.71
CA PRO E 318 -6.63 39.43 16.05
C PRO E 318 -6.06 40.61 16.79
N GLU E 319 -6.75 41.73 16.70
CA GLU E 319 -6.38 42.95 17.41
C GLU E 319 -6.44 42.73 18.92
N LYS E 320 -5.56 43.41 19.64
CA LYS E 320 -5.57 43.36 21.10
C LYS E 320 -6.83 43.95 21.73
N GLN E 321 -7.27 43.32 22.81
CA GLN E 321 -8.39 43.81 23.62
C GLN E 321 -7.91 44.14 25.04
N ILE E 322 -6.62 43.92 25.29
CA ILE E 322 -5.94 44.00 26.61
C ILE E 322 -6.86 43.90 27.82
N GLY F 1 5.75 32.99 10.79
CA GLY F 1 6.07 32.40 9.47
C GLY F 1 7.51 32.64 9.08
N ILE F 2 7.94 31.95 8.03
CA ILE F 2 9.33 31.93 7.64
C ILE F 2 9.85 33.29 7.12
N PHE F 3 8.94 34.19 6.77
CA PHE F 3 9.35 35.50 6.27
C PHE F 3 9.32 36.60 7.31
N GLY F 4 8.79 36.31 8.49
CA GLY F 4 8.88 37.25 9.61
C GLY F 4 7.99 38.48 9.59
N ALA F 5 7.03 38.54 8.67
CA ALA F 5 6.07 39.65 8.59
C ALA F 5 4.80 39.41 9.42
N ILE F 6 3.94 38.52 8.95
CA ILE F 6 2.67 38.21 9.63
C ILE F 6 2.97 37.49 10.95
N ALA F 7 2.45 38.01 12.05
CA ALA F 7 2.77 37.48 13.39
C ALA F 7 4.28 37.62 13.63
N GLY F 8 4.86 38.65 13.03
CA GLY F 8 6.29 38.93 13.09
C GLY F 8 6.49 40.42 13.29
N PHE F 9 7.15 41.10 12.35
CA PHE F 9 7.41 42.55 12.52
C PHE F 9 6.15 43.42 12.33
N ILE F 10 5.10 42.86 11.75
CA ILE F 10 3.79 43.50 11.84
C ILE F 10 3.09 42.92 13.06
N GLU F 11 2.76 43.81 14.00
CA GLU F 11 2.33 43.40 15.34
C GLU F 11 1.09 42.51 15.31
N ASN F 12 0.08 42.91 14.56
CA ASN F 12 -1.13 42.15 14.42
C ASN F 12 -1.91 42.52 13.16
N GLY F 13 -3.01 41.80 12.92
CA GLY F 13 -3.91 42.05 11.79
C GLY F 13 -4.99 43.10 12.00
N TRP F 14 -5.63 43.47 10.90
CA TRP F 14 -6.72 44.45 10.93
C TRP F 14 -8.09 43.81 10.70
N GLU F 15 -8.86 43.65 11.77
CA GLU F 15 -10.22 43.10 11.67
C GLU F 15 -11.15 43.97 10.84
N GLY F 16 -10.91 45.28 10.85
CA GLY F 16 -11.66 46.22 10.04
C GLY F 16 -11.40 46.22 8.54
N MET F 17 -10.31 45.60 8.08
CA MET F 17 -10.08 45.55 6.63
C MET F 17 -10.85 44.40 6.01
N VAL F 18 -12.06 44.71 5.53
CA VAL F 18 -12.99 43.70 5.02
C VAL F 18 -12.97 43.55 3.50
N ASP F 19 -12.24 44.44 2.82
CA ASP F 19 -12.27 44.52 1.36
C ASP F 19 -11.04 43.88 0.68
N GLY F 20 -10.16 43.26 1.46
CA GLY F 20 -8.95 42.63 0.94
C GLY F 20 -8.10 42.00 2.03
N TRP F 21 -7.10 41.22 1.63
CA TRP F 21 -6.21 40.51 2.57
C TRP F 21 -5.01 41.34 3.06
N TYR F 22 -4.53 42.25 2.20
CA TYR F 22 -3.41 43.12 2.51
C TYR F 22 -3.74 44.54 2.12
N GLY F 23 -3.10 45.51 2.75
CA GLY F 23 -3.38 46.90 2.41
C GLY F 23 -2.66 47.96 3.22
N PHE F 24 -3.22 49.17 3.15
CA PHE F 24 -2.58 50.33 3.72
C PHE F 24 -3.46 51.05 4.73
N ARG F 25 -2.82 51.57 5.77
CA ARG F 25 -3.44 52.59 6.61
C ARG F 25 -2.53 53.81 6.57
N TYR F 26 -3.14 54.99 6.55
CA TYR F 26 -2.36 56.21 6.37
C TYR F 26 -2.93 57.41 7.09
N GLN F 27 -2.04 58.34 7.41
CA GLN F 27 -2.40 59.60 7.99
C GLN F 27 -1.68 60.69 7.21
N ASN F 28 -2.42 61.70 6.76
CA ASN F 28 -1.87 62.73 5.90
C ASN F 28 -2.52 64.09 6.17
N SER F 29 -2.30 65.05 5.26
CA SER F 29 -2.83 66.39 5.42
C SER F 29 -4.37 66.46 5.45
N GLU F 30 -5.03 65.37 5.04
CA GLU F 30 -6.48 65.38 4.92
C GLU F 30 -7.17 64.50 5.96
N GLY F 31 -6.39 63.90 6.86
CA GLY F 31 -6.94 63.03 7.90
C GLY F 31 -6.32 61.65 7.84
N THR F 32 -7.11 60.63 8.20
CA THR F 32 -6.65 59.23 8.11
C THR F 32 -7.51 58.43 7.11
N GLY F 33 -7.09 57.19 6.85
CA GLY F 33 -7.79 56.33 5.91
C GLY F 33 -7.24 54.92 5.81
N GLN F 34 -7.96 54.07 5.10
CA GLN F 34 -7.59 52.66 4.90
C GLN F 34 -8.03 52.19 3.52
N ALA F 35 -7.16 51.46 2.83
CA ALA F 35 -7.46 50.89 1.52
C ALA F 35 -6.75 49.56 1.34
N ALA F 36 -7.39 48.60 0.71
CA ALA F 36 -6.78 47.31 0.45
C ALA F 36 -5.93 47.36 -0.80
N ASP F 37 -4.90 46.53 -0.86
CA ASP F 37 -4.17 46.34 -2.10
C ASP F 37 -4.74 45.09 -2.79
N LEU F 38 -5.25 45.27 -4.00
CA LEU F 38 -5.92 44.18 -4.71
C LEU F 38 -4.94 43.17 -5.33
N LYS F 39 -3.78 43.65 -5.75
CA LYS F 39 -2.81 42.82 -6.47
C LYS F 39 -2.15 41.74 -5.57
N SER F 40 -1.82 42.11 -4.33
CA SER F 40 -1.24 41.16 -3.40
C SER F 40 -2.33 40.24 -2.84
N THR F 41 -3.52 40.80 -2.60
CA THR F 41 -4.67 39.99 -2.17
C THR F 41 -4.92 38.90 -3.21
N GLN F 42 -4.89 39.28 -4.49
CA GLN F 42 -5.18 38.35 -5.57
C GLN F 42 -4.07 37.30 -5.76
N ALA F 43 -2.81 37.71 -5.61
CA ALA F 43 -1.68 36.81 -5.76
C ALA F 43 -1.82 35.64 -4.79
N ALA F 44 -2.21 35.98 -3.55
CA ALA F 44 -2.39 35.01 -2.49
C ALA F 44 -3.62 34.14 -2.79
N ILE F 45 -4.72 34.77 -3.17
CA ILE F 45 -5.96 34.05 -3.43
C ILE F 45 -5.75 33.05 -4.57
N ASP F 46 -5.10 33.50 -5.64
CA ASP F 46 -4.79 32.63 -6.78
C ASP F 46 -4.02 31.38 -6.41
N GLN F 47 -2.94 31.55 -5.65
CA GLN F 47 -2.15 30.41 -5.21
C GLN F 47 -2.97 29.44 -4.38
N ILE F 48 -3.80 29.96 -3.47
CA ILE F 48 -4.59 29.09 -2.59
C ILE F 48 -5.68 28.35 -3.38
N ASN F 49 -6.31 29.02 -4.35
CA ASN F 49 -7.20 28.34 -5.31
C ASN F 49 -6.50 27.27 -6.13
N GLY F 50 -5.25 27.53 -6.52
CA GLY F 50 -4.37 26.52 -7.12
C GLY F 50 -4.27 25.24 -6.30
N LYS F 51 -3.84 25.35 -5.05
CA LYS F 51 -3.78 24.19 -4.12
C LYS F 51 -5.11 23.46 -4.06
N LEU F 52 -6.15 24.24 -3.84
CA LEU F 52 -7.50 23.76 -3.66
C LEU F 52 -7.95 22.98 -4.90
N ASN F 53 -7.65 23.48 -6.10
CA ASN F 53 -8.03 22.75 -7.32
C ASN F 53 -7.28 21.43 -7.55
N ARG F 54 -6.05 21.31 -7.04
CA ARG F 54 -5.30 20.07 -7.22
C ARG F 54 -5.78 18.96 -6.31
N VAL F 55 -6.35 19.37 -5.18
CA VAL F 55 -6.83 18.48 -4.12
C VAL F 55 -8.33 18.09 -4.25
N ILE F 56 -9.14 18.97 -4.83
CA ILE F 56 -10.61 18.81 -4.87
C ILE F 56 -11.14 18.38 -6.25
N GLU F 57 -12.35 17.78 -6.27
CA GLU F 57 -13.03 17.28 -7.49
C GLU F 57 -12.18 16.29 -8.32
N ARG F 58 -11.30 15.56 -7.64
CA ARG F 58 -10.30 14.72 -8.30
C ARG F 58 -10.47 13.21 -8.04
N THR F 59 -11.63 12.81 -7.55
CA THR F 59 -11.79 11.43 -7.06
C THR F 59 -11.74 10.39 -8.19
N ASN F 60 -11.35 9.17 -7.84
CA ASN F 60 -11.31 8.06 -8.80
C ASN F 60 -12.52 7.14 -8.69
N GLU F 61 -12.83 6.49 -9.79
CA GLU F 61 -13.97 5.60 -9.86
C GLU F 61 -13.47 4.18 -9.64
N LYS F 62 -13.93 3.54 -8.56
CA LYS F 62 -13.64 2.11 -8.32
C LYS F 62 -14.93 1.31 -8.37
N PHE F 63 -14.84 0.06 -8.82
CA PHE F 63 -16.04 -0.76 -9.01
C PHE F 63 -16.12 -1.94 -8.06
N HIS F 64 -16.08 -3.16 -8.59
CA HIS F 64 -16.13 -4.33 -7.73
C HIS F 64 -14.78 -4.51 -7.08
N GLN F 65 -14.78 -4.88 -5.81
CA GLN F 65 -13.53 -5.04 -5.08
C GLN F 65 -13.54 -6.30 -4.19
N ILE F 66 -12.72 -6.32 -3.16
CA ILE F 66 -12.75 -7.41 -2.20
C ILE F 66 -13.75 -7.12 -1.09
N GLU F 67 -14.23 -8.17 -0.44
CA GLU F 67 -15.09 -8.03 0.72
C GLU F 67 -14.29 -7.46 1.89
N LYS F 68 -14.96 -6.72 2.77
CA LYS F 68 -14.29 -6.07 3.89
C LYS F 68 -14.89 -6.34 5.28
N GLU F 69 -16.09 -6.91 5.33
CA GLU F 69 -16.69 -7.41 6.55
C GLU F 69 -17.04 -8.87 6.34
N PHE F 70 -16.99 -9.65 7.42
CA PHE F 70 -17.23 -11.09 7.32
C PHE F 70 -18.11 -11.57 8.47
N SER F 71 -19.00 -12.52 8.19
CA SER F 71 -19.89 -13.03 9.21
C SER F 71 -19.43 -14.36 9.81
N GLU F 72 -18.37 -14.95 9.23
CA GLU F 72 -17.77 -16.18 9.73
C GLU F 72 -16.29 -16.04 9.92
N VAL F 73 -15.76 -16.82 10.85
CA VAL F 73 -14.32 -16.96 11.02
C VAL F 73 -13.85 -17.93 9.95
N GLU F 74 -12.75 -17.62 9.26
CA GLU F 74 -12.30 -18.45 8.14
C GLU F 74 -10.81 -18.81 8.16
N GLY F 75 -10.01 -17.97 8.81
CA GLY F 75 -8.59 -18.20 8.91
C GLY F 75 -7.79 -17.49 7.85
N ARG F 76 -6.89 -18.25 7.23
CA ARG F 76 -5.80 -17.72 6.39
C ARG F 76 -6.21 -16.66 5.37
N ILE F 77 -7.23 -16.91 4.57
CA ILE F 77 -7.48 -15.98 3.46
C ILE F 77 -8.30 -14.74 3.86
N GLN F 78 -9.24 -14.88 4.80
CA GLN F 78 -9.84 -13.71 5.44
C GLN F 78 -8.76 -12.84 6.14
N ASP F 79 -7.74 -13.49 6.74
CA ASP F 79 -6.68 -12.79 7.44
C ASP F 79 -5.99 -11.85 6.48
N LEU F 80 -5.69 -12.37 5.29
CA LEU F 80 -4.96 -11.66 4.26
C LEU F 80 -5.83 -10.54 3.70
N GLU F 81 -7.09 -10.86 3.38
CA GLU F 81 -8.09 -9.88 2.95
C GLU F 81 -8.15 -8.70 3.93
N LYS F 82 -8.21 -8.99 5.23
CA LYS F 82 -8.22 -7.93 6.25
C LYS F 82 -6.92 -7.14 6.31
N TYR F 83 -5.80 -7.86 6.27
CA TYR F 83 -4.48 -7.25 6.35
C TYR F 83 -4.24 -6.32 5.18
N VAL F 84 -4.70 -6.72 3.99
CA VAL F 84 -4.57 -5.90 2.79
C VAL F 84 -5.34 -4.58 2.98
N GLU F 85 -6.58 -4.68 3.44
CA GLU F 85 -7.38 -3.49 3.63
C GLU F 85 -6.77 -2.60 4.71
N ASP F 86 -6.33 -3.20 5.81
CA ASP F 86 -5.76 -2.43 6.90
C ASP F 86 -4.49 -1.70 6.47
N THR F 87 -3.68 -2.37 5.66
CA THR F 87 -2.46 -1.80 5.10
C THR F 87 -2.75 -0.61 4.18
N LYS F 88 -3.73 -0.76 3.29
CA LYS F 88 -4.11 0.28 2.38
C LYS F 88 -4.59 1.54 3.14
N ILE F 89 -5.51 1.34 4.08
CA ILE F 89 -6.06 2.43 4.88
C ILE F 89 -4.98 3.22 5.64
N ASP F 90 -4.07 2.51 6.29
CA ASP F 90 -3.02 3.19 7.02
C ASP F 90 -2.15 4.03 6.11
N LEU F 91 -1.84 3.52 4.92
CA LEU F 91 -1.00 4.25 3.98
C LEU F 91 -1.68 5.51 3.44
N TRP F 92 -2.97 5.42 3.12
CA TRP F 92 -3.73 6.59 2.71
C TRP F 92 -3.87 7.62 3.83
N SER F 93 -4.16 7.13 5.04
CA SER F 93 -4.24 7.97 6.23
C SER F 93 -2.93 8.75 6.40
N TYR F 94 -1.79 8.10 6.15
CA TYR F 94 -0.50 8.77 6.26
C TYR F 94 -0.38 9.84 5.18
N ASN F 95 -0.75 9.52 3.94
CA ASN F 95 -0.76 10.50 2.87
C ASN F 95 -1.60 11.73 3.19
N ALA F 96 -2.81 11.49 3.68
CA ALA F 96 -3.71 12.56 4.09
C ALA F 96 -3.09 13.46 5.17
N GLU F 97 -2.50 12.87 6.21
CA GLU F 97 -1.89 13.63 7.28
C GLU F 97 -0.70 14.48 6.77
N LEU F 98 0.17 13.86 5.96
CA LEU F 98 1.36 14.54 5.47
C LEU F 98 0.97 15.68 4.53
N LEU F 99 0.05 15.41 3.60
CA LEU F 99 -0.36 16.40 2.62
C LEU F 99 -0.85 17.71 3.29
N VAL F 100 -1.74 17.55 4.26
CA VAL F 100 -2.34 18.68 4.92
C VAL F 100 -1.29 19.47 5.73
N ALA F 101 -0.40 18.74 6.40
CA ALA F 101 0.71 19.36 7.15
C ALA F 101 1.59 20.22 6.24
N LEU F 102 1.98 19.67 5.08
CA LEU F 102 2.85 20.35 4.14
C LEU F 102 2.16 21.53 3.49
N GLU F 103 0.92 21.32 3.03
CA GLU F 103 0.16 22.38 2.40
C GLU F 103 0.02 23.55 3.36
N ASN F 104 -0.41 23.26 4.59
CA ASN F 104 -0.64 24.29 5.59
C ASN F 104 0.62 25.07 5.98
N GLN F 105 1.75 24.39 6.13
CA GLN F 105 3.02 25.09 6.36
C GLN F 105 3.25 26.06 5.20
N HIS F 106 3.01 25.59 3.99
CA HIS F 106 3.35 26.34 2.80
C HIS F 106 2.40 27.54 2.62
N THR F 107 1.13 27.35 2.99
CA THR F 107 0.11 28.37 2.87
C THR F 107 0.36 29.52 3.84
N ILE F 108 0.68 29.18 5.08
CA ILE F 108 1.08 30.19 6.05
C ILE F 108 2.28 30.98 5.55
N ASP F 109 3.30 30.27 5.04
CA ASP F 109 4.51 30.90 4.52
C ASP F 109 4.26 31.78 3.28
N LEU F 110 3.44 31.30 2.33
CA LEU F 110 3.23 32.07 1.10
C LEU F 110 2.42 33.36 1.34
N THR F 111 1.53 33.35 2.31
CA THR F 111 0.78 34.54 2.65
C THR F 111 1.69 35.51 3.42
N ASP F 112 2.56 34.97 4.28
CA ASP F 112 3.58 35.76 4.98
C ASP F 112 4.44 36.52 3.97
N ALA F 113 4.88 35.79 2.94
CA ALA F 113 5.73 36.32 1.87
C ALA F 113 5.07 37.45 1.14
N GLU F 114 3.76 37.32 0.90
CA GLU F 114 3.03 38.36 0.19
C GLU F 114 3.04 39.64 1.00
N MET F 115 2.96 39.53 2.32
CA MET F 115 2.99 40.70 3.19
C MET F 115 4.35 41.36 3.06
N ASN F 116 5.40 40.56 3.15
CA ASN F 116 6.75 41.06 2.94
C ASN F 116 6.98 41.70 1.56
N LYS F 117 6.50 41.07 0.49
CA LYS F 117 6.71 41.66 -0.85
C LYS F 117 6.04 43.04 -1.00
N LEU F 118 4.85 43.19 -0.41
CA LEU F 118 4.14 44.46 -0.47
C LEU F 118 4.93 45.55 0.29
N PHE F 119 5.47 45.18 1.46
CA PHE F 119 6.30 46.10 2.21
C PHE F 119 7.47 46.58 1.37
N GLU F 120 8.18 45.65 0.76
CA GLU F 120 9.35 45.97 -0.07
C GLU F 120 9.01 46.77 -1.32
N LYS F 121 7.89 46.44 -1.96
CA LYS F 121 7.39 47.17 -3.13
C LYS F 121 7.21 48.64 -2.78
N THR F 122 6.62 48.88 -1.61
CA THR F 122 6.40 50.22 -1.11
C THR F 122 7.74 50.95 -0.82
N ARG F 123 8.66 50.29 -0.11
CA ARG F 123 9.98 50.87 0.17
C ARG F 123 10.73 51.27 -1.11
N ARG F 124 10.66 50.42 -2.13
CA ARG F 124 11.24 50.75 -3.42
C ARG F 124 10.70 52.06 -4.02
N GLN F 125 9.38 52.23 -4.00
CA GLN F 125 8.74 53.43 -4.57
C GLN F 125 9.18 54.69 -3.84
N LEU F 126 9.33 54.57 -2.53
CA LEU F 126 9.54 55.74 -1.69
C LEU F 126 10.97 56.24 -1.74
N ARG F 127 11.91 55.34 -2.03
CA ARG F 127 13.32 55.71 -2.19
C ARG F 127 13.83 56.57 -0.99
N GLU F 128 14.42 57.75 -1.23
CA GLU F 128 14.96 58.56 -0.13
C GLU F 128 13.94 59.48 0.54
N ASN F 129 12.66 59.29 0.27
CA ASN F 129 11.62 60.20 0.77
C ASN F 129 10.93 59.70 2.04
N ALA F 130 11.37 58.54 2.54
CA ALA F 130 10.78 57.92 3.72
C ALA F 130 11.75 57.03 4.48
N GLU F 131 11.45 56.83 5.76
CA GLU F 131 12.22 55.96 6.63
C GLU F 131 11.29 54.91 7.27
N ASP F 132 11.82 53.74 7.54
CA ASP F 132 11.07 52.67 8.19
C ASP F 132 10.96 52.97 9.69
N MET F 133 9.71 53.07 10.17
CA MET F 133 9.40 53.43 11.57
C MET F 133 9.36 52.20 12.48
N GLY F 134 9.37 51.01 11.87
CA GLY F 134 9.06 49.77 12.58
C GLY F 134 7.58 49.46 12.48
N GLY F 135 7.21 48.23 12.84
CA GLY F 135 5.82 47.80 12.84
C GLY F 135 5.15 47.88 11.48
N GLY F 136 5.96 47.89 10.41
CA GLY F 136 5.45 48.06 9.06
C GLY F 136 5.01 49.46 8.65
N CYS F 137 5.40 50.49 9.41
CA CYS F 137 5.05 51.88 9.04
C CYS F 137 6.24 52.69 8.48
N PHE F 138 5.91 53.57 7.53
CA PHE F 138 6.88 54.46 6.92
C PHE F 138 6.56 55.90 7.35
N LYS F 139 7.58 56.65 7.75
CA LYS F 139 7.44 58.09 7.85
C LYS F 139 7.77 58.70 6.48
N ILE F 140 6.77 59.25 5.81
CA ILE F 140 6.94 59.98 4.56
C ILE F 140 7.20 61.45 4.89
N TYR F 141 8.38 61.95 4.48
CA TYR F 141 8.86 63.26 4.92
C TYR F 141 8.49 64.43 4.00
N HIS F 142 7.31 64.36 3.39
CA HIS F 142 6.75 65.48 2.64
C HIS F 142 5.23 65.45 2.74
N LYS F 143 4.60 66.60 2.49
CA LYS F 143 3.15 66.69 2.39
C LYS F 143 2.67 65.70 1.34
N CYS F 144 1.69 64.89 1.70
CA CYS F 144 1.23 63.84 0.80
C CYS F 144 -0.28 63.64 0.90
N ASP F 145 -1.02 64.47 0.16
CA ASP F 145 -2.49 64.43 0.16
C ASP F 145 -3.04 63.14 -0.44
N ASN F 146 -4.36 63.05 -0.60
CA ASN F 146 -4.97 61.80 -1.07
C ASN F 146 -4.50 61.35 -2.46
N ALA F 147 -4.14 62.30 -3.33
CA ALA F 147 -3.65 61.98 -4.66
C ALA F 147 -2.28 61.36 -4.58
N CYS F 148 -1.40 62.00 -3.81
CA CYS F 148 -0.07 61.48 -3.52
C CYS F 148 -0.18 60.03 -2.98
N ILE F 149 -1.01 59.82 -1.95
CA ILE F 149 -1.23 58.48 -1.43
C ILE F 149 -1.76 57.57 -2.54
N GLY F 150 -2.71 58.08 -3.32
CA GLY F 150 -3.29 57.33 -4.44
C GLY F 150 -2.25 56.75 -5.37
N SER F 151 -1.23 57.55 -5.69
CA SER F 151 -0.17 57.14 -6.60
C SER F 151 0.75 56.09 -5.99
N ILE F 152 0.95 56.14 -4.68
CA ILE F 152 1.67 55.06 -4.00
C ILE F 152 0.88 53.75 -4.15
N ARG F 153 -0.42 53.82 -3.89
CA ARG F 153 -1.31 52.69 -4.05
C ARG F 153 -1.35 52.16 -5.48
N ASN F 154 -1.37 53.06 -6.47
CA ASN F 154 -1.35 52.63 -7.87
C ASN F 154 0.04 52.17 -8.33
N GLY F 155 1.07 52.43 -7.52
CA GLY F 155 2.44 52.10 -7.90
C GLY F 155 3.02 53.02 -8.96
N THR F 156 2.55 54.28 -8.98
CA THR F 156 3.02 55.25 -9.96
C THR F 156 3.48 56.55 -9.29
N TYR F 157 3.84 56.45 -8.02
CA TYR F 157 4.38 57.57 -7.25
C TYR F 157 5.79 57.86 -7.77
N ASP F 158 6.09 59.14 -7.97
CA ASP F 158 7.37 59.54 -8.53
C ASP F 158 8.20 60.30 -7.48
N HIS F 159 9.16 59.58 -6.87
CA HIS F 159 9.97 60.08 -5.77
C HIS F 159 10.69 61.41 -6.07
N TYR F 160 10.98 61.65 -7.35
CA TYR F 160 11.75 62.81 -7.76
C TYR F 160 11.01 64.14 -7.56
N ILE F 161 9.67 64.11 -7.61
CA ILE F 161 8.88 65.32 -7.40
C ILE F 161 9.10 65.85 -5.98
N TYR F 162 9.19 64.94 -5.01
CA TYR F 162 9.18 65.31 -3.60
C TYR F 162 10.55 65.30 -2.94
N ARG F 163 11.55 64.81 -3.67
CA ARG F 163 12.85 64.51 -3.09
C ARG F 163 13.48 65.68 -2.32
N ASP F 164 13.53 66.85 -2.94
CA ASP F 164 14.09 68.04 -2.28
C ASP F 164 13.38 68.34 -0.98
N GLU F 165 12.05 68.46 -1.04
CA GLU F 165 11.26 68.69 0.17
C GLU F 165 11.60 67.67 1.26
N ALA F 166 11.59 66.39 0.90
CA ALA F 166 11.75 65.31 1.86
C ALA F 166 13.16 65.21 2.42
N LEU F 167 14.16 65.33 1.55
CA LEU F 167 15.55 65.32 2.00
C LEU F 167 15.80 66.41 3.03
N ASN F 168 15.19 67.57 2.80
CA ASN F 168 15.31 68.69 3.70
C ASN F 168 14.66 68.45 5.05
N ASN F 169 13.45 67.90 5.02
CA ASN F 169 12.78 67.52 6.25
C ASN F 169 13.52 66.41 7.01
N ARG F 170 14.14 65.47 6.27
CA ARG F 170 14.84 64.34 6.88
C ARG F 170 16.12 64.76 7.61
N PHE F 171 16.79 65.78 7.10
CA PHE F 171 18.11 66.12 7.65
C PHE F 171 18.24 67.57 8.12
N GLN F 172 18.39 67.75 9.44
CA GLN F 172 18.77 69.03 10.08
C GLN F 172 18.45 69.04 11.58
C1 NAG G . 8.44 -13.21 33.16
C2 NAG G . 7.48 -14.02 34.02
C3 NAG G . 8.09 -14.17 35.42
C4 NAG G . 9.47 -14.85 35.35
C5 NAG G . 10.35 -14.28 34.21
C6 NAG G . 11.47 -15.23 33.80
C7 NAG G . 5.63 -12.32 34.37
C8 NAG G . 4.15 -12.11 34.15
N2 NAG G . 6.10 -13.51 33.98
O3 NAG G . 7.22 -14.93 36.24
O4 NAG G . 10.09 -14.73 36.63
O5 NAG G . 9.63 -13.98 33.01
O6 NAG G . 10.94 -16.34 33.12
O7 NAG G . 6.31 -11.41 34.87
C1 NAG G . 10.89 -15.87 37.05
C2 NAG G . 11.81 -15.37 38.18
C3 NAG G . 12.58 -16.49 38.87
C4 NAG G . 11.70 -17.71 39.16
C5 NAG G . 10.89 -18.11 37.92
C6 NAG G . 9.98 -19.28 38.24
C7 NAG G . 13.72 -14.45 36.86
C8 NAG G . 14.45 -13.19 36.51
N2 NAG G . 12.68 -14.31 37.69
O3 NAG G . 13.12 -16.02 40.08
O4 NAG G . 12.54 -18.77 39.56
O5 NAG G . 10.14 -17.00 37.45
O6 NAG G . 8.78 -19.21 37.48
O7 NAG G . 14.08 -15.53 36.39
C1 NAG H . -31.18 -38.18 13.75
C2 NAG H . -32.44 -38.38 12.88
C3 NAG H . -33.06 -37.02 12.56
C4 NAG H . -33.39 -36.30 13.84
C5 NAG H . -32.03 -36.09 14.54
C6 NAG H . -32.07 -35.19 15.77
C7 NAG H . -32.36 -40.40 11.48
C8 NAG H . -32.07 -41.00 10.13
N2 NAG H . -32.17 -39.08 11.62
O3 NAG H . -34.19 -37.15 11.74
O4 NAG H . -33.96 -35.07 13.45
O5 NAG H . -31.45 -37.34 14.86
O6 NAG H . -33.03 -35.67 16.67
O7 NAG H . -32.74 -41.13 12.39
C1 NAG H . -35.18 -34.75 14.14
C2 NAG H . -35.38 -33.25 13.95
C3 NAG H . -36.74 -32.79 14.50
C4 NAG H . -37.84 -33.60 13.81
C5 NAG H . -37.59 -35.07 14.14
C6 NAG H . -38.65 -36.01 13.60
C7 NAG H . -33.18 -32.15 13.90
C8 NAG H . -32.20 -31.33 14.68
N2 NAG H . -34.31 -32.47 14.55
O3 NAG H . -36.92 -31.42 14.29
O4 NAG H . -39.12 -33.12 14.20
O5 NAG H . -36.31 -35.47 13.64
O6 NAG H . -38.46 -36.21 12.22
O7 NAG H . -32.92 -32.49 12.74
C1 BMA H . -39.79 -32.52 13.07
C2 BMA H . -41.24 -33.03 12.94
C3 BMA H . -42.26 -31.90 12.74
C4 BMA H . -42.00 -30.80 13.77
C5 BMA H . -40.60 -30.20 13.60
C6 BMA H . -40.03 -29.65 14.91
O2 BMA H . -41.59 -33.78 14.10
O3 BMA H . -43.61 -32.39 12.82
O4 BMA H . -43.00 -29.78 13.63
O5 BMA H . -39.63 -31.09 12.99
O6 BMA H . -39.20 -28.51 14.65
C1 MAN H . -39.65 -27.23 15.20
C2 MAN H . -39.47 -27.12 16.72
C3 MAN H . -40.70 -27.57 17.52
C4 MAN H . -42.02 -27.08 16.93
C5 MAN H . -42.08 -27.25 15.41
C6 MAN H . -43.34 -26.61 14.81
O2 MAN H . -39.14 -25.78 17.03
O3 MAN H . -40.59 -27.18 18.87
O4 MAN H . -43.09 -27.80 17.51
O5 MAN H . -40.92 -26.74 14.76
O6 MAN H . -43.13 -25.23 14.61
C1 NAG I . 16.35 -10.66 13.81
C2 NAG I . 17.75 -10.16 13.45
C3 NAG I . 17.94 -10.33 11.95
C4 NAG I . 17.68 -11.78 11.52
C5 NAG I . 16.32 -12.26 12.06
C6 NAG I . 16.08 -13.77 11.85
C7 NAG I . 18.55 -8.24 14.82
C8 NAG I . 19.28 -9.12 15.79
N2 NAG I . 17.87 -8.76 13.78
O3 NAG I . 19.20 -9.87 11.53
O4 NAG I . 17.65 -11.80 10.10
O5 NAG I . 16.22 -12.02 13.46
O6 NAG I . 17.20 -14.45 12.34
O7 NAG I . 18.57 -7.01 14.99
C1 NAG I . 18.68 -12.62 9.56
C2 NAG I . 18.16 -13.28 8.28
C3 NAG I . 19.25 -14.10 7.62
C4 NAG I . 20.52 -13.27 7.43
C5 NAG I . 20.91 -12.67 8.79
C6 NAG I . 22.18 -11.84 8.74
C7 NAG I . 15.82 -13.96 8.11
C8 NAG I . 14.85 -15.05 8.47
N2 NAG I . 17.06 -14.20 8.52
O3 NAG I . 18.77 -14.60 6.39
O4 NAG I . 21.56 -14.11 6.98
O5 NAG I . 19.84 -11.87 9.26
O6 NAG I . 21.93 -10.66 8.01
O7 NAG I . 15.45 -12.94 7.51
C1 BMA I . 21.95 -13.83 5.62
C2 BMA I . 23.45 -14.09 5.54
C3 BMA I . 23.94 -14.14 4.09
C4 BMA I . 23.11 -15.19 3.33
C5 BMA I . 21.65 -14.73 3.34
C6 BMA I . 20.72 -15.69 2.59
O2 BMA I . 23.73 -15.34 6.20
O3 BMA I . 25.36 -14.40 4.08
O4 BMA I . 23.61 -15.38 1.99
O5 BMA I . 21.18 -14.63 4.70
O6 BMA I . 19.40 -15.12 2.53
C1 MAN I . 26.09 -13.35 3.40
C2 MAN I . 27.54 -13.26 3.89
C3 MAN I . 28.34 -12.35 2.96
C4 MAN I . 27.44 -11.63 1.94
C5 MAN I . 26.13 -11.10 2.54
C6 MAN I . 25.11 -10.72 1.46
O2 MAN I . 28.11 -14.55 3.99
O3 MAN I . 29.32 -13.08 2.26
O4 MAN I . 28.16 -10.56 1.34
O5 MAN I . 25.53 -12.05 3.43
O6 MAN I . 25.45 -9.47 0.89
C1 MAN I . 18.35 -16.12 2.55
C2 MAN I . 17.02 -15.37 2.74
C3 MAN I . 16.41 -15.60 4.12
C4 MAN I . 16.28 -17.10 4.45
C5 MAN I . 17.46 -17.97 3.97
C6 MAN I . 17.07 -19.06 2.96
O2 MAN I . 16.12 -15.76 1.73
O3 MAN I . 15.18 -14.87 4.22
O4 MAN I . 16.14 -17.27 5.86
O5 MAN I . 18.56 -17.19 3.48
O6 MAN I . 16.92 -20.32 3.58
C1 NAG J . 21.03 16.48 20.24
C2 NAG J . 20.95 16.94 21.68
C3 NAG J . 20.54 15.87 22.71
C4 NAG J . 20.25 14.45 22.19
C5 NAG J . 20.50 14.19 20.68
C6 NAG J . 19.60 13.06 20.20
C7 NAG J . 22.37 18.86 22.11
C8 NAG J . 23.74 19.35 22.43
N2 NAG J . 22.23 17.53 22.00
O3 NAG J . 19.35 16.33 23.32
O4 NAG J . 20.81 13.44 23.04
O5 NAG J . 20.22 15.36 19.91
O6 NAG J . 20.28 12.11 19.40
O7 NAG J . 21.43 19.65 21.97
C1 NAG J . 19.74 13.05 23.95
C2 NAG J . 19.53 11.56 24.30
C3 NAG J . 18.22 11.45 25.10
C4 NAG J . 17.38 12.75 25.15
C5 NAG J . 18.23 14.02 25.42
C6 NAG J . 18.00 14.57 26.83
C7 NAG J . 20.15 9.54 23.00
C8 NAG J . 19.98 8.79 21.71
N2 NAG J . 19.49 10.70 23.12
O3 NAG J . 18.47 11.02 26.43
O4 NAG J . 16.66 12.95 23.94
O5 NAG J . 19.62 13.79 25.17
O6 NAG J . 16.81 15.33 26.82
O7 NAG J . 20.86 9.06 23.87
C1 NAG K . 16.32 47.25 28.26
C2 NAG K . 15.55 47.44 29.58
C3 NAG K . 15.80 48.81 30.21
C4 NAG K . 17.27 49.18 30.28
C5 NAG K . 17.95 48.98 28.91
C6 NAG K . 19.47 49.10 29.01
C7 NAG K . 13.44 46.14 29.42
C8 NAG K . 11.96 46.26 29.26
N2 NAG K . 14.11 47.29 29.43
O3 NAG K . 15.31 48.82 31.52
O4 NAG K . 17.42 50.50 30.76
O5 NAG K . 17.67 47.69 28.38
O6 NAG K . 20.00 48.77 30.27
O7 NAG K . 13.95 45.02 29.52
C1 FUL K . 20.35 47.38 30.41
C2 FUL K . 20.68 47.09 31.88
O2 FUL K . 19.59 47.40 32.73
C3 FUL K . 21.07 45.61 32.07
O3 FUL K . 22.33 45.57 32.69
C4 FUL K . 21.05 44.85 30.72
O4 FUL K . 21.55 43.55 30.88
C5 FUL K . 21.75 45.59 29.57
C6 FUL K . 23.28 45.46 29.59
O5 FUL K . 21.43 46.98 29.58
C1 NAG L . 20.19 -13.54 -27.66
C2 NAG L . 21.26 -14.60 -27.40
C3 NAG L . 21.87 -15.16 -28.69
C4 NAG L . 20.92 -15.30 -29.90
C5 NAG L . 19.84 -14.20 -29.91
C6 NAG L . 18.71 -14.41 -30.91
C7 NAG L . 22.65 -14.58 -25.35
C8 NAG L . 23.80 -13.92 -24.62
N2 NAG L . 22.34 -14.08 -26.55
O3 NAG L . 22.41 -16.42 -28.38
O4 NAG L . 21.75 -15.21 -31.05
O5 NAG L . 19.28 -14.03 -28.63
O6 NAG L . 18.36 -15.77 -31.04
O7 NAG L . 22.08 -15.53 -24.83
C1 NAG L . 21.48 -16.14 -32.14
C2 NAG L . 22.40 -15.72 -33.30
C3 NAG L . 22.51 -16.78 -34.40
C4 NAG L . 22.60 -18.19 -33.84
C5 NAG L . 21.49 -18.44 -32.82
C6 NAG L . 21.53 -19.86 -32.23
C7 NAG L . 22.14 -13.22 -33.35
C8 NAG L . 21.58 -12.07 -34.13
N2 NAG L . 21.94 -14.45 -33.87
O3 NAG L . 23.65 -16.55 -35.19
O4 NAG L . 22.54 -19.11 -34.93
O5 NAG L . 21.61 -17.51 -31.77
O6 NAG L . 21.55 -20.85 -33.24
O7 NAG L . 22.71 -13.00 -32.29
C1 NAG M . 5.93 -22.79 -32.86
C2 NAG M . 6.86 -23.35 -33.94
C3 NAG M . 6.51 -22.96 -35.39
C4 NAG M . 5.06 -22.48 -35.65
C5 NAG M . 4.44 -21.84 -34.40
C6 NAG M . 2.96 -21.50 -34.57
C7 NAG M . 9.24 -23.83 -33.53
C8 NAG M . 10.58 -23.25 -33.16
N2 NAG M . 8.23 -22.96 -33.60
O3 NAG M . 6.76 -24.11 -36.18
O4 NAG M . 4.92 -21.51 -36.69
O5 NAG M . 4.59 -22.74 -33.33
O6 NAG M . 2.21 -22.70 -34.66
O7 NAG M . 9.13 -25.03 -33.78
C1 NAG M . 5.54 -21.82 -37.96
C2 NAG M . 4.48 -21.96 -39.04
C3 NAG M . 5.11 -22.02 -40.44
C4 NAG M . 6.12 -20.89 -40.66
C5 NAG M . 7.14 -20.83 -39.51
C6 NAG M . 8.01 -19.58 -39.62
C7 NAG M . 2.41 -23.26 -39.26
C8 NAG M . 1.72 -24.55 -38.94
N2 NAG M . 3.66 -23.14 -38.82
O3 NAG M . 4.11 -21.93 -41.43
O4 NAG M . 6.78 -21.09 -41.89
O5 NAG M . 6.46 -20.78 -38.27
O6 NAG M . 8.21 -18.98 -38.36
O7 NAG M . 1.82 -22.39 -39.90
C1 NAG N . 4.64 -50.79 3.03
C2 NAG N . 4.30 -51.69 4.21
C3 NAG N . 4.83 -51.02 5.47
C4 NAG N . 6.32 -50.76 5.39
C5 NAG N . 6.55 -49.87 4.15
C6 NAG N . 8.03 -49.56 3.91
C7 NAG N . 2.23 -53.02 3.93
C8 NAG N . 0.74 -53.07 4.14
N2 NAG N . 2.86 -51.90 4.33
O3 NAG N . 4.54 -51.77 6.64
O4 NAG N . 6.64 -50.04 6.55
O5 NAG N . 6.03 -50.51 3.00
O6 NAG N . 8.74 -50.77 3.81
O7 NAG N . 2.78 -53.97 3.38
C1 NAG N . 7.77 -50.52 7.27
C2 NAG N . 8.36 -49.30 7.98
C3 NAG N . 9.51 -49.70 8.90
C4 NAG N . 9.08 -50.81 9.85
C5 NAG N . 8.51 -51.95 9.01
C6 NAG N . 8.04 -53.16 9.82
C7 NAG N . 8.15 -47.15 6.82
C8 NAG N . 8.78 -46.21 5.84
N2 NAG N . 8.83 -48.28 7.05
O3 NAG N . 9.94 -48.57 9.61
O4 NAG N . 10.19 -51.19 10.63
O5 NAG N . 7.42 -51.48 8.23
O6 NAG N . 7.02 -52.73 10.69
O7 NAG N . 7.07 -46.88 7.33
C1 BMA N . 9.98 -51.03 12.06
C2 BMA N . 10.95 -51.95 12.80
C3 BMA N . 11.53 -51.35 14.09
C4 BMA N . 12.17 -49.99 13.74
C5 BMA N . 11.22 -49.05 12.99
C6 BMA N . 11.92 -48.31 11.85
O2 BMA N . 12.01 -52.28 11.89
O3 BMA N . 12.53 -52.22 14.69
O4 BMA N . 12.61 -49.33 14.91
O5 BMA N . 10.00 -49.66 12.51
O6 BMA N . 12.93 -47.46 12.41
C1 MAN N . 12.05 -53.14 15.70
C2 MAN N . 13.16 -53.38 16.74
C3 MAN N . 13.01 -54.60 17.67
C4 MAN N . 12.13 -55.69 17.07
C5 MAN N . 12.12 -55.57 15.54
C6 MAN N . 11.39 -56.74 14.89
O2 MAN N . 13.31 -52.23 17.54
O3 MAN N . 12.52 -54.25 18.95
O4 MAN N . 12.62 -56.94 17.49
O5 MAN N . 11.52 -54.34 15.15
O6 MAN N . 10.73 -56.29 13.74
C1 MAN N . 13.43 -46.45 11.49
C2 MAN N . 14.27 -47.06 10.36
C3 MAN N . 15.53 -47.74 10.91
C4 MAN N . 16.22 -46.97 12.06
C5 MAN N . 15.28 -46.07 12.89
C6 MAN N . 16.04 -44.99 13.64
O2 MAN N . 14.61 -46.03 9.45
O3 MAN N . 16.44 -47.99 9.86
O4 MAN N . 16.79 -47.92 12.91
O5 MAN N . 14.25 -45.49 12.12
O6 MAN N . 16.30 -45.43 14.96
C1 NAG O . 2.26 -3.14 -23.55
C2 NAG O . 1.68 -1.90 -24.22
C3 NAG O . 0.30 -1.58 -23.63
C4 NAG O . -0.61 -2.81 -23.64
C5 NAG O . 0.15 -4.01 -23.05
C6 NAG O . -0.64 -5.31 -23.06
C7 NAG O . 3.36 -0.29 -25.01
C8 NAG O . 3.29 -0.90 -26.39
N2 NAG O . 2.59 -0.79 -24.05
O3 NAG O . -0.30 -0.53 -24.35
O4 NAG O . -1.74 -2.54 -22.84
O5 NAG O . 1.38 -4.22 -23.74
O6 NAG O . -0.95 -5.63 -24.39
O7 NAG O . 4.11 0.65 -24.79
C1 NAG O . -2.92 -2.23 -23.60
C2 NAG O . -4.10 -2.69 -22.74
C3 NAG O . -5.45 -2.33 -23.38
C4 NAG O . -5.49 -0.84 -23.79
C5 NAG O . -4.24 -0.54 -24.64
C6 NAG O . -4.17 0.89 -25.18
C7 NAG O . -3.77 -4.61 -21.24
C8 NAG O . -3.68 -6.10 -21.14
N2 NAG O . -3.99 -4.12 -22.46
O3 NAG O . -6.47 -2.65 -22.46
O4 NAG O . -6.69 -0.45 -24.48
O5 NAG O . -3.07 -0.85 -23.88
O6 NAG O . -4.42 1.83 -24.15
O7 NAG O . -3.65 -3.91 -20.23
C1 BMA O . -7.72 0.02 -23.55
C2 BMA O . -8.58 1.20 -24.06
C3 BMA O . -9.69 0.81 -25.06
C4 BMA O . -10.04 -0.69 -24.96
C5 BMA O . -9.90 -1.12 -23.50
C6 BMA O . -10.42 -2.52 -23.18
O2 BMA O . -7.77 2.25 -24.62
O3 BMA O . -9.31 1.17 -26.40
O4 BMA O . -11.37 -0.91 -25.45
O5 BMA O . -8.54 -1.07 -23.08
O6 BMA O . -10.44 -2.61 -21.75
C1 MAN O . -10.31 1.94 -27.12
C2 MAN O . -10.82 3.17 -26.34
C3 MAN O . -12.00 3.82 -27.07
C4 MAN O . -12.09 3.29 -28.50
C5 MAN O . -12.31 1.78 -28.48
C6 MAN O . -12.25 1.17 -29.89
O2 MAN O . -9.77 4.09 -26.16
O3 MAN O . -11.88 5.23 -27.07
O4 MAN O . -13.12 3.96 -29.19
O5 MAN O . -11.37 1.12 -27.63
O6 MAN O . -13.53 1.21 -30.49
C1 MAN O . -10.26 -3.96 -21.27
C2 MAN O . -9.45 -3.88 -19.97
C3 MAN O . -8.12 -4.64 -20.12
C4 MAN O . -8.40 -6.08 -20.54
C5 MAN O . -9.34 -6.16 -21.77
C6 MAN O . -10.59 -7.01 -21.53
O2 MAN O . -10.22 -4.47 -18.94
O3 MAN O . -7.36 -4.55 -18.93
O4 MAN O . -7.18 -6.72 -20.82
O5 MAN O . -9.69 -4.86 -22.22
O6 MAN O . -10.73 -8.04 -22.49
C1 NAG P . 18.12 20.28 -19.60
C2 NAG P . 19.52 20.33 -20.21
C3 NAG P . 19.87 19.06 -20.99
C4 NAG P . 19.49 17.80 -20.19
C5 NAG P . 18.01 17.96 -19.83
C6 NAG P . 17.30 16.72 -19.30
C7 NAG P . 20.25 22.60 -20.66
C8 NAG P . 20.29 23.72 -21.65
N2 NAG P . 19.62 21.48 -21.07
O3 NAG P . 21.24 19.03 -21.27
O4 NAG P . 19.83 16.60 -20.91
O5 NAG P . 17.89 19.06 -18.91
O6 NAG P . 16.33 16.30 -20.24
O7 NAG P . 20.79 22.72 -19.55
C1 NAG P . 20.65 15.68 -20.11
C2 NAG P . 21.88 15.15 -20.88
C3 NAG P . 23.13 15.00 -19.99
C4 NAG P . 22.86 14.64 -18.52
C5 NAG P . 21.54 15.20 -17.97
C6 NAG P . 21.73 15.79 -16.57
C7 NAG P . 20.85 13.46 -22.48
C8 NAG P . 20.95 12.03 -22.92
N2 NAG P . 21.71 13.84 -21.53
O3 NAG P . 23.95 16.15 -20.05
O4 NAG P . 22.86 13.24 -18.35
O5 NAG P . 21.02 16.19 -18.84
O6 NAG P . 22.44 17.01 -16.65
O7 NAG P . 19.99 14.20 -22.97
C1 NAG Q . 38.64 41.04 -8.60
C2 NAG Q . 40.09 40.53 -8.77
C3 NAG Q . 41.03 41.63 -9.32
C4 NAG Q . 40.42 42.53 -10.38
C5 NAG Q . 38.99 42.94 -10.01
C6 NAG Q . 38.21 43.81 -11.02
C7 NAG Q . 40.47 38.88 -6.88
C8 NAG Q . 41.33 38.61 -5.68
N2 NAG Q . 40.74 40.00 -7.56
O3 NAG Q . 42.18 41.02 -9.87
O4 NAG Q . 41.26 43.65 -10.54
O5 NAG Q . 38.23 41.77 -9.76
O6 NAG Q . 38.72 43.99 -12.34
O7 NAG Q . 39.57 38.07 -7.16
C1 FUL Q . 38.42 42.88 -13.23
C2 FUL Q . 38.44 43.23 -14.72
O2 FUL Q . 39.50 44.10 -15.06
C3 FUL Q . 38.61 41.92 -15.47
O3 FUL Q . 38.60 42.18 -16.86
C4 FUL Q . 37.58 40.85 -15.05
O4 FUL Q . 36.37 41.01 -15.77
C5 FUL Q . 37.32 40.82 -13.52
C6 FUL Q . 36.10 39.99 -13.08
O5 FUL Q . 37.23 42.13 -12.99
C1 NAG R . -21.42 -39.23 -24.52
C2 NAG R . -20.57 -40.41 -25.00
C3 NAG R . -19.38 -39.91 -25.81
C4 NAG R . -19.80 -38.94 -26.91
C5 NAG R . -20.77 -37.87 -26.40
C6 NAG R . -21.38 -37.08 -27.56
C7 NAG R . -20.16 -42.52 -23.82
C8 NAG R . -19.61 -43.18 -22.59
N2 NAG R . -20.08 -41.19 -23.87
O3 NAG R . -18.65 -40.96 -26.38
O4 NAG R . -18.61 -38.29 -27.29
O5 NAG R . -21.82 -38.41 -25.60
O6 NAG R . -21.63 -37.94 -28.65
O7 NAG R . -20.66 -43.19 -24.72
C1 NAG R . -18.28 -38.52 -28.65
C2 NAG R . -17.36 -37.36 -29.03
C3 NAG R . -17.02 -37.47 -30.50
C4 NAG R . -16.31 -38.80 -30.75
C5 NAG R . -17.11 -39.98 -30.15
C6 NAG R . -16.24 -41.22 -30.09
C7 NAG R . -17.49 -35.37 -27.63
C8 NAG R . -18.17 -34.07 -27.33
N2 NAG R . -17.96 -36.09 -28.66
O3 NAG R . -16.20 -36.39 -30.88
O4 NAG R . -16.16 -39.00 -32.13
O5 NAG R . -17.59 -39.74 -28.84
O6 NAG R . -16.16 -41.77 -31.37
O7 NAG R . -16.55 -35.73 -26.90
C1 BMA R . -14.90 -38.53 -32.66
C2 BMA R . -14.53 -39.41 -33.85
C3 BMA R . -13.46 -38.84 -34.79
C4 BMA R . -13.46 -37.32 -34.91
C5 BMA R . -13.88 -36.57 -33.65
C6 BMA R . -14.30 -35.14 -33.97
O2 BMA R . -15.72 -39.69 -34.60
O3 BMA R . -13.66 -39.32 -36.13
O4 BMA R . -12.14 -36.94 -35.32
O5 BMA R . -15.02 -37.17 -33.06
O6 BMA R . -13.20 -34.25 -34.25
C1 MAN R . -12.93 -40.52 -36.43
C2 MAN R . -12.61 -40.58 -37.93
C3 MAN R . -13.76 -41.09 -38.81
C4 MAN R . -14.74 -42.07 -38.15
C5 MAN R . -14.84 -41.94 -36.63
C6 MAN R . -15.43 -43.22 -36.04
O2 MAN R . -11.44 -41.35 -38.15
O3 MAN R . -13.22 -41.71 -39.96
O4 MAN R . -16.03 -41.89 -38.69
O5 MAN R . -13.59 -41.71 -36.03
O6 MAN R . -14.43 -44.21 -36.07
C1 MAN R . -12.97 -34.06 -35.69
C2 MAN R . -12.04 -32.86 -35.92
C3 MAN R . -12.78 -31.53 -35.76
C4 MAN R . -14.31 -31.64 -35.78
C5 MAN R . -14.91 -32.84 -36.55
C6 MAN R . -15.27 -32.50 -38.00
O2 MAN R . -11.48 -32.98 -37.21
O3 MAN R . -12.35 -30.60 -36.74
O4 MAN R . -14.77 -31.70 -34.43
O5 MAN R . -14.11 -34.02 -36.53
O6 MAN R . -16.14 -33.50 -38.50
C1 NAG S . -21.71 3.03 8.94
C2 NAG S . -22.10 3.40 10.36
C3 NAG S . -21.36 2.51 11.36
C4 NAG S . -21.50 1.02 11.03
C5 NAG S . -21.20 0.78 9.55
C6 NAG S . -21.43 -0.66 9.10
C7 NAG S . -22.61 5.70 11.05
C8 NAG S . -23.99 5.23 11.46
N2 NAG S . -21.76 4.80 10.54
O3 NAG S . -21.81 2.74 12.66
O4 NAG S . -20.50 0.39 11.79
O5 NAG S . -21.99 1.65 8.75
O6 NAG S . -20.80 -0.89 7.86
O7 NAG S . -22.30 6.87 11.19
C1 NAG S . -21.00 -0.41 12.89
C2 NAG S . -19.91 -1.41 13.24
C3 NAG S . -20.32 -2.29 14.42
C4 NAG S . -20.85 -1.47 15.60
C5 NAG S . -21.79 -0.33 15.15
C6 NAG S . -22.02 0.66 16.29
C7 NAG S . -18.42 -2.05 11.41
C8 NAG S . -18.15 -3.02 10.32
N2 NAG S . -19.52 -2.26 12.13
O3 NAG S . -19.18 -3.02 14.81
O4 NAG S . -21.55 -2.32 16.48
O5 NAG S . -21.28 0.38 14.03
O6 NAG S . -20.87 1.47 16.46
O7 NAG S . -17.62 -1.12 11.60
C1 BMA S . -20.69 -2.74 17.56
C2 BMA S . -21.43 -2.69 18.87
C3 BMA S . -20.50 -3.08 20.04
C4 BMA S . -19.16 -3.72 19.62
C5 BMA S . -19.13 -4.46 18.28
C6 BMA S . -19.15 -5.99 18.44
O2 BMA S . -22.56 -3.58 18.79
O3 BMA S . -21.18 -3.93 20.98
O4 BMA S . -18.13 -2.71 19.56
O5 BMA S . -20.19 -4.08 17.37
O6 BMA S . -17.87 -6.60 18.12
C1 MAN S . -17.71 -6.93 16.70
C2 MAN S . -16.83 -5.85 16.05
C3 MAN S . -17.04 -5.69 14.53
C4 MAN S . -17.64 -6.95 13.90
C5 MAN S . -18.98 -7.27 14.59
C6 MAN S . -19.59 -8.60 14.11
O2 MAN S . -15.46 -6.08 16.33
O3 MAN S . -15.86 -5.25 13.86
O4 MAN S . -17.84 -6.73 12.52
O5 MAN S . -18.92 -7.23 16.02
O6 MAN S . -20.46 -9.15 15.08
C1 NAG S . -15.97 -3.80 13.72
C2 NAG S . -15.21 -3.19 12.51
C3 NAG S . -14.06 -2.21 12.87
C4 NAG S . -14.33 -1.44 14.16
C5 NAG S . -14.64 -2.44 15.27
C6 NAG S . -14.71 -1.75 16.63
C7 NAG S . -14.05 -5.06 11.12
C8 NAG S . -12.97 -5.39 12.13
N2 NAG S . -14.96 -4.10 11.37
O3 NAG S . -13.86 -1.31 11.81
O4 NAG S . -13.23 -0.64 14.52
O5 NAG S . -15.87 -3.08 14.95
O6 NAG S . -15.78 -2.27 17.40
O7 NAG S . -14.09 -5.68 10.06
C1 MAN S . -22.07 -3.19 21.85
C2 MAN S . -21.75 -3.45 23.33
C3 MAN S . -22.92 -3.94 24.22
C4 MAN S . -24.07 -4.67 23.49
C5 MAN S . -23.90 -4.70 21.97
C6 MAN S . -25.17 -5.11 21.24
O2 MAN S . -21.17 -2.29 23.90
O3 MAN S . -23.44 -2.86 24.99
O4 MAN S . -24.19 -5.99 24.00
O5 MAN S . -23.43 -3.43 21.54
O6 MAN S . -26.00 -4.01 21.00
C1 NAG T . -13.12 29.94 3.39
C2 NAG T . -13.95 31.02 2.70
C3 NAG T . -14.96 30.40 1.74
C4 NAG T . -14.41 29.29 0.86
C5 NAG T . -13.52 28.33 1.66
C6 NAG T . -12.73 27.38 0.77
C7 NAG T . -14.61 33.11 3.82
C8 NAG T . -15.41 33.71 4.95
N2 NAG T . -14.66 31.78 3.72
O3 NAG T . -15.46 31.43 0.92
O4 NAG T . -15.48 28.56 0.26
O5 NAG T . -12.58 29.04 2.45
O6 NAG T . -12.34 28.07 -0.39
O7 NAG T . -13.96 33.83 3.06
C1 NAG T . -15.59 28.75 -1.17
C2 NAG T . -16.18 27.46 -1.78
C3 NAG T . -16.88 27.67 -3.11
C4 NAG T . -17.81 28.87 -3.04
C5 NAG T . -16.93 30.09 -2.72
C6 NAG T . -17.69 31.43 -2.77
C7 NAG T . -14.96 25.41 -1.09
C8 NAG T . -13.85 24.45 -1.42
N2 NAG T . -15.14 26.44 -1.94
O3 NAG T . -17.64 26.53 -3.46
O4 NAG T . -18.52 29.00 -4.26
O5 NAG T . -16.34 29.93 -1.45
O6 NAG T . -18.62 31.50 -1.70
O7 NAG T . -15.64 25.23 -0.08
C1 NAG U . 11.15 -30.47 26.63
C2 NAG U . 12.22 -29.64 27.33
C3 NAG U . 13.57 -30.25 26.97
C4 NAG U . 13.59 -31.66 27.56
C5 NAG U . 12.46 -32.48 26.94
C6 NAG U . 12.33 -33.87 27.59
C7 NAG U . 11.35 -27.36 27.60
C8 NAG U . 11.41 -25.93 27.14
N2 NAG U . 12.17 -28.22 26.98
O3 NAG U . 14.62 -29.45 27.47
O4 NAG U . 14.84 -32.28 27.34
O5 NAG U . 11.21 -31.81 27.09
O6 NAG U . 11.18 -34.51 27.09
O7 NAG U . 10.57 -27.70 28.49
C1 NAG V . 12.36 22.72 -27.59
C2 NAG V . 13.59 22.70 -28.53
C3 NAG V . 14.72 21.80 -28.01
C4 NAG V . 14.18 20.56 -27.29
C5 NAG V . 13.24 20.91 -26.12
C6 NAG V . 13.99 20.90 -24.77
C7 NAG V . 13.40 23.10 -30.95
C8 NAG V . 12.93 22.56 -32.27
N2 NAG V . 13.20 22.32 -29.87
O3 NAG V . 15.60 22.53 -27.18
O4 NAG V . 13.52 19.71 -28.22
O5 NAG V . 12.62 22.19 -26.28
O6 NAG V . 13.77 19.72 -24.03
O7 NAG V . 13.93 24.21 -30.90
C1 NAG W . -34.91 4.47 -6.88
C2 NAG W . -36.23 5.28 -6.97
C3 NAG W . -37.27 4.68 -7.92
C4 NAG W . -36.64 4.31 -9.26
C5 NAG W . -35.44 3.36 -9.08
C6 NAG W . -34.62 3.20 -10.37
C7 NAG W . -37.54 4.72 -4.88
C8 NAG W . -38.08 5.30 -3.60
N2 NAG W . -36.86 5.57 -5.67
O3 NAG W . -38.37 5.55 -8.10
O4 NAG W . -37.63 3.66 -10.05
O5 NAG W . -34.53 3.69 -8.02
O6 NAG W . -34.25 4.46 -10.89
O7 NAG W . -37.73 3.53 -5.11
C1 NAG X . -40.29 -10.49 1.72
C2 NAG X . -41.18 -9.41 1.07
C3 NAG X . -42.61 -9.31 1.63
C4 NAG X . -42.83 -9.84 3.05
C5 NAG X . -41.89 -11.00 3.45
C6 NAG X . -42.68 -12.15 4.07
C7 NAG X . -40.64 -7.17 0.22
C8 NAG X . -39.96 -5.86 0.48
N2 NAG X . -40.58 -8.10 1.18
O3 NAG X . -43.51 -9.99 0.76
O4 NAG X . -42.70 -8.77 3.97
O5 NAG X . -41.10 -11.46 2.35
O6 NAG X . -43.78 -12.54 3.28
O7 NAG X . -41.23 -7.37 -0.86
C1 NAG Y . -17.83 32.88 12.69
C2 NAG Y . -19.18 33.63 12.65
C3 NAG Y . -20.04 33.25 11.42
C4 NAG Y . -19.22 33.18 10.12
C5 NAG Y . -17.98 32.31 10.33
C6 NAG Y . -17.10 32.24 9.08
C7 NAG Y . -20.87 34.22 14.40
C8 NAG Y . -21.51 33.77 15.69
N2 NAG Y . -19.93 33.41 13.89
O3 NAG Y . -21.10 34.15 11.25
O4 NAG Y . -20.04 32.70 9.07
O5 NAG Y . -17.21 32.84 11.39
O6 NAG Y . -15.95 31.46 9.34
O7 NAG Y . -21.24 35.28 13.90
C1 NAG Z . -2.13 55.03 -11.48
C2 NAG Z . -2.57 55.08 -12.96
C3 NAG Z . -2.96 56.47 -13.50
C4 NAG Z . -3.11 57.60 -12.47
C5 NAG Z . -2.17 57.41 -11.29
C6 NAG Z . -2.22 58.58 -10.30
C7 NAG Z . -1.44 53.31 -14.36
C8 NAG Z . -0.33 53.07 -15.34
N2 NAG Z . -1.58 54.57 -13.92
O3 NAG Z . -4.14 56.30 -14.25
O4 NAG Z . -2.81 58.83 -13.07
O5 NAG Z . -2.49 56.17 -10.71
O6 NAG Z . -2.98 58.26 -9.15
O7 NAG Z . -2.15 52.37 -14.01
#